data_7TUJ
#
_entry.id   7TUJ
#
_entity_poly.entity_id   1
_entity_poly.type   'polypeptide(L)'
_entity_poly.pdbx_seq_one_letter_code
;AQMPSAGGAQKPEGLE(TPO)PKGANRKKNLPPKVPI(TPO)PMPQYSIME(TPO)PVLKKELDRFGVRPLPKRQMVLKL
KEIFQYTHQTLDSDSEDE
;
_entity_poly.pdbx_strand_id   A
#
# COMPACT_ATOMS: atom_id res chain seq x y z
N ALA A 1 4.10 -2.68 -20.10
CA ALA A 1 3.57 -3.85 -20.82
C ALA A 1 4.36 -5.12 -20.45
N GLN A 2 5.68 -5.11 -20.73
CA GLN A 2 6.61 -6.21 -20.39
C GLN A 2 7.50 -5.79 -19.21
N MET A 3 8.52 -6.61 -18.92
CA MET A 3 9.54 -6.32 -17.91
C MET A 3 10.95 -6.60 -18.48
N PRO A 4 11.99 -5.77 -18.11
CA PRO A 4 13.40 -6.11 -18.38
C PRO A 4 13.83 -7.33 -17.53
N SER A 5 13.96 -8.50 -18.20
CA SER A 5 14.38 -9.76 -17.55
C SER A 5 15.80 -9.61 -16.96
N ALA A 6 16.68 -8.98 -17.75
CA ALA A 6 18.02 -8.60 -17.29
C ALA A 6 17.91 -7.31 -16.44
N GLY A 7 17.49 -7.51 -15.18
CA GLY A 7 17.19 -6.43 -14.25
C GLY A 7 16.12 -6.83 -13.26
N GLY A 8 15.20 -7.70 -13.71
CA GLY A 8 14.21 -8.34 -12.84
C GLY A 8 14.80 -9.57 -12.20
N ALA A 9 14.40 -10.77 -12.71
CA ALA A 9 14.99 -12.10 -12.39
C ALA A 9 14.62 -12.64 -10.98
N GLN A 10 14.78 -11.81 -9.94
CA GLN A 10 14.55 -12.21 -8.53
C GLN A 10 13.06 -12.51 -8.30
N LYS A 11 12.77 -13.75 -7.88
CA LYS A 11 11.42 -14.27 -7.65
C LYS A 11 10.80 -13.66 -6.37
N PRO A 12 9.66 -12.89 -6.49
CA PRO A 12 8.98 -12.29 -5.31
C PRO A 12 8.14 -13.31 -4.52
N GLU A 13 8.05 -13.08 -3.21
CA GLU A 13 7.20 -13.86 -2.28
C GLU A 13 6.42 -12.91 -1.34
N GLY A 14 6.73 -11.60 -1.42
CA GLY A 14 6.07 -10.57 -0.62
C GLY A 14 6.68 -9.21 -0.91
N LEU A 15 5.84 -8.23 -1.27
CA LEU A 15 6.32 -6.90 -1.69
C LEU A 15 5.34 -5.83 -1.18
N GLU A 16 4.05 -6.11 -1.39
CA GLU A 16 2.93 -5.26 -0.93
C GLU A 16 2.80 -5.25 0.61
N TPO A 17 3.65 -4.45 1.28
CA TPO A 17 3.64 -4.28 2.75
CB TPO A 17 5.10 -4.38 3.34
CG2 TPO A 17 5.74 -5.73 2.98
OG1 TPO A 17 5.94 -3.31 2.85
P TPO A 17 7.20 -2.77 3.71
O1P TPO A 17 8.48 -3.41 2.98
O2P TPO A 17 7.42 -1.32 3.61
O3P TPO A 17 7.28 -3.29 5.10
C TPO A 17 3.02 -2.91 3.11
O TPO A 17 2.99 -2.00 2.27
H TPO A 17 4.32 -3.96 0.76
HA TPO A 17 3.03 -5.06 3.20
HB TPO A 17 5.03 -4.32 4.42
HG21 TPO A 17 6.74 -5.78 3.39
HG22 TPO A 17 5.81 -5.83 1.90
HG23 TPO A 17 5.16 -6.55 3.38
N PRO A 18 2.47 -2.73 4.36
CA PRO A 18 2.11 -1.40 4.90
C PRO A 18 3.37 -0.49 4.97
N LYS A 19 3.44 0.49 4.06
CA LYS A 19 4.53 1.49 3.97
C LYS A 19 4.76 2.17 5.34
N GLY A 20 5.77 1.71 6.09
CA GLY A 20 6.08 2.25 7.41
C GLY A 20 7.12 1.47 8.18
N ALA A 21 6.96 0.13 8.24
CA ALA A 21 7.85 -0.76 9.03
C ALA A 21 9.29 -0.76 8.47
N ASN A 22 9.39 -0.64 7.13
CA ASN A 22 10.67 -0.50 6.40
C ASN A 22 10.81 0.91 5.81
N ARG A 23 12.05 1.29 5.48
CA ARG A 23 12.35 2.53 4.75
C ARG A 23 12.29 2.26 3.25
N LYS A 24 11.06 2.14 2.76
CA LYS A 24 10.77 1.78 1.37
C LYS A 24 9.40 2.37 0.98
N LYS A 25 9.43 3.58 0.40
CA LYS A 25 8.21 4.28 -0.03
C LYS A 25 8.03 4.19 -1.57
N ASN A 26 9.11 3.83 -2.27
CA ASN A 26 9.15 3.80 -3.75
C ASN A 26 8.72 2.41 -4.30
N LEU A 27 8.57 2.35 -5.63
CA LEU A 27 8.35 1.11 -6.40
C LEU A 27 9.24 1.23 -7.65
N PRO A 28 10.29 0.36 -7.80
CA PRO A 28 11.22 0.42 -8.95
C PRO A 28 10.50 0.09 -10.29
N PRO A 29 10.51 1.01 -11.30
CA PRO A 29 10.00 0.72 -12.64
C PRO A 29 10.85 -0.40 -13.30
N LYS A 30 10.32 -1.63 -13.25
CA LYS A 30 11.03 -2.82 -13.69
C LYS A 30 10.03 -3.93 -14.03
N VAL A 31 9.56 -4.66 -13.00
CA VAL A 31 8.67 -5.80 -13.13
C VAL A 31 7.29 -5.47 -12.51
N PRO A 32 6.15 -5.71 -13.26
CA PRO A 32 4.79 -5.40 -12.75
C PRO A 32 4.33 -6.37 -11.63
N ILE A 33 4.77 -6.05 -10.40
CA ILE A 33 4.41 -6.78 -9.17
C ILE A 33 3.37 -5.95 -8.39
N TPO A 34 2.45 -6.65 -7.67
CA TPO A 34 1.39 -6.03 -6.86
CB TPO A 34 0.68 -7.10 -5.95
CG2 TPO A 34 -0.51 -6.52 -5.17
OG1 TPO A 34 0.25 -8.24 -6.78
P TPO A 34 -0.89 -8.17 -7.92
O1P TPO A 34 -2.20 -8.72 -7.19
O2P TPO A 34 -1.27 -6.83 -8.37
O3P TPO A 34 -0.65 -9.10 -9.01
C TPO A 34 1.95 -4.87 -6.00
O TPO A 34 2.78 -5.11 -5.10
H TPO A 34 2.50 -7.63 -7.69
HA TPO A 34 0.65 -5.65 -7.55
HB TPO A 34 1.42 -7.47 -5.24
HG21 TPO A 34 -0.17 -5.73 -4.51
HG22 TPO A 34 -0.97 -7.30 -4.58
HG23 TPO A 34 -1.25 -6.12 -5.87
N PRO A 35 1.52 -3.59 -6.28
CA PRO A 35 2.12 -2.38 -5.70
C PRO A 35 2.01 -2.31 -4.16
N MET A 36 3.16 -2.06 -3.53
CA MET A 36 3.27 -1.75 -2.09
C MET A 36 2.58 -0.40 -1.71
N PRO A 37 2.78 0.74 -2.46
CA PRO A 37 2.25 2.07 -2.03
C PRO A 37 0.75 2.29 -2.35
N GLN A 38 -0.09 1.33 -1.94
CA GLN A 38 -1.55 1.38 -2.14
C GLN A 38 -2.15 2.62 -1.43
N TYR A 39 -3.04 3.34 -2.15
CA TYR A 39 -3.70 4.54 -1.62
C TYR A 39 -4.58 4.16 -0.40
N SER A 40 -5.14 2.94 -0.46
CA SER A 40 -6.06 2.39 0.55
C SER A 40 -5.34 2.04 1.88
N ILE A 41 -3.98 2.01 1.89
CA ILE A 41 -3.19 1.68 3.13
C ILE A 41 -2.38 2.90 3.64
N MET A 42 -2.70 4.12 3.13
CA MET A 42 -2.06 5.37 3.60
C MET A 42 -2.47 5.69 5.06
N GLU A 43 -1.69 6.57 5.73
CA GLU A 43 -1.86 6.92 7.15
C GLU A 43 -3.30 7.43 7.43
N TPO A 44 -3.92 6.88 8.49
CA TPO A 44 -5.36 7.01 8.80
CB TPO A 44 -5.73 6.27 10.15
CG2 TPO A 44 -7.23 6.32 10.45
OG1 TPO A 44 -5.33 4.87 10.06
P TPO A 44 -3.85 4.37 10.46
O1P TPO A 44 -3.26 3.45 9.48
O2P TPO A 44 -2.94 5.46 10.88
O3P TPO A 44 -4.05 3.49 11.77
C TPO A 44 -5.90 8.48 8.82
O TPO A 44 -6.90 8.73 8.14
H TPO A 44 -3.37 6.36 9.11
HA TPO A 44 -5.87 6.47 8.00
HB TPO A 44 -5.19 6.74 10.97
HG21 TPO A 44 -7.79 5.86 9.63
HG22 TPO A 44 -7.55 7.35 10.56
HG23 TPO A 44 -7.45 5.79 11.36
N PRO A 45 -5.28 9.47 9.58
CA PRO A 45 -5.79 10.87 9.63
C PRO A 45 -5.89 11.54 8.23
N VAL A 46 -4.77 11.48 7.47
CA VAL A 46 -4.69 12.09 6.13
C VAL A 46 -5.56 11.31 5.12
N LEU A 47 -5.57 9.97 5.21
CA LEU A 47 -6.34 9.09 4.28
C LEU A 47 -7.85 9.28 4.48
N LYS A 48 -8.26 9.59 5.71
CA LYS A 48 -9.66 9.88 6.07
C LYS A 48 -10.10 11.20 5.39
N LYS A 49 -9.17 12.18 5.41
CA LYS A 49 -9.35 13.48 4.74
C LYS A 49 -9.35 13.33 3.21
N GLU A 50 -8.52 12.41 2.70
CA GLU A 50 -8.42 12.10 1.26
C GLU A 50 -9.63 11.28 0.79
N LEU A 51 -10.21 10.52 1.71
CA LEU A 51 -11.40 9.69 1.47
C LEU A 51 -12.61 10.62 1.27
N ASP A 52 -12.63 11.69 2.08
CA ASP A 52 -13.68 12.73 2.02
C ASP A 52 -13.50 13.60 0.77
N ARG A 53 -12.25 13.99 0.49
CA ARG A 53 -11.86 14.87 -0.64
C ARG A 53 -12.17 14.18 -2.00
N PHE A 54 -11.94 12.86 -2.05
CA PHE A 54 -12.19 12.04 -3.25
C PHE A 54 -13.71 11.78 -3.42
N GLY A 55 -14.47 12.03 -2.32
CA GLY A 55 -15.93 11.99 -2.35
C GLY A 55 -16.51 10.59 -2.17
N VAL A 56 -15.88 9.79 -1.30
CA VAL A 56 -16.30 8.42 -1.01
C VAL A 56 -17.38 8.41 0.10
N ARG A 57 -18.49 7.70 -0.16
CA ARG A 57 -19.59 7.50 0.80
C ARG A 57 -19.18 6.51 1.93
N PRO A 58 -19.85 6.57 3.14
CA PRO A 58 -19.48 5.70 4.28
C PRO A 58 -19.85 4.21 4.06
N LEU A 59 -18.94 3.49 3.39
CA LEU A 59 -18.97 2.03 3.30
C LEU A 59 -18.00 1.45 4.36
N PRO A 60 -18.33 0.29 5.03
CA PRO A 60 -17.44 -0.36 6.05
C PRO A 60 -16.05 -0.68 5.46
N LYS A 61 -14.99 -0.64 6.30
CA LYS A 61 -13.57 -0.67 5.85
C LYS A 61 -13.24 -1.86 4.90
N ARG A 62 -13.99 -2.96 4.97
CA ARG A 62 -13.80 -4.11 4.05
C ARG A 62 -14.27 -3.69 2.62
N GLN A 63 -15.50 -3.16 2.53
CA GLN A 63 -16.11 -2.70 1.27
C GLN A 63 -15.31 -1.49 0.71
N MET A 64 -14.92 -0.59 1.64
CA MET A 64 -14.17 0.63 1.35
C MET A 64 -12.77 0.31 0.80
N VAL A 65 -12.05 -0.64 1.45
CA VAL A 65 -10.66 -0.94 1.09
C VAL A 65 -10.59 -1.56 -0.31
N LEU A 66 -11.58 -2.43 -0.64
CA LEU A 66 -11.69 -3.07 -1.96
C LEU A 66 -11.97 -2.02 -3.06
N LYS A 67 -12.79 -1.01 -2.70
CA LYS A 67 -13.15 0.08 -3.61
C LYS A 67 -11.92 0.92 -3.98
N LEU A 68 -11.25 1.47 -2.96
CA LEU A 68 -10.08 2.37 -3.15
C LEU A 68 -8.83 1.60 -3.63
N LYS A 69 -8.80 0.27 -3.40
CA LYS A 69 -7.73 -0.62 -3.92
C LYS A 69 -7.92 -0.81 -5.43
N GLU A 70 -9.18 -1.09 -5.83
CA GLU A 70 -9.56 -1.30 -7.24
C GLU A 70 -9.32 -0.02 -8.07
N ILE A 71 -9.75 1.12 -7.49
CA ILE A 71 -9.54 2.45 -8.06
C ILE A 71 -8.04 2.71 -8.25
N PHE A 72 -7.26 2.41 -7.20
CA PHE A 72 -5.80 2.55 -7.21
C PHE A 72 -5.17 1.64 -8.27
N GLN A 73 -5.73 0.44 -8.50
CA GLN A 73 -5.17 -0.54 -9.45
C GLN A 73 -5.16 0.00 -10.88
N TYR A 74 -6.29 0.60 -11.34
CA TYR A 74 -6.36 1.20 -12.70
C TYR A 74 -5.73 2.61 -12.75
N THR A 75 -5.57 3.26 -11.58
CA THR A 75 -4.92 4.60 -11.47
C THR A 75 -3.38 4.47 -11.34
N HIS A 76 -2.89 3.31 -10.86
CA HIS A 76 -1.44 3.08 -10.62
C HIS A 76 -0.74 2.88 -11.98
N GLN A 77 0.03 3.90 -12.35
CA GLN A 77 0.74 3.95 -13.65
C GLN A 77 2.23 4.06 -13.41
N THR A 78 2.64 5.06 -12.60
CA THR A 78 4.05 5.28 -12.23
C THR A 78 4.27 4.93 -10.74
N LEU A 79 4.13 5.96 -9.85
CA LEU A 79 4.48 5.88 -8.42
C LEU A 79 4.11 7.23 -7.77
N ASP A 80 3.84 7.22 -6.43
CA ASP A 80 3.52 8.44 -5.67
C ASP A 80 4.77 9.36 -5.61
N SER A 81 4.64 10.58 -6.15
CA SER A 81 5.78 11.49 -6.39
C SER A 81 6.12 12.37 -5.16
N ASP A 82 5.42 12.13 -4.02
CA ASP A 82 5.50 12.93 -2.76
C ASP A 82 4.83 14.30 -2.96
N SER A 83 5.44 15.10 -3.85
CA SER A 83 4.89 16.38 -4.31
C SER A 83 3.61 16.16 -5.13
N GLU A 84 2.78 17.22 -5.21
CA GLU A 84 1.55 17.21 -6.03
C GLU A 84 1.94 17.22 -7.52
N ASP A 85 1.19 16.45 -8.34
CA ASP A 85 1.41 16.37 -9.79
C ASP A 85 1.21 17.76 -10.43
N GLU A 86 2.29 18.33 -10.98
CA GLU A 86 2.31 19.70 -11.51
C GLU A 86 1.46 19.82 -12.81
N ALA A 1 21.42 2.81 11.10
CA ALA A 1 22.27 1.62 10.94
C ALA A 1 22.22 1.12 9.49
N GLN A 2 23.22 0.30 9.11
CA GLN A 2 23.31 -0.30 7.77
C GLN A 2 22.25 -1.41 7.63
N MET A 3 21.18 -1.11 6.90
CA MET A 3 20.10 -2.06 6.59
C MET A 3 20.60 -3.07 5.52
N PRO A 4 20.20 -4.38 5.61
CA PRO A 4 20.54 -5.40 4.59
C PRO A 4 19.90 -5.08 3.21
N SER A 5 20.66 -4.32 2.39
CA SER A 5 20.24 -3.86 1.06
C SER A 5 21.44 -3.94 0.12
N ALA A 6 21.49 -5.00 -0.73
CA ALA A 6 22.64 -5.32 -1.63
C ALA A 6 23.94 -5.64 -0.84
N GLY A 7 23.78 -5.93 0.46
CA GLY A 7 24.91 -6.17 1.38
C GLY A 7 24.49 -5.90 2.82
N GLY A 8 25.41 -6.14 3.76
CA GLY A 8 25.13 -5.99 5.19
C GLY A 8 24.73 -7.32 5.84
N ALA A 9 24.21 -7.26 7.09
CA ALA A 9 23.76 -8.45 7.83
C ALA A 9 22.39 -8.93 7.32
N GLN A 10 22.43 -9.68 6.20
CA GLN A 10 21.22 -10.20 5.52
C GLN A 10 20.70 -11.49 6.18
N LYS A 11 21.60 -12.17 6.92
CA LYS A 11 21.26 -13.38 7.68
C LYS A 11 20.54 -12.97 8.99
N PRO A 12 19.20 -13.18 9.11
CA PRO A 12 18.39 -12.69 10.24
C PRO A 12 18.48 -13.60 11.48
N GLU A 13 19.48 -13.34 12.33
CA GLU A 13 19.61 -13.99 13.64
C GLU A 13 18.97 -13.06 14.69
N GLY A 14 17.94 -13.57 15.38
CA GLY A 14 17.08 -12.76 16.23
C GLY A 14 15.80 -12.40 15.49
N LEU A 15 14.85 -13.36 15.44
CA LEU A 15 13.61 -13.24 14.65
C LEU A 15 12.52 -12.48 15.42
N GLU A 16 12.85 -11.26 15.85
CA GLU A 16 11.89 -10.34 16.50
C GLU A 16 10.94 -9.76 15.45
N TPO A 17 9.65 -9.66 15.81
CA TPO A 17 8.60 -9.09 14.95
CB TPO A 17 7.18 -9.50 15.48
CG2 TPO A 17 6.82 -10.95 15.10
OG1 TPO A 17 7.13 -9.38 16.93
P TPO A 17 5.84 -8.79 17.70
O1P TPO A 17 4.78 -9.98 17.70
O2P TPO A 17 6.09 -8.51 19.13
O3P TPO A 17 5.19 -7.68 16.98
C TPO A 17 8.75 -7.54 14.84
O TPO A 17 9.29 -6.91 15.76
H TPO A 17 9.40 -9.99 16.71
HA TPO A 17 8.72 -9.52 13.96
HB TPO A 17 6.44 -8.83 15.04
HG21 TPO A 17 7.55 -11.63 15.52
HG22 TPO A 17 6.81 -11.05 14.02
HG23 TPO A 17 5.84 -11.19 15.48
N PRO A 18 8.32 -6.93 13.69
CA PRO A 18 8.46 -5.46 13.44
C PRO A 18 7.71 -4.60 14.49
N LYS A 19 8.46 -4.09 15.48
CA LYS A 19 7.94 -3.16 16.50
C LYS A 19 8.01 -1.72 15.97
N GLY A 20 9.14 -1.40 15.30
CA GLY A 20 9.32 -0.11 14.65
C GLY A 20 8.81 -0.12 13.21
N ALA A 21 7.49 -0.33 13.07
CA ALA A 21 6.80 -0.37 11.77
C ALA A 21 6.57 1.07 11.27
N ASN A 22 7.29 1.45 10.19
CA ASN A 22 7.20 2.79 9.59
C ASN A 22 6.12 2.80 8.49
N ARG A 23 4.99 3.48 8.78
CA ARG A 23 3.80 3.48 7.91
C ARG A 23 3.89 4.60 6.83
N LYS A 24 4.59 5.71 7.15
CA LYS A 24 4.78 6.84 6.20
C LYS A 24 5.96 6.54 5.25
N LYS A 25 5.85 5.41 4.54
CA LYS A 25 6.84 4.95 3.57
C LYS A 25 6.12 4.45 2.31
N ASN A 26 6.49 5.02 1.16
CA ASN A 26 6.13 4.48 -0.16
C ASN A 26 6.86 3.12 -0.36
N LEU A 27 6.44 2.32 -1.36
CA LEU A 27 7.03 0.99 -1.63
C LEU A 27 8.57 1.11 -1.78
N PRO A 28 9.36 0.63 -0.76
CA PRO A 28 10.82 0.85 -0.68
C PRO A 28 11.63 -0.30 -1.33
N PRO A 29 12.99 -0.16 -1.45
CA PRO A 29 13.87 -1.29 -1.84
C PRO A 29 13.96 -2.38 -0.74
N LYS A 30 14.91 -3.32 -0.90
CA LYS A 30 15.14 -4.42 0.05
C LYS A 30 15.67 -3.90 1.38
N VAL A 31 14.73 -3.58 2.28
CA VAL A 31 15.00 -3.13 3.65
C VAL A 31 14.20 -4.02 4.63
N PRO A 32 14.64 -4.16 5.92
CA PRO A 32 13.89 -4.95 6.94
C PRO A 32 12.76 -4.13 7.60
N ILE A 33 12.15 -3.21 6.83
CA ILE A 33 10.96 -2.44 7.25
C ILE A 33 9.85 -2.68 6.20
N TPO A 34 8.73 -3.22 6.65
CA TPO A 34 7.53 -3.44 5.82
CB TPO A 34 6.93 -4.86 6.09
CG2 TPO A 34 5.83 -5.23 5.06
OG1 TPO A 34 7.96 -5.85 6.03
P TPO A 34 8.77 -6.31 7.34
O1P TPO A 34 8.10 -7.69 7.76
O2P TPO A 34 10.19 -6.64 7.09
O3P TPO A 34 8.57 -5.42 8.49
C TPO A 34 6.50 -2.35 6.14
O TPO A 34 5.90 -2.39 7.23
H TPO A 34 8.69 -3.51 7.58
HA TPO A 34 7.82 -3.38 4.77
HB TPO A 34 6.48 -4.87 7.07
HG21 TPO A 34 5.04 -4.50 5.10
HG22 TPO A 34 5.43 -6.21 5.28
HG23 TPO A 34 6.26 -5.24 4.06
N PRO A 35 6.31 -1.32 5.26
CA PRO A 35 5.29 -0.27 5.47
C PRO A 35 3.87 -0.76 5.21
N MET A 36 3.73 -1.69 4.23
CA MET A 36 2.45 -2.08 3.62
C MET A 36 1.71 -0.79 3.17
N PRO A 37 2.17 -0.15 2.05
CA PRO A 37 1.79 1.24 1.70
C PRO A 37 0.37 1.30 1.10
N GLN A 38 -0.62 1.47 2.00
CA GLN A 38 -2.05 1.60 1.63
C GLN A 38 -2.65 2.80 2.35
N TYR A 39 -3.45 3.58 1.60
CA TYR A 39 -4.15 4.76 2.15
C TYR A 39 -5.27 4.34 3.12
N SER A 40 -5.78 3.11 2.96
CA SER A 40 -6.83 2.54 3.82
C SER A 40 -6.30 2.20 5.24
N ILE A 41 -4.95 2.06 5.36
CA ILE A 41 -4.29 1.84 6.69
C ILE A 41 -3.25 2.94 6.95
N MET A 42 -3.37 4.07 6.21
CA MET A 42 -2.51 5.26 6.39
C MET A 42 -2.72 5.88 7.78
N GLU A 43 -1.77 6.71 8.23
CA GLU A 43 -1.92 7.52 9.47
C GLU A 43 -3.23 8.32 9.40
N TPO A 44 -4.05 8.17 10.44
CA TPO A 44 -5.49 8.55 10.46
CB TPO A 44 -6.12 8.22 11.86
CG2 TPO A 44 -6.28 6.69 12.04
OG1 TPO A 44 -5.28 8.76 12.91
P TPO A 44 -5.82 9.07 14.40
O1P TPO A 44 -6.61 8.00 15.03
O2P TPO A 44 -4.77 9.62 15.30
O3P TPO A 44 -6.84 10.29 14.22
C TPO A 44 -5.81 10.03 10.02
O TPO A 44 -6.83 10.21 9.35
H TPO A 44 -3.68 7.79 11.27
HA TPO A 44 -5.97 7.90 9.74
HB TPO A 44 -7.10 8.68 11.93
HG21 TPO A 44 -6.91 6.30 11.25
HG22 TPO A 44 -6.71 6.48 12.99
HG23 TPO A 44 -5.30 6.22 11.99
N PRO A 45 -5.00 11.11 10.35
CA PRO A 45 -5.24 12.47 9.80
C PRO A 45 -5.16 12.49 8.25
N VAL A 46 -4.10 11.87 7.69
CA VAL A 46 -3.88 11.80 6.24
C VAL A 46 -4.98 10.92 5.59
N LEU A 47 -5.20 9.72 6.19
CA LEU A 47 -6.20 8.72 5.75
C LEU A 47 -7.57 9.38 5.56
N LYS A 48 -8.01 10.13 6.60
CA LYS A 48 -9.31 10.77 6.64
C LYS A 48 -9.44 11.78 5.50
N LYS A 49 -8.43 12.66 5.36
CA LYS A 49 -8.46 13.77 4.39
C LYS A 49 -8.51 13.28 2.93
N GLU A 50 -7.75 12.22 2.61
CA GLU A 50 -7.70 11.65 1.24
C GLU A 50 -9.03 10.95 0.88
N LEU A 51 -9.53 10.17 1.84
CA LEU A 51 -10.78 9.40 1.71
C LEU A 51 -12.00 10.34 1.59
N ASP A 52 -11.94 11.44 2.35
CA ASP A 52 -13.01 12.46 2.43
C ASP A 52 -13.06 13.31 1.16
N ARG A 53 -11.86 13.76 0.71
CA ARG A 53 -11.70 14.63 -0.48
C ARG A 53 -12.01 13.88 -1.77
N PHE A 54 -11.91 12.54 -1.74
CA PHE A 54 -12.32 11.70 -2.88
C PHE A 54 -13.86 11.56 -2.92
N GLY A 55 -14.53 11.82 -1.78
CA GLY A 55 -15.99 11.81 -1.68
C GLY A 55 -16.64 10.48 -2.02
N VAL A 56 -16.01 9.38 -1.56
CA VAL A 56 -16.54 8.01 -1.76
C VAL A 56 -17.75 7.78 -0.83
N ARG A 57 -18.63 6.84 -1.22
CA ARG A 57 -19.75 6.38 -0.36
C ARG A 57 -19.20 5.77 0.96
N PRO A 58 -19.76 6.17 2.15
CA PRO A 58 -19.39 5.55 3.45
C PRO A 58 -19.79 4.05 3.51
N LEU A 59 -18.93 3.20 2.94
CA LEU A 59 -19.10 1.74 2.90
C LEU A 59 -18.53 1.10 4.19
N PRO A 60 -18.97 -0.15 4.56
CA PRO A 60 -18.24 -0.98 5.55
C PRO A 60 -16.77 -1.18 5.09
N LYS A 61 -15.83 -1.13 6.05
CA LYS A 61 -14.37 -1.05 5.77
C LYS A 61 -13.82 -2.20 4.90
N ARG A 62 -14.57 -3.32 4.80
CA ARG A 62 -14.22 -4.44 3.89
C ARG A 62 -14.44 -4.00 2.43
N GLN A 63 -15.65 -3.46 2.15
CA GLN A 63 -16.04 -2.91 0.84
C GLN A 63 -15.17 -1.67 0.49
N MET A 64 -14.78 -0.92 1.54
CA MET A 64 -14.00 0.31 1.39
C MET A 64 -12.56 0.03 0.92
N VAL A 65 -11.82 -0.82 1.67
CA VAL A 65 -10.41 -1.17 1.33
C VAL A 65 -10.32 -1.86 -0.05
N LEU A 66 -11.34 -2.70 -0.35
CA LEU A 66 -11.43 -3.42 -1.63
C LEU A 66 -11.59 -2.42 -2.78
N LYS A 67 -12.65 -1.59 -2.70
CA LYS A 67 -13.05 -0.70 -3.80
C LYS A 67 -12.03 0.42 -4.03
N LEU A 68 -11.56 1.07 -2.95
CA LEU A 68 -10.58 2.17 -3.04
C LEU A 68 -9.24 1.69 -3.65
N LYS A 69 -8.86 0.43 -3.34
CA LYS A 69 -7.65 -0.18 -3.94
C LYS A 69 -7.89 -0.51 -5.43
N GLU A 70 -9.13 -0.91 -5.78
CA GLU A 70 -9.54 -1.11 -7.19
C GLU A 70 -9.48 0.23 -7.97
N ILE A 71 -9.95 1.31 -7.32
CA ILE A 71 -9.99 2.67 -7.90
C ILE A 71 -8.57 3.14 -8.25
N PHE A 72 -7.63 2.79 -7.37
CA PHE A 72 -6.21 3.04 -7.61
C PHE A 72 -5.74 2.18 -8.81
N GLN A 73 -6.03 0.85 -8.76
CA GLN A 73 -5.61 -0.15 -9.77
C GLN A 73 -6.01 0.24 -11.21
N TYR A 74 -7.16 0.93 -11.35
CA TYR A 74 -7.67 1.40 -12.66
C TYR A 74 -6.66 2.34 -13.33
N THR A 75 -6.15 3.31 -12.55
CA THR A 75 -5.25 4.37 -13.04
C THR A 75 -3.78 3.92 -13.06
N HIS A 76 -3.41 3.03 -12.12
CA HIS A 76 -2.02 2.58 -11.90
C HIS A 76 -2.01 1.45 -10.85
N GLN A 77 -1.00 0.57 -10.88
CA GLN A 77 -0.84 -0.50 -9.87
C GLN A 77 -0.73 0.12 -8.45
N THR A 78 -1.49 -0.40 -7.48
CA THR A 78 -1.44 0.08 -6.09
C THR A 78 -0.08 -0.27 -5.45
N LEU A 79 0.35 0.53 -4.47
CA LEU A 79 1.70 0.45 -3.88
C LEU A 79 2.00 -0.93 -3.24
N ASP A 80 0.96 -1.55 -2.65
CA ASP A 80 1.05 -2.93 -2.13
C ASP A 80 0.78 -3.94 -3.27
N SER A 81 1.12 -5.22 -3.02
CA SER A 81 0.96 -6.31 -4.00
C SER A 81 -0.39 -7.04 -3.80
N ASP A 82 -1.23 -6.53 -2.87
CA ASP A 82 -2.49 -7.20 -2.40
C ASP A 82 -2.16 -8.58 -1.78
N SER A 83 -0.95 -8.66 -1.19
CA SER A 83 -0.43 -9.86 -0.55
C SER A 83 -0.03 -9.48 0.88
N GLU A 84 -0.95 -9.73 1.83
CA GLU A 84 -0.72 -9.50 3.27
C GLU A 84 0.06 -10.69 3.85
N ASP A 85 1.37 -10.71 3.55
CA ASP A 85 2.29 -11.76 3.98
C ASP A 85 2.61 -11.58 5.46
N GLU A 86 1.99 -12.44 6.29
CA GLU A 86 2.23 -12.48 7.74
C GLU A 86 3.45 -13.39 8.02
N ALA A 1 13.73 -4.86 10.89
CA ALA A 1 14.13 -6.01 10.05
C ALA A 1 13.07 -7.12 10.11
N GLN A 2 12.24 -7.20 9.04
CA GLN A 2 11.31 -8.34 8.83
C GLN A 2 11.93 -9.35 7.84
N MET A 3 13.23 -9.18 7.55
CA MET A 3 13.99 -10.05 6.64
C MET A 3 14.17 -11.46 7.26
N PRO A 4 13.79 -12.57 6.53
CA PRO A 4 14.13 -13.97 6.92
C PRO A 4 15.64 -14.18 7.16
N SER A 5 15.99 -15.33 7.78
CA SER A 5 17.39 -15.67 8.10
C SER A 5 18.24 -15.82 6.81
N ALA A 6 18.84 -14.70 6.40
CA ALA A 6 19.67 -14.59 5.20
C ALA A 6 21.17 -14.47 5.59
N GLY A 7 22.03 -14.28 4.57
CA GLY A 7 23.46 -13.97 4.78
C GLY A 7 23.68 -12.50 5.09
N GLY A 8 22.72 -11.64 4.65
CA GLY A 8 22.77 -10.20 4.91
C GLY A 8 21.78 -9.41 4.06
N ALA A 9 21.87 -8.06 4.14
CA ALA A 9 21.01 -7.13 3.38
C ALA A 9 21.36 -7.10 1.89
N GLN A 10 22.68 -7.14 1.59
CA GLN A 10 23.18 -7.26 0.21
C GLN A 10 23.00 -8.72 -0.25
N LYS A 11 22.11 -8.90 -1.25
CA LYS A 11 21.65 -10.21 -1.75
C LYS A 11 20.96 -11.02 -0.62
N PRO A 12 19.71 -10.60 -0.21
CA PRO A 12 18.95 -11.28 0.87
C PRO A 12 18.17 -12.52 0.32
N GLU A 13 18.53 -13.70 0.85
CA GLU A 13 17.92 -14.98 0.46
C GLU A 13 17.41 -15.69 1.72
N GLY A 14 16.11 -16.00 1.75
CA GLY A 14 15.49 -16.72 2.87
C GLY A 14 14.23 -17.40 2.43
N LEU A 15 14.35 -18.66 1.96
CA LEU A 15 13.20 -19.48 1.51
C LEU A 15 12.28 -19.76 2.70
N GLU A 16 11.31 -18.86 2.88
CA GLU A 16 10.45 -18.79 4.07
C GLU A 16 9.13 -18.11 3.66
N TPO A 17 8.02 -18.49 4.34
CA TPO A 17 6.67 -18.02 3.99
CB TPO A 17 5.56 -18.85 4.77
CG2 TPO A 17 4.40 -19.28 3.85
OG1 TPO A 17 6.14 -20.04 5.35
P TPO A 17 6.34 -20.20 6.93
O1P TPO A 17 7.81 -19.65 7.23
O2P TPO A 17 5.46 -19.33 7.73
O3P TPO A 17 6.39 -21.60 7.40
C TPO A 17 6.50 -16.50 4.31
O TPO A 17 7.07 -16.02 5.29
H TPO A 17 8.12 -19.09 5.11
HA TPO A 17 6.53 -18.18 2.92
HB TPO A 17 5.16 -18.24 5.57
HG21 TPO A 17 3.67 -19.84 4.42
HG22 TPO A 17 4.78 -19.90 3.05
HG23 TPO A 17 3.91 -18.41 3.44
N PRO A 18 5.76 -15.73 3.43
CA PRO A 18 5.40 -14.31 3.70
C PRO A 18 4.64 -14.13 5.04
N LYS A 19 5.35 -13.65 6.08
CA LYS A 19 4.78 -13.45 7.44
C LYS A 19 4.21 -12.03 7.62
N GLY A 20 3.95 -11.34 6.49
CA GLY A 20 3.51 -9.94 6.47
C GLY A 20 4.37 -9.12 5.53
N ALA A 21 3.95 -7.87 5.28
CA ALA A 21 4.62 -6.96 4.33
C ALA A 21 4.71 -5.54 4.93
N ASN A 22 5.68 -4.76 4.43
CA ASN A 22 5.93 -3.39 4.89
C ASN A 22 4.88 -2.45 4.27
N ARG A 23 4.21 -1.64 5.13
CA ARG A 23 3.23 -0.63 4.70
C ARG A 23 3.96 0.61 4.16
N LYS A 24 4.34 0.54 2.88
CA LYS A 24 5.04 1.62 2.16
C LYS A 24 4.33 1.84 0.83
N LYS A 25 4.06 3.12 0.48
CA LYS A 25 3.45 3.50 -0.81
C LYS A 25 4.38 3.18 -2.01
N ASN A 26 5.68 3.05 -1.71
CA ASN A 26 6.69 2.54 -2.66
C ASN A 26 6.99 1.06 -2.35
N LEU A 27 7.87 0.44 -3.15
CA LEU A 27 8.30 -0.97 -2.93
C LEU A 27 9.83 -0.97 -2.70
N PRO A 28 10.30 -0.89 -1.41
CA PRO A 28 11.73 -1.06 -1.08
C PRO A 28 12.17 -2.56 -1.08
N PRO A 29 13.41 -2.88 -1.59
CA PRO A 29 13.99 -4.26 -1.53
C PRO A 29 14.69 -4.52 -0.16
N LYS A 30 14.06 -4.04 0.92
CA LYS A 30 14.57 -4.17 2.30
C LYS A 30 14.40 -5.62 2.78
N VAL A 31 13.15 -6.09 2.70
CA VAL A 31 12.76 -7.45 3.02
C VAL A 31 12.48 -8.23 1.70
N PRO A 32 12.98 -9.52 1.57
CA PRO A 32 12.70 -10.39 0.39
C PRO A 32 11.20 -10.59 0.10
N ILE A 33 10.37 -10.42 1.13
CA ILE A 33 8.91 -10.46 1.03
C ILE A 33 8.42 -9.09 0.52
N TPO A 34 7.65 -9.10 -0.56
CA TPO A 34 7.16 -7.90 -1.27
CB TPO A 34 6.31 -8.30 -2.51
CG2 TPO A 34 5.86 -7.08 -3.32
OG1 TPO A 34 7.08 -9.18 -3.38
P TPO A 34 6.91 -10.78 -3.39
O1P TPO A 34 5.70 -11.06 -4.38
O2P TPO A 34 8.04 -11.50 -4.01
O3P TPO A 34 6.48 -11.36 -2.11
C TPO A 34 6.34 -6.96 -0.34
O TPO A 34 5.29 -7.38 0.17
H TPO A 34 7.37 -9.97 -0.91
HA TPO A 34 8.05 -7.37 -1.62
HB TPO A 34 5.42 -8.83 -2.17
HG21 TPO A 34 5.25 -6.42 -2.71
HG22 TPO A 34 5.28 -7.39 -4.19
HG23 TPO A 34 6.73 -6.53 -3.68
N PRO A 35 6.83 -5.71 -0.06
CA PRO A 35 6.02 -4.65 0.60
C PRO A 35 4.81 -4.24 -0.27
N MET A 36 3.69 -3.87 0.39
CA MET A 36 2.41 -3.55 -0.29
C MET A 36 2.33 -2.04 -0.59
N PRO A 37 2.45 -1.62 -1.91
CA PRO A 37 2.40 -0.19 -2.33
C PRO A 37 0.96 0.36 -2.48
N GLN A 38 0.01 -0.25 -1.74
CA GLN A 38 -1.42 0.10 -1.77
C GLN A 38 -1.61 1.50 -1.14
N TYR A 39 -2.18 2.43 -1.90
CA TYR A 39 -2.48 3.79 -1.41
C TYR A 39 -3.72 3.78 -0.47
N SER A 40 -4.48 2.66 -0.52
CA SER A 40 -5.61 2.41 0.37
C SER A 40 -5.16 2.15 1.82
N ILE A 41 -3.84 1.88 2.03
CA ILE A 41 -3.27 1.63 3.39
C ILE A 41 -2.35 2.79 3.85
N MET A 42 -2.55 4.02 3.27
CA MET A 42 -1.91 5.29 3.75
C MET A 42 -2.09 5.48 5.29
N GLU A 43 -1.24 6.37 5.86
CA GLU A 43 -1.29 6.77 7.30
C GLU A 43 -2.68 7.37 7.62
N TPO A 44 -3.13 7.21 8.88
CA TPO A 44 -4.53 7.47 9.30
CB TPO A 44 -4.69 7.31 10.85
CG2 TPO A 44 -6.17 7.12 11.25
OG1 TPO A 44 -3.92 6.18 11.32
P TPO A 44 -2.53 6.36 12.09
O1P TPO A 44 -1.56 5.28 11.84
O2P TPO A 44 -1.96 7.71 11.97
O3P TPO A 44 -2.90 6.21 13.63
C TPO A 44 -5.08 8.86 8.86
O TPO A 44 -6.14 8.89 8.21
H TPO A 44 -2.49 6.92 9.58
HA TPO A 44 -5.13 6.69 8.83
HB TPO A 44 -4.33 8.21 11.35
HG21 TPO A 44 -6.57 6.23 10.77
HG22 TPO A 44 -6.75 7.97 10.95
HG23 TPO A 44 -6.25 7.00 12.33
N PRO A 45 -4.40 10.05 9.16
CA PRO A 45 -4.92 11.39 8.77
C PRO A 45 -4.94 11.59 7.23
N VAL A 46 -3.98 10.95 6.54
CA VAL A 46 -3.86 11.01 5.08
C VAL A 46 -5.04 10.25 4.43
N LEU A 47 -5.14 8.96 4.81
CA LEU A 47 -6.12 7.99 4.28
C LEU A 47 -7.56 8.56 4.40
N LYS A 48 -7.90 9.01 5.62
CA LYS A 48 -9.23 9.55 5.95
C LYS A 48 -9.53 10.84 5.19
N LYS A 49 -8.53 11.74 5.10
CA LYS A 49 -8.71 13.04 4.42
C LYS A 49 -8.82 12.85 2.90
N GLU A 50 -8.19 11.77 2.37
CA GLU A 50 -8.20 11.45 0.93
C GLU A 50 -9.56 10.87 0.50
N LEU A 51 -10.17 10.00 1.35
CA LEU A 51 -11.48 9.40 1.05
C LEU A 51 -12.61 10.42 1.24
N ASP A 52 -12.39 11.38 2.16
CA ASP A 52 -13.30 12.51 2.39
C ASP A 52 -13.27 13.47 1.18
N ARG A 53 -12.04 13.77 0.72
CA ARG A 53 -11.78 14.65 -0.44
C ARG A 53 -12.40 14.06 -1.72
N PHE A 54 -12.23 12.74 -1.89
CA PHE A 54 -12.77 11.99 -3.04
C PHE A 54 -14.31 11.80 -2.88
N GLY A 55 -14.80 11.94 -1.64
CA GLY A 55 -16.23 11.81 -1.34
C GLY A 55 -16.76 10.41 -1.60
N VAL A 56 -16.02 9.39 -1.11
CA VAL A 56 -16.40 7.98 -1.31
C VAL A 56 -17.72 7.67 -0.57
N ARG A 57 -18.51 6.76 -1.14
CA ARG A 57 -19.85 6.43 -0.65
C ARG A 57 -19.72 5.52 0.60
N PRO A 58 -20.65 5.62 1.60
CA PRO A 58 -20.55 4.90 2.89
C PRO A 58 -20.77 3.37 2.75
N LEU A 59 -19.69 2.66 2.38
CA LEU A 59 -19.62 1.18 2.38
C LEU A 59 -18.98 0.71 3.71
N PRO A 60 -19.21 -0.58 4.15
CA PRO A 60 -18.45 -1.22 5.26
C PRO A 60 -16.92 -1.08 5.06
N LYS A 61 -16.16 -0.97 6.17
CA LYS A 61 -14.71 -0.63 6.18
C LYS A 61 -13.84 -1.55 5.28
N ARG A 62 -14.20 -2.86 5.19
CA ARG A 62 -13.52 -3.83 4.29
C ARG A 62 -13.80 -3.49 2.83
N GLN A 63 -15.08 -3.22 2.51
CA GLN A 63 -15.53 -2.85 1.15
C GLN A 63 -15.11 -1.41 0.79
N MET A 64 -14.80 -0.59 1.82
CA MET A 64 -14.32 0.79 1.64
C MET A 64 -12.87 0.74 1.17
N VAL A 65 -12.01 0.07 1.97
CA VAL A 65 -10.57 -0.07 1.68
C VAL A 65 -10.36 -0.90 0.38
N LEU A 66 -11.36 -1.76 0.07
CA LEU A 66 -11.39 -2.55 -1.17
C LEU A 66 -11.60 -1.61 -2.37
N LYS A 67 -12.64 -0.77 -2.29
CA LYS A 67 -13.01 0.15 -3.38
C LYS A 67 -11.95 1.23 -3.58
N LEU A 68 -11.37 1.74 -2.48
CA LEU A 68 -10.23 2.69 -2.54
C LEU A 68 -9.05 2.03 -3.27
N LYS A 69 -8.76 0.77 -2.90
CA LYS A 69 -7.66 -0.03 -3.50
C LYS A 69 -7.89 -0.26 -5.00
N GLU A 70 -9.17 -0.49 -5.37
CA GLU A 70 -9.62 -0.71 -6.74
C GLU A 70 -9.34 0.55 -7.59
N ILE A 71 -9.82 1.69 -7.08
CA ILE A 71 -9.65 3.02 -7.71
C ILE A 71 -8.16 3.36 -7.88
N PHE A 72 -7.41 3.22 -6.78
CA PHE A 72 -5.97 3.47 -6.73
C PHE A 72 -5.18 2.47 -7.58
N GLN A 73 -5.80 1.33 -7.96
CA GLN A 73 -5.19 0.33 -8.84
C GLN A 73 -5.31 0.72 -10.34
N TYR A 74 -6.52 1.09 -10.82
CA TYR A 74 -6.73 1.39 -12.27
C TYR A 74 -6.44 2.87 -12.61
N THR A 75 -6.65 3.78 -11.63
CA THR A 75 -6.39 5.22 -11.80
C THR A 75 -4.88 5.53 -11.61
N HIS A 76 -4.23 4.73 -10.75
CA HIS A 76 -2.79 4.86 -10.44
C HIS A 76 -2.14 3.50 -10.67
N GLN A 77 -1.14 3.42 -11.56
CA GLN A 77 -0.45 2.16 -11.88
C GLN A 77 0.43 1.73 -10.69
N THR A 78 -0.21 1.00 -9.75
CA THR A 78 0.41 0.52 -8.52
C THR A 78 1.19 -0.78 -8.81
N LEU A 79 2.49 -0.83 -8.42
CA LEU A 79 3.34 -2.02 -8.61
C LEU A 79 3.04 -3.08 -7.51
N ASP A 80 1.81 -3.62 -7.59
CA ASP A 80 1.28 -4.59 -6.62
C ASP A 80 1.95 -5.96 -6.78
N SER A 81 1.75 -6.81 -5.77
CA SER A 81 2.38 -8.14 -5.68
C SER A 81 1.54 -9.24 -6.38
N ASP A 82 0.33 -8.86 -6.91
CA ASP A 82 -0.75 -9.81 -7.32
C ASP A 82 -1.29 -10.58 -6.07
N SER A 83 -0.91 -10.07 -4.88
CA SER A 83 -1.11 -10.72 -3.60
C SER A 83 -0.98 -9.66 -2.49
N GLU A 84 -1.47 -10.00 -1.30
CA GLU A 84 -1.44 -9.12 -0.12
C GLU A 84 -1.61 -9.93 1.18
N ASP A 85 -1.31 -11.24 1.11
CA ASP A 85 -1.45 -12.18 2.25
C ASP A 85 -0.42 -11.87 3.35
N GLU A 86 -0.92 -11.78 4.59
CA GLU A 86 -0.12 -11.53 5.81
C GLU A 86 0.06 -12.86 6.61
N ALA A 1 16.34 -0.77 11.34
CA ALA A 1 15.69 -1.50 10.22
C ALA A 1 16.66 -2.55 9.63
N GLN A 2 16.12 -3.72 9.22
CA GLN A 2 16.88 -4.75 8.48
C GLN A 2 16.86 -4.47 6.96
N MET A 3 16.16 -3.39 6.59
CA MET A 3 16.00 -2.95 5.19
C MET A 3 17.28 -2.23 4.71
N PRO A 4 17.81 -2.54 3.48
CA PRO A 4 19.00 -1.88 2.90
C PRO A 4 18.87 -0.33 2.84
N SER A 5 19.82 0.35 3.50
CA SER A 5 19.90 1.83 3.55
C SER A 5 21.37 2.25 3.36
N ALA A 6 21.58 3.56 3.11
CA ALA A 6 22.91 4.11 2.79
C ALA A 6 23.27 5.24 3.78
N GLY A 7 24.41 5.06 4.49
CA GLY A 7 24.95 6.09 5.39
C GLY A 7 25.72 7.15 4.62
N GLY A 8 24.97 8.04 3.94
CA GLY A 8 25.56 9.11 3.12
C GLY A 8 25.97 10.35 3.92
N ALA A 9 26.07 11.50 3.25
CA ALA A 9 26.43 12.80 3.89
C ALA A 9 25.15 13.45 4.47
N GLN A 10 24.54 12.75 5.44
CA GLN A 10 23.26 13.11 6.06
C GLN A 10 23.03 12.21 7.29
N LYS A 11 21.79 12.28 7.85
CA LYS A 11 21.34 11.48 9.02
C LYS A 11 22.02 11.93 10.34
N PRO A 12 21.29 11.91 11.51
CA PRO A 12 21.88 12.29 12.82
C PRO A 12 22.97 11.28 13.26
N GLU A 13 24.25 11.73 13.18
CA GLU A 13 25.44 10.92 13.57
C GLU A 13 25.42 10.63 15.07
N GLY A 14 25.12 9.38 15.40
CA GLY A 14 25.04 8.92 16.78
C GLY A 14 24.59 7.46 16.87
N LEU A 15 24.21 7.03 18.07
CA LEU A 15 23.79 5.63 18.35
C LEU A 15 22.44 5.65 19.11
N GLU A 16 21.52 6.50 18.65
CA GLU A 16 20.20 6.72 19.28
C GLU A 16 19.08 6.76 18.23
N TPO A 17 17.83 6.83 18.71
CA TPO A 17 16.62 6.85 17.86
CB TPO A 17 15.32 6.66 18.73
CG2 TPO A 17 14.13 6.13 17.91
OG1 TPO A 17 15.56 5.71 19.82
P TPO A 17 15.82 6.22 21.32
O1P TPO A 17 14.39 6.13 22.05
O2P TPO A 17 16.67 5.33 22.11
O3P TPO A 17 16.20 7.64 21.42
C TPO A 17 16.53 8.21 17.10
O TPO A 17 16.79 9.25 17.70
H TPO A 17 17.71 6.87 19.68
HA TPO A 17 16.71 6.03 17.15
HB TPO A 17 15.04 7.62 19.15
HG21 TPO A 17 14.39 5.18 17.47
HG22 TPO A 17 13.90 6.84 17.12
HG23 TPO A 17 13.27 6.02 18.54
N PRO A 18 16.20 8.20 15.75
CA PRO A 18 15.92 9.45 14.99
C PRO A 18 14.60 10.13 15.47
N LYS A 19 14.28 11.30 14.91
CA LYS A 19 13.15 12.14 15.37
C LYS A 19 11.80 11.70 14.73
N GLY A 20 11.48 10.40 14.92
CA GLY A 20 10.27 9.78 14.40
C GLY A 20 10.43 9.30 12.96
N ALA A 21 9.29 8.97 12.32
CA ALA A 21 9.21 8.59 10.91
C ALA A 21 8.09 9.42 10.25
N ASN A 22 8.49 10.41 9.43
CA ASN A 22 7.56 11.35 8.78
C ASN A 22 7.04 10.75 7.46
N ARG A 23 5.72 10.95 7.24
CA ARG A 23 5.02 10.52 6.01
C ARG A 23 4.09 11.65 5.55
N LYS A 24 3.78 11.70 4.25
CA LYS A 24 2.99 12.78 3.64
C LYS A 24 1.97 12.19 2.64
N LYS A 25 2.49 11.60 1.55
CA LYS A 25 1.69 11.14 0.39
C LYS A 25 2.60 10.41 -0.60
N ASN A 26 3.84 10.92 -0.69
CA ASN A 26 4.90 10.37 -1.56
C ASN A 26 5.34 8.95 -1.13
N LEU A 27 6.27 8.38 -1.91
CA LEU A 27 6.84 7.04 -1.67
C LEU A 27 7.54 6.99 -0.29
N PRO A 28 7.01 6.20 0.70
CA PRO A 28 7.60 6.12 2.06
C PRO A 28 8.95 5.35 2.05
N PRO A 29 9.95 5.75 2.91
CA PRO A 29 11.21 4.98 3.11
C PRO A 29 10.92 3.62 3.76
N LYS A 30 10.51 2.65 2.92
CA LYS A 30 10.08 1.31 3.36
C LYS A 30 11.18 0.28 3.02
N VAL A 31 11.28 -0.02 1.72
CA VAL A 31 12.19 -1.05 1.16
C VAL A 31 12.67 -0.62 -0.25
N PRO A 32 13.84 -1.14 -0.74
CA PRO A 32 14.29 -0.95 -2.16
C PRO A 32 13.40 -1.73 -3.17
N ILE A 33 12.54 -2.61 -2.63
CA ILE A 33 11.48 -3.30 -3.38
C ILE A 33 10.31 -2.32 -3.52
N TPO A 34 9.55 -2.41 -4.64
CA TPO A 34 8.51 -1.43 -5.04
CB TPO A 34 7.60 -1.98 -6.19
CG2 TPO A 34 6.81 -0.86 -6.89
OG1 TPO A 34 8.41 -2.66 -7.19
P TPO A 34 7.95 -4.05 -7.82
O1P TPO A 34 8.57 -5.17 -6.85
O2P TPO A 34 6.50 -4.30 -7.76
O3P TPO A 34 8.55 -4.32 -9.13
C TPO A 34 7.60 -1.03 -3.82
O TPO A 34 6.73 -1.81 -3.41
H TPO A 34 9.69 -3.17 -5.25
HA TPO A 34 9.01 -0.54 -5.40
HB TPO A 34 6.90 -2.69 -5.76
HG21 TPO A 34 6.15 -0.37 -6.18
HG22 TPO A 34 6.21 -1.29 -7.68
HG23 TPO A 34 7.49 -0.13 -7.32
N PRO A 35 7.80 0.20 -3.22
CA PRO A 35 7.09 0.60 -2.00
C PRO A 35 5.75 1.30 -2.31
N MET A 36 4.87 0.55 -3.04
CA MET A 36 3.54 1.02 -3.46
C MET A 36 2.68 1.42 -2.24
N PRO A 37 2.42 2.74 -2.04
CA PRO A 37 1.59 3.23 -0.94
C PRO A 37 0.10 3.29 -1.31
N GLN A 38 -0.77 2.99 -0.35
CA GLN A 38 -2.23 3.14 -0.52
C GLN A 38 -2.75 3.99 0.61
N TYR A 39 -3.61 4.97 0.30
CA TYR A 39 -4.21 5.85 1.31
C TYR A 39 -5.01 5.04 2.35
N SER A 40 -5.53 3.88 1.90
CA SER A 40 -6.27 2.92 2.74
C SER A 40 -5.39 2.38 3.92
N ILE A 41 -4.06 2.27 3.71
CA ILE A 41 -3.11 1.81 4.76
C ILE A 41 -2.41 2.99 5.46
N MET A 42 -2.66 4.24 4.97
CA MET A 42 -2.24 5.48 5.70
C MET A 42 -3.00 5.58 7.03
N GLU A 43 -2.41 6.35 7.97
CA GLU A 43 -2.99 6.60 9.30
C GLU A 43 -4.40 7.22 9.15
N TPO A 44 -5.33 6.78 10.01
CA TPO A 44 -6.76 7.11 9.94
CB TPO A 44 -7.54 6.47 11.16
CG2 TPO A 44 -7.77 4.96 10.97
OG1 TPO A 44 -6.78 6.71 12.37
P TPO A 44 -7.46 6.70 13.83
O1P TPO A 44 -7.12 7.88 14.65
O2P TPO A 44 -8.91 6.39 13.82
O3P TPO A 44 -6.79 5.47 14.59
C TPO A 44 -7.10 8.63 9.77
O TPO A 44 -8.04 8.93 9.03
H TPO A 44 -5.03 6.19 10.73
HA TPO A 44 -7.14 6.61 9.05
HB TPO A 44 -8.51 6.95 11.26
HG21 TPO A 44 -6.81 4.46 10.90
HG22 TPO A 44 -8.33 4.79 10.07
HG23 TPO A 44 -8.32 4.55 11.82
N PRO A 45 -6.41 9.62 10.44
CA PRO A 45 -6.63 11.08 10.15
C PRO A 45 -6.23 11.48 8.69
N VAL A 46 -5.06 10.98 8.21
CA VAL A 46 -4.60 11.21 6.82
C VAL A 46 -5.63 10.63 5.83
N LEU A 47 -5.96 9.34 6.08
CA LEU A 47 -6.96 8.57 5.33
C LEU A 47 -8.32 9.31 5.28
N LYS A 48 -8.72 9.91 6.41
CA LYS A 48 -10.00 10.64 6.53
C LYS A 48 -10.01 11.87 5.58
N LYS A 49 -8.84 12.55 5.47
CA LYS A 49 -8.66 13.69 4.55
C LYS A 49 -8.76 13.24 3.08
N GLU A 50 -8.16 12.08 2.77
CA GLU A 50 -8.13 11.51 1.41
C GLU A 50 -9.54 11.10 0.94
N LEU A 51 -10.28 10.43 1.83
CA LEU A 51 -11.65 9.95 1.57
C LEU A 51 -12.62 11.13 1.37
N ASP A 52 -12.39 12.18 2.19
CA ASP A 52 -13.20 13.41 2.18
C ASP A 52 -12.99 14.21 0.88
N ARG A 53 -11.71 14.38 0.50
CA ARG A 53 -11.33 15.15 -0.71
C ARG A 53 -11.77 14.41 -1.98
N PHE A 54 -11.61 13.07 -1.98
CA PHE A 54 -12.05 12.22 -3.09
C PHE A 54 -13.60 12.08 -3.08
N GLY A 55 -14.20 12.39 -1.91
CA GLY A 55 -15.66 12.38 -1.74
C GLY A 55 -16.27 11.01 -1.98
N VAL A 56 -15.62 9.96 -1.45
CA VAL A 56 -16.10 8.56 -1.59
C VAL A 56 -17.29 8.30 -0.63
N ARG A 57 -18.15 7.36 -1.03
CA ARG A 57 -19.33 6.95 -0.25
C ARG A 57 -18.90 6.25 1.08
N PRO A 58 -19.69 6.41 2.20
CA PRO A 58 -19.36 5.82 3.53
C PRO A 58 -19.42 4.27 3.53
N LEU A 59 -18.32 3.65 3.05
CA LEU A 59 -18.17 2.19 2.99
C LEU A 59 -17.48 1.68 4.28
N PRO A 60 -17.88 0.49 4.82
CA PRO A 60 -17.11 -0.17 5.92
C PRO A 60 -15.68 -0.55 5.46
N LYS A 61 -14.73 -0.60 6.42
CA LYS A 61 -13.27 -0.60 6.14
C LYS A 61 -12.77 -1.73 5.23
N ARG A 62 -13.46 -2.89 5.24
CA ARG A 62 -13.12 -4.01 4.33
C ARG A 62 -13.53 -3.64 2.90
N GLN A 63 -14.76 -3.12 2.76
CA GLN A 63 -15.30 -2.65 1.46
C GLN A 63 -14.57 -1.37 0.99
N MET A 64 -14.01 -0.62 1.95
CA MET A 64 -13.25 0.60 1.67
C MET A 64 -11.90 0.24 1.02
N VAL A 65 -11.17 -0.71 1.64
CA VAL A 65 -9.86 -1.13 1.11
C VAL A 65 -10.01 -1.86 -0.25
N LEU A 66 -11.11 -2.63 -0.42
CA LEU A 66 -11.40 -3.34 -1.68
C LEU A 66 -11.69 -2.35 -2.83
N LYS A 67 -12.65 -1.43 -2.60
CA LYS A 67 -13.13 -0.49 -3.64
C LYS A 67 -12.06 0.57 -3.98
N LEU A 68 -11.48 1.23 -2.94
CA LEU A 68 -10.43 2.27 -3.13
C LEU A 68 -9.17 1.68 -3.82
N LYS A 69 -8.82 0.41 -3.49
CA LYS A 69 -7.74 -0.33 -4.18
C LYS A 69 -8.09 -0.46 -5.66
N GLU A 70 -9.31 -0.93 -5.93
CA GLU A 70 -9.82 -1.16 -7.29
C GLU A 70 -9.78 0.15 -8.11
N ILE A 71 -10.20 1.26 -7.48
CA ILE A 71 -10.28 2.60 -8.11
C ILE A 71 -8.92 3.02 -8.71
N PHE A 72 -7.84 2.91 -7.91
CA PHE A 72 -6.49 3.26 -8.41
C PHE A 72 -5.88 2.10 -9.23
N GLN A 73 -6.41 0.87 -9.06
CA GLN A 73 -5.83 -0.35 -9.69
C GLN A 73 -6.16 -0.41 -11.21
N TYR A 74 -7.45 -0.28 -11.58
CA TYR A 74 -7.87 -0.38 -13.00
C TYR A 74 -7.37 0.82 -13.83
N THR A 75 -7.12 1.96 -13.15
CA THR A 75 -6.48 3.14 -13.76
C THR A 75 -4.94 2.98 -13.76
N HIS A 76 -4.45 2.22 -12.78
CA HIS A 76 -3.01 2.06 -12.46
C HIS A 76 -2.40 3.44 -12.10
N GLN A 77 -3.18 4.20 -11.29
CA GLN A 77 -2.81 5.55 -10.82
C GLN A 77 -1.48 5.53 -10.05
N THR A 78 -0.46 6.11 -10.68
CA THR A 78 0.89 6.20 -10.14
C THR A 78 1.12 7.64 -9.61
N LEU A 79 1.26 7.78 -8.28
CA LEU A 79 1.48 9.10 -7.63
C LEU A 79 2.94 9.57 -7.76
N ASP A 80 3.81 8.69 -8.30
CA ASP A 80 5.22 9.01 -8.62
C ASP A 80 5.23 10.06 -9.73
N SER A 81 5.81 11.23 -9.43
CA SER A 81 5.89 12.35 -10.38
C SER A 81 7.27 12.31 -11.06
N ASP A 82 7.55 11.14 -11.69
CA ASP A 82 8.90 10.77 -12.22
C ASP A 82 9.94 10.73 -11.08
N SER A 83 9.44 10.63 -9.84
CA SER A 83 10.21 10.82 -8.61
C SER A 83 10.86 9.51 -8.16
N GLU A 84 11.97 9.17 -8.84
CA GLU A 84 12.86 8.06 -8.47
C GLU A 84 13.53 8.37 -7.11
N ASP A 85 13.82 9.66 -6.91
CA ASP A 85 14.38 10.22 -5.66
C ASP A 85 13.58 11.49 -5.28
N GLU A 86 13.55 11.83 -3.98
CA GLU A 86 12.81 13.01 -3.48
C GLU A 86 13.83 14.12 -3.10
N ALA A 1 11.98 1.49 11.07
CA ALA A 1 11.83 1.32 9.61
C ALA A 1 12.93 2.08 8.86
N GLN A 2 14.16 2.02 9.42
CA GLN A 2 15.35 2.71 8.86
C GLN A 2 16.05 1.81 7.81
N MET A 3 17.05 2.37 7.13
CA MET A 3 17.87 1.62 6.16
C MET A 3 19.00 0.84 6.89
N PRO A 4 19.41 -0.35 6.37
CA PRO A 4 20.58 -1.09 6.89
C PRO A 4 21.90 -0.32 6.64
N SER A 5 22.26 0.54 7.62
CA SER A 5 23.47 1.37 7.57
C SER A 5 24.73 0.49 7.60
N ALA A 6 24.86 -0.29 8.70
CA ALA A 6 25.96 -1.26 8.87
C ALA A 6 25.67 -2.58 8.13
N GLY A 7 24.48 -2.66 7.50
CA GLY A 7 24.11 -3.81 6.67
C GLY A 7 24.85 -3.84 5.34
N GLY A 8 25.16 -2.64 4.80
CA GLY A 8 25.89 -2.51 3.55
C GLY A 8 26.25 -1.06 3.24
N ALA A 9 27.52 -0.82 2.86
CA ALA A 9 28.00 0.52 2.44
C ALA A 9 27.50 0.87 1.03
N GLN A 10 27.42 -0.16 0.18
CA GLN A 10 26.98 -0.03 -1.21
C GLN A 10 25.44 -0.03 -1.30
N LYS A 11 24.91 0.67 -2.32
CA LYS A 11 23.47 0.69 -2.63
C LYS A 11 23.22 -0.01 -4.00
N PRO A 12 22.62 -1.24 -4.01
CA PRO A 12 22.16 -1.90 -5.26
C PRO A 12 21.04 -1.11 -5.96
N GLU A 13 20.93 -1.29 -7.29
CA GLU A 13 19.91 -0.64 -8.13
C GLU A 13 18.50 -1.15 -7.79
N GLY A 14 18.41 -2.47 -7.52
CA GLY A 14 17.12 -3.11 -7.27
C GLY A 14 17.22 -4.28 -6.31
N LEU A 15 16.93 -4.02 -5.03
CA LEU A 15 16.73 -5.09 -4.01
C LEU A 15 15.25 -5.55 -4.09
N GLU A 16 14.93 -6.60 -3.33
CA GLU A 16 13.58 -7.18 -3.27
C GLU A 16 12.72 -6.46 -2.22
N TPO A 17 11.45 -6.89 -2.12
CA TPO A 17 10.46 -6.27 -1.22
CB TPO A 17 9.02 -6.82 -1.50
CG2 TPO A 17 8.53 -6.37 -2.89
OG1 TPO A 17 9.00 -8.27 -1.39
P TPO A 17 7.63 -9.13 -1.51
O1P TPO A 17 7.63 -9.64 -3.02
O2P TPO A 17 7.63 -10.39 -0.73
O3P TPO A 17 6.39 -8.35 -1.36
C TPO A 17 10.83 -6.48 0.27
O TPO A 17 11.32 -7.56 0.62
H TPO A 17 11.16 -7.65 -2.67
HA TPO A 17 10.46 -5.20 -1.43
HB TPO A 17 8.34 -6.40 -0.75
HG21 TPO A 17 9.19 -6.79 -3.65
HG22 TPO A 17 8.53 -5.30 -2.96
HG23 TPO A 17 7.53 -6.74 -3.06
N PRO A 18 10.63 -5.43 1.15
CA PRO A 18 10.75 -5.58 2.62
C PRO A 18 9.67 -6.55 3.14
N LYS A 19 10.08 -7.80 3.41
CA LYS A 19 9.16 -8.89 3.74
C LYS A 19 8.82 -8.92 5.24
N GLY A 20 7.69 -8.29 5.58
CA GLY A 20 7.13 -8.34 6.93
C GLY A 20 5.80 -9.10 6.94
N ALA A 21 5.62 -9.97 7.94
CA ALA A 21 4.42 -10.82 8.07
C ALA A 21 3.14 -9.97 8.23
N ASN A 22 3.24 -8.89 9.03
CA ASN A 22 2.13 -7.95 9.29
C ASN A 22 2.61 -6.50 9.15
N ARG A 23 3.31 -6.22 8.03
CA ARG A 23 3.85 -4.88 7.72
C ARG A 23 2.72 -3.90 7.27
N LYS A 24 1.90 -3.48 8.25
CA LYS A 24 0.79 -2.54 8.01
C LYS A 24 1.30 -1.12 8.31
N LYS A 25 1.98 -0.52 7.31
CA LYS A 25 2.61 0.80 7.44
C LYS A 25 2.80 1.44 6.05
N ASN A 26 2.71 2.78 6.03
CA ASN A 26 2.95 3.64 4.85
C ASN A 26 4.44 3.63 4.43
N LEU A 27 4.82 4.59 3.55
CA LEU A 27 6.21 4.78 3.12
C LEU A 27 7.12 5.05 4.37
N PRO A 28 8.25 4.27 4.52
CA PRO A 28 9.12 4.37 5.72
C PRO A 28 9.99 5.67 5.72
N PRO A 29 10.79 5.94 6.81
CA PRO A 29 11.89 6.95 6.80
C PRO A 29 12.87 6.81 5.62
N LYS A 30 13.87 7.71 5.56
CA LYS A 30 14.79 7.83 4.41
C LYS A 30 15.61 6.53 4.18
N VAL A 31 15.14 5.72 3.21
CA VAL A 31 15.79 4.49 2.74
C VAL A 31 16.10 4.62 1.22
N PRO A 32 17.23 4.01 0.71
CA PRO A 32 17.53 4.00 -0.74
C PRO A 32 16.69 2.96 -1.53
N ILE A 33 15.87 2.18 -0.80
CA ILE A 33 14.96 1.18 -1.38
C ILE A 33 13.66 1.89 -1.78
N TPO A 34 13.28 1.78 -3.07
CA TPO A 34 11.97 2.22 -3.57
CB TPO A 34 11.94 2.18 -5.15
CG2 TPO A 34 12.37 0.81 -5.72
OG1 TPO A 34 10.63 2.51 -5.67
P TPO A 34 10.10 4.03 -5.77
O1P TPO A 34 8.78 4.06 -4.89
O2P TPO A 34 11.00 5.03 -5.16
O3P TPO A 34 9.65 4.41 -7.14
C TPO A 34 10.85 1.36 -2.92
O TPO A 34 10.77 0.16 -3.18
H TPO A 34 13.90 1.37 -3.70
HA TPO A 34 11.84 3.26 -3.26
HB TPO A 34 12.65 2.91 -5.52
HG21 TPO A 34 11.70 0.04 -5.36
HG22 TPO A 34 13.37 0.58 -5.39
HG23 TPO A 34 12.34 0.84 -6.80
N PRO A 35 10.02 1.95 -1.99
CA PRO A 35 9.09 1.16 -1.13
C PRO A 35 7.89 0.55 -1.89
N MET A 36 7.28 -0.50 -1.31
CA MET A 36 6.07 -1.16 -1.86
C MET A 36 4.96 -1.25 -0.77
N PRO A 37 4.32 -0.11 -0.36
CA PRO A 37 3.08 -0.13 0.45
C PRO A 37 1.84 0.04 -0.45
N GLN A 38 0.74 0.55 0.10
CA GLN A 38 -0.47 0.89 -0.66
C GLN A 38 -1.08 2.19 -0.13
N TYR A 39 -1.90 2.86 -0.94
CA TYR A 39 -2.45 4.18 -0.58
C TYR A 39 -3.41 4.06 0.63
N SER A 40 -4.17 2.95 0.65
CA SER A 40 -5.17 2.65 1.70
C SER A 40 -4.51 2.23 3.04
N ILE A 41 -3.17 2.11 3.08
CA ILE A 41 -2.44 1.71 4.32
C ILE A 41 -2.00 2.95 5.15
N MET A 42 -2.26 4.16 4.60
CA MET A 42 -1.95 5.44 5.27
C MET A 42 -2.70 5.58 6.61
N GLU A 43 -2.19 6.48 7.47
CA GLU A 43 -2.71 6.70 8.82
C GLU A 43 -4.11 7.31 8.74
N TPO A 44 -4.96 7.01 9.74
CA TPO A 44 -6.40 7.35 9.72
CB TPO A 44 -7.11 6.92 11.05
CG2 TPO A 44 -8.65 7.06 10.95
OG1 TPO A 44 -6.80 5.55 11.37
P TPO A 44 -5.75 5.16 12.52
O1P TPO A 44 -5.50 6.25 13.46
O2P TPO A 44 -6.04 3.87 13.17
O3P TPO A 44 -4.37 4.93 11.76
C TPO A 44 -6.67 8.85 9.42
O TPO A 44 -7.46 9.11 8.52
H TPO A 44 -4.61 6.54 10.52
HA TPO A 44 -6.84 6.75 8.92
HB TPO A 44 -6.77 7.57 11.85
HG21 TPO A 44 -8.91 8.09 10.75
HG22 TPO A 44 -9.10 6.75 11.88
HG23 TPO A 44 -9.01 6.43 10.15
N PRO A 45 -6.03 9.87 10.11
CA PRO A 45 -6.25 11.32 9.81
C PRO A 45 -5.99 11.71 8.33
N VAL A 46 -4.78 11.39 7.81
CA VAL A 46 -4.39 11.76 6.43
C VAL A 46 -5.20 10.97 5.36
N LEU A 47 -5.50 9.70 5.66
CA LEU A 47 -6.25 8.81 4.74
C LEU A 47 -7.74 9.22 4.69
N LYS A 48 -8.25 9.70 5.84
CA LYS A 48 -9.63 10.19 5.99
C LYS A 48 -9.81 11.53 5.26
N LYS A 49 -8.71 12.32 5.23
CA LYS A 49 -8.65 13.59 4.47
C LYS A 49 -8.79 13.27 2.96
N GLU A 50 -8.05 12.25 2.51
CA GLU A 50 -8.09 11.74 1.12
C GLU A 50 -9.49 11.18 0.80
N LEU A 51 -10.07 10.42 1.75
CA LEU A 51 -11.38 9.75 1.64
C LEU A 51 -12.47 10.82 1.39
N ASP A 52 -12.38 11.91 2.17
CA ASP A 52 -13.29 13.05 2.11
C ASP A 52 -13.19 13.76 0.75
N ARG A 53 -11.95 14.08 0.35
CA ARG A 53 -11.66 14.90 -0.84
C ARG A 53 -11.88 14.12 -2.15
N PHE A 54 -11.82 12.79 -2.09
CA PHE A 54 -12.18 11.92 -3.23
C PHE A 54 -13.72 11.71 -3.27
N GLY A 55 -14.39 12.08 -2.17
CA GLY A 55 -15.85 12.04 -2.08
C GLY A 55 -16.41 10.63 -1.95
N VAL A 56 -15.60 9.73 -1.37
CA VAL A 56 -15.97 8.30 -1.22
C VAL A 56 -17.02 8.14 -0.11
N ARG A 57 -18.09 7.38 -0.42
CA ARG A 57 -19.18 7.10 0.52
C ARG A 57 -18.71 6.09 1.60
N PRO A 58 -19.32 6.13 2.83
CA PRO A 58 -18.90 5.26 3.97
C PRO A 58 -19.44 3.82 3.87
N LEU A 59 -19.04 3.10 2.81
CA LEU A 59 -19.24 1.63 2.70
C LEU A 59 -18.34 0.93 3.75
N PRO A 60 -18.75 -0.29 4.28
CA PRO A 60 -17.98 -1.05 5.33
C PRO A 60 -16.46 -1.08 5.07
N LYS A 61 -15.63 -1.13 6.15
CA LYS A 61 -14.15 -1.00 6.07
C LYS A 61 -13.49 -2.05 5.13
N ARG A 62 -14.19 -3.17 4.91
CA ARG A 62 -13.80 -4.17 3.90
C ARG A 62 -14.00 -3.58 2.48
N GLN A 63 -15.24 -3.11 2.21
CA GLN A 63 -15.61 -2.48 0.93
C GLN A 63 -14.80 -1.20 0.68
N MET A 64 -14.39 -0.52 1.77
CA MET A 64 -13.63 0.74 1.71
C MET A 64 -12.21 0.48 1.16
N VAL A 65 -11.48 -0.44 1.82
CA VAL A 65 -10.08 -0.75 1.46
C VAL A 65 -10.00 -1.36 0.03
N LEU A 66 -11.07 -2.08 -0.36
CA LEU A 66 -11.17 -2.74 -1.69
C LEU A 66 -11.65 -1.76 -2.78
N LYS A 67 -12.47 -0.76 -2.40
CA LYS A 67 -12.96 0.27 -3.35
C LYS A 67 -11.84 1.23 -3.70
N LEU A 68 -11.10 1.69 -2.68
CA LEU A 68 -9.93 2.56 -2.86
C LEU A 68 -8.85 1.80 -3.65
N LYS A 69 -8.62 0.51 -3.28
CA LYS A 69 -7.70 -0.38 -4.02
C LYS A 69 -8.09 -0.46 -5.51
N GLU A 70 -9.41 -0.59 -5.76
CA GLU A 70 -9.99 -0.65 -7.12
C GLU A 70 -9.70 0.67 -7.89
N ILE A 71 -9.93 1.80 -7.21
CA ILE A 71 -9.73 3.16 -7.77
C ILE A 71 -8.29 3.34 -8.27
N PHE A 72 -7.34 2.83 -7.48
CA PHE A 72 -5.91 2.90 -7.80
C PHE A 72 -5.48 1.74 -8.72
N GLN A 73 -6.27 0.64 -8.74
CA GLN A 73 -5.94 -0.57 -9.53
C GLN A 73 -6.19 -0.34 -11.03
N TYR A 74 -7.35 0.24 -11.41
CA TYR A 74 -7.68 0.46 -12.84
C TYR A 74 -6.84 1.62 -13.43
N THR A 75 -6.38 2.54 -12.57
CA THR A 75 -5.45 3.62 -12.95
C THR A 75 -3.99 3.11 -12.95
N HIS A 76 -3.77 1.94 -12.28
CA HIS A 76 -2.49 1.23 -12.19
C HIS A 76 -1.43 2.06 -11.43
N GLN A 77 -1.68 2.15 -10.13
CA GLN A 77 -0.78 2.76 -9.13
C GLN A 77 -1.13 2.17 -7.76
N THR A 78 -0.28 2.39 -6.75
CA THR A 78 -0.46 1.80 -5.41
C THR A 78 0.02 2.81 -4.34
N LEU A 79 1.35 3.03 -4.28
CA LEU A 79 1.98 4.09 -3.47
C LEU A 79 3.49 4.06 -3.78
N ASP A 80 3.87 4.70 -4.89
CA ASP A 80 5.28 4.90 -5.26
C ASP A 80 5.77 6.25 -4.70
N SER A 81 7.03 6.29 -4.22
CA SER A 81 7.73 7.52 -3.88
C SER A 81 8.40 8.11 -5.14
N ASP A 82 8.61 7.23 -6.16
CA ASP A 82 9.15 7.58 -7.49
C ASP A 82 10.63 8.02 -7.40
N SER A 83 11.24 7.74 -6.21
CA SER A 83 12.58 8.21 -5.81
C SER A 83 12.69 9.76 -5.84
N GLU A 84 11.52 10.44 -5.82
CA GLU A 84 11.44 11.92 -5.82
C GLU A 84 11.15 12.47 -4.41
N ASP A 85 11.04 11.55 -3.43
CA ASP A 85 10.85 11.90 -2.01
C ASP A 85 12.11 12.61 -1.48
N GLU A 86 11.92 13.83 -0.96
CA GLU A 86 13.02 14.68 -0.47
C GLU A 86 13.58 14.06 0.84
N ALA A 1 12.95 -8.06 10.99
CA ALA A 1 13.14 -6.83 10.17
C ALA A 1 14.11 -5.88 10.87
N GLN A 2 15.21 -5.53 10.18
CA GLN A 2 16.21 -4.58 10.69
C GLN A 2 16.20 -3.32 9.80
N MET A 3 15.98 -2.15 10.42
CA MET A 3 15.86 -0.86 9.72
C MET A 3 17.08 0.02 10.07
N PRO A 4 17.52 0.95 9.15
CA PRO A 4 18.56 1.97 9.48
C PRO A 4 18.27 2.72 10.81
N SER A 5 19.04 2.40 11.86
CA SER A 5 18.78 2.85 13.24
C SER A 5 19.08 4.35 13.44
N ALA A 6 20.13 4.84 12.76
CA ALA A 6 20.55 6.26 12.82
C ALA A 6 20.87 6.75 11.38
N GLY A 7 19.80 7.14 10.66
CA GLY A 7 19.91 7.64 9.29
C GLY A 7 20.00 6.51 8.26
N GLY A 8 21.22 5.95 8.10
CA GLY A 8 21.49 4.89 7.12
C GLY A 8 22.30 3.75 7.73
N ALA A 9 22.15 2.54 7.18
CA ALA A 9 22.87 1.33 7.64
C ALA A 9 23.29 0.48 6.43
N GLN A 10 24.60 0.52 6.10
CA GLN A 10 25.18 -0.32 5.02
C GLN A 10 25.22 -1.79 5.49
N LYS A 11 24.20 -2.53 5.08
CA LYS A 11 24.04 -3.97 5.36
C LYS A 11 23.70 -4.69 4.05
N PRO A 12 24.08 -6.00 3.89
CA PRO A 12 23.63 -6.82 2.73
C PRO A 12 22.09 -6.92 2.66
N GLU A 13 21.58 -7.27 1.46
CA GLU A 13 20.12 -7.30 1.17
C GLU A 13 19.34 -8.21 2.16
N GLY A 14 18.13 -7.76 2.56
CA GLY A 14 17.32 -8.46 3.54
C GLY A 14 15.84 -8.43 3.18
N LEU A 15 15.38 -9.48 2.47
CA LEU A 15 13.96 -9.63 2.06
C LEU A 15 13.07 -9.94 3.29
N GLU A 16 12.59 -8.86 3.95
CA GLU A 16 11.66 -8.96 5.10
C GLU A 16 10.52 -7.93 4.95
N TPO A 17 9.39 -8.21 5.62
CA TPO A 17 8.19 -7.37 5.58
CB TPO A 17 6.94 -8.15 6.18
CG2 TPO A 17 6.26 -9.00 5.08
OG1 TPO A 17 7.38 -9.00 7.29
P TPO A 17 6.35 -9.96 8.10
O1P TPO A 17 6.36 -11.35 7.30
O2P TPO A 17 6.82 -10.35 9.45
O3P TPO A 17 4.93 -9.53 8.07
C TPO A 17 8.44 -6.01 6.28
O TPO A 17 8.78 -5.99 7.48
H TPO A 17 9.37 -9.01 6.19
HA TPO A 17 7.98 -7.18 4.53
HB TPO A 17 6.22 -7.42 6.55
HG21 TPO A 17 5.91 -8.35 4.28
HG22 TPO A 17 5.40 -9.51 5.50
HG23 TPO A 17 6.95 -9.72 4.68
N PRO A 18 8.30 -4.85 5.54
CA PRO A 18 8.67 -3.50 6.04
C PRO A 18 7.78 -3.01 7.21
N LYS A 19 8.42 -2.80 8.38
CA LYS A 19 7.75 -2.37 9.62
C LYS A 19 8.34 -1.03 10.09
N GLY A 20 8.18 0.01 9.24
CA GLY A 20 8.66 1.36 9.55
C GLY A 20 7.98 1.97 10.78
N ALA A 21 6.64 1.73 10.90
CA ALA A 21 5.76 2.13 12.03
C ALA A 21 5.43 3.65 12.02
N ASN A 22 6.48 4.48 11.97
CA ASN A 22 6.40 5.96 11.95
C ASN A 22 5.88 6.49 10.59
N ARG A 23 6.23 7.77 10.28
CA ARG A 23 5.91 8.43 9.01
C ARG A 23 6.36 7.58 7.78
N LYS A 24 5.37 7.27 6.91
CA LYS A 24 5.49 6.31 5.78
C LYS A 24 5.02 6.89 4.44
N LYS A 25 4.33 8.06 4.48
CA LYS A 25 3.81 8.70 3.26
C LYS A 25 4.96 9.10 2.32
N ASN A 26 4.72 8.97 1.00
CA ASN A 26 5.68 9.33 -0.07
C ASN A 26 6.96 8.46 -0.03
N LEU A 27 6.88 7.27 0.62
CA LEU A 27 7.97 6.26 0.72
C LEU A 27 9.19 6.79 1.53
N PRO A 28 9.41 6.30 2.79
CA PRO A 28 10.62 6.63 3.58
C PRO A 28 11.85 5.75 3.20
N PRO A 29 13.12 6.19 3.49
CA PRO A 29 14.34 5.39 3.21
C PRO A 29 14.67 4.41 4.37
N LYS A 30 13.62 3.81 4.96
CA LYS A 30 13.73 2.83 6.07
C LYS A 30 13.35 1.44 5.56
N VAL A 31 13.94 0.39 6.22
CA VAL A 31 13.87 -1.02 5.80
C VAL A 31 14.61 -1.24 4.43
N PRO A 32 15.43 -2.34 4.27
CA PRO A 32 15.99 -2.75 2.94
C PRO A 32 14.92 -2.90 1.83
N ILE A 33 13.66 -3.14 2.25
CA ILE A 33 12.50 -3.35 1.36
C ILE A 33 11.54 -2.15 1.42
N TPO A 34 10.94 -1.83 0.27
CA TPO A 34 10.03 -0.69 0.07
CB TPO A 34 9.99 -0.34 -1.48
CG2 TPO A 34 10.99 0.76 -1.86
OG1 TPO A 34 10.33 -1.54 -2.23
P TPO A 34 9.72 -1.90 -3.68
O1P TPO A 34 10.59 -1.03 -4.70
O2P TPO A 34 9.98 -3.30 -4.08
O3P TPO A 34 8.33 -1.46 -3.88
C TPO A 34 8.59 -0.99 0.58
O TPO A 34 7.94 -1.91 0.08
H TPO A 34 11.10 -2.41 -0.50
HA TPO A 34 10.43 0.17 0.60
HB TPO A 34 9.00 -0.01 -1.76
HG21 TPO A 34 10.76 1.66 -1.30
HG22 TPO A 34 10.93 0.97 -2.91
HG23 TPO A 34 12.00 0.44 -1.63
N PRO A 35 8.08 -0.24 1.62
CA PRO A 35 6.66 -0.28 2.03
C PRO A 35 5.76 0.48 1.02
N MET A 36 4.92 -0.27 0.26
CA MET A 36 3.93 0.32 -0.67
C MET A 36 2.81 1.04 0.15
N PRO A 37 2.74 2.42 0.11
CA PRO A 37 1.76 3.21 0.89
C PRO A 37 0.37 3.22 0.22
N GLN A 38 -0.32 2.09 0.35
CA GLN A 38 -1.65 1.86 -0.24
C GLN A 38 -2.70 2.70 0.51
N TYR A 39 -3.59 3.39 -0.23
CA TYR A 39 -4.52 4.39 0.34
C TYR A 39 -5.59 3.77 1.26
N SER A 40 -5.91 2.49 1.01
CA SER A 40 -6.85 1.73 1.85
C SER A 40 -6.29 1.52 3.28
N ILE A 41 -4.94 1.44 3.39
CA ILE A 41 -4.22 1.24 4.67
C ILE A 41 -3.33 2.46 5.01
N MET A 42 -3.64 3.62 4.35
CA MET A 42 -2.83 4.85 4.46
C MET A 42 -2.83 5.42 5.90
N GLU A 43 -1.85 6.29 6.20
CA GLU A 43 -1.71 6.91 7.53
C GLU A 43 -2.96 7.75 7.88
N TPO A 44 -3.34 7.77 9.17
CA TPO A 44 -4.66 8.20 9.67
CB TPO A 44 -4.71 8.24 11.24
CG2 TPO A 44 -6.11 7.93 11.78
OG1 TPO A 44 -3.75 7.29 11.81
P TPO A 44 -2.37 7.79 12.51
O1P TPO A 44 -2.38 9.20 12.90
O2P TPO A 44 -1.87 6.88 13.54
O3P TPO A 44 -1.27 7.71 11.34
C TPO A 44 -5.16 9.56 9.09
O TPO A 44 -6.25 9.58 8.49
H TPO A 44 -2.68 7.48 9.84
HA TPO A 44 -5.36 7.42 9.34
HB TPO A 44 -4.44 9.24 11.57
HG21 TPO A 44 -6.12 7.96 12.87
HG22 TPO A 44 -6.41 6.93 11.45
HG23 TPO A 44 -6.82 8.65 11.41
N PRO A 45 -4.39 10.71 9.23
CA PRO A 45 -4.90 12.03 8.81
C PRO A 45 -5.06 12.14 7.28
N VAL A 46 -4.01 11.73 6.54
CA VAL A 46 -3.96 11.84 5.08
C VAL A 46 -4.94 10.86 4.39
N LEU A 47 -5.25 9.72 5.09
CA LEU A 47 -6.30 8.77 4.64
C LEU A 47 -7.65 9.50 4.68
N LYS A 48 -7.95 10.08 5.86
CA LYS A 48 -9.25 10.73 6.15
C LYS A 48 -9.52 11.93 5.22
N LYS A 49 -8.45 12.71 4.93
CA LYS A 49 -8.56 13.90 4.07
C LYS A 49 -8.86 13.53 2.61
N GLU A 50 -8.15 12.51 2.08
CA GLU A 50 -8.33 12.05 0.68
C GLU A 50 -9.61 11.21 0.51
N LEU A 51 -10.06 10.61 1.62
CA LEU A 51 -11.34 9.87 1.69
C LEU A 51 -12.48 10.89 1.50
N ASP A 52 -12.43 11.95 2.32
CA ASP A 52 -13.43 13.02 2.36
C ASP A 52 -13.40 13.86 1.06
N ARG A 53 -12.18 14.00 0.49
CA ARG A 53 -11.96 14.76 -0.76
C ARG A 53 -12.62 14.05 -1.96
N PHE A 54 -12.42 12.72 -2.02
CA PHE A 54 -13.01 11.85 -3.04
C PHE A 54 -14.51 11.62 -2.74
N GLY A 55 -14.91 11.94 -1.49
CA GLY A 55 -16.30 11.84 -1.06
C GLY A 55 -16.79 10.41 -0.95
N VAL A 56 -15.94 9.53 -0.38
CA VAL A 56 -16.24 8.10 -0.23
C VAL A 56 -17.44 7.94 0.72
N ARG A 57 -18.52 7.35 0.19
CA ARG A 57 -19.77 7.13 0.94
C ARG A 57 -19.53 6.19 2.15
N PRO A 58 -20.20 6.44 3.33
CA PRO A 58 -20.12 5.55 4.52
C PRO A 58 -20.55 4.09 4.21
N LEU A 59 -19.58 3.31 3.72
CA LEU A 59 -19.75 1.89 3.35
C LEU A 59 -18.96 1.01 4.35
N PRO A 60 -19.34 -0.30 4.55
CA PRO A 60 -18.57 -1.24 5.40
C PRO A 60 -17.12 -1.44 4.89
N LYS A 61 -16.23 -1.90 5.79
CA LYS A 61 -14.78 -2.06 5.54
C LYS A 61 -14.50 -2.98 4.34
N ARG A 62 -15.41 -3.95 4.10
CA ARG A 62 -15.33 -4.90 2.96
C ARG A 62 -15.36 -4.10 1.63
N GLN A 63 -16.37 -3.21 1.50
CA GLN A 63 -16.53 -2.37 0.30
C GLN A 63 -15.38 -1.35 0.18
N MET A 64 -14.95 -0.79 1.33
CA MET A 64 -13.93 0.29 1.36
C MET A 64 -12.53 -0.23 0.97
N VAL A 65 -12.16 -1.42 1.47
CA VAL A 65 -10.83 -2.01 1.20
C VAL A 65 -10.75 -2.40 -0.29
N LEU A 66 -11.88 -2.90 -0.84
CA LEU A 66 -12.01 -3.24 -2.26
C LEU A 66 -11.87 -1.98 -3.12
N LYS A 67 -12.72 -0.97 -2.84
CA LYS A 67 -12.86 0.26 -3.68
C LYS A 67 -11.59 1.12 -3.69
N LEU A 68 -11.05 1.43 -2.50
CA LEU A 68 -9.84 2.28 -2.39
C LEU A 68 -8.60 1.57 -2.98
N LYS A 69 -8.60 0.21 -2.91
CA LYS A 69 -7.58 -0.60 -3.59
C LYS A 69 -7.67 -0.39 -5.12
N GLU A 70 -8.91 -0.49 -5.65
CA GLU A 70 -9.22 -0.25 -7.07
C GLU A 70 -8.76 1.15 -7.52
N ILE A 71 -9.00 2.16 -6.65
CA ILE A 71 -8.69 3.58 -6.97
C ILE A 71 -7.21 3.76 -7.36
N PHE A 72 -6.28 3.19 -6.55
CA PHE A 72 -4.84 3.25 -6.91
C PHE A 72 -4.46 2.16 -7.95
N GLN A 73 -5.28 1.10 -8.06
CA GLN A 73 -4.98 -0.07 -8.93
C GLN A 73 -5.16 0.28 -10.43
N TYR A 74 -6.37 0.73 -10.85
CA TYR A 74 -6.65 1.03 -12.29
C TYR A 74 -5.83 2.25 -12.77
N THR A 75 -5.55 3.17 -11.83
CA THR A 75 -4.69 4.34 -12.08
C THR A 75 -3.20 3.93 -12.15
N HIS A 76 -2.86 2.77 -11.54
CA HIS A 76 -1.47 2.23 -11.40
C HIS A 76 -0.66 3.09 -10.40
N GLN A 77 -1.38 3.91 -9.60
CA GLN A 77 -0.81 4.80 -8.59
C GLN A 77 -0.03 4.01 -7.52
N THR A 78 1.31 4.08 -7.62
CA THR A 78 2.26 3.34 -6.79
C THR A 78 3.51 4.21 -6.59
N LEU A 79 4.10 4.18 -5.38
CA LEU A 79 5.36 4.90 -5.10
C LEU A 79 6.55 4.24 -5.82
N ASP A 80 7.72 4.90 -5.74
CA ASP A 80 8.93 4.55 -6.52
C ASP A 80 9.40 3.11 -6.25
N SER A 81 9.81 2.40 -7.32
CA SER A 81 10.39 1.06 -7.22
C SER A 81 11.87 1.15 -6.80
N ASP A 82 12.10 1.65 -5.56
CA ASP A 82 13.45 1.96 -5.06
C ASP A 82 14.22 0.67 -4.71
N SER A 83 13.49 -0.36 -4.21
CA SER A 83 14.09 -1.69 -3.98
C SER A 83 14.05 -2.48 -5.29
N GLU A 84 12.98 -3.29 -5.49
CA GLU A 84 12.79 -4.16 -6.67
C GLU A 84 11.55 -5.06 -6.49
N ASP A 85 10.65 -5.01 -7.48
CA ASP A 85 9.56 -5.99 -7.64
C ASP A 85 10.04 -7.11 -8.59
N GLU A 86 9.57 -8.35 -8.36
CA GLU A 86 10.03 -9.54 -9.11
C GLU A 86 9.56 -9.47 -10.60
N ALA A 1 23.25 -7.99 6.77
CA ALA A 1 22.24 -8.06 5.69
C ALA A 1 20.86 -8.46 6.27
N GLN A 2 20.13 -7.47 6.79
CA GLN A 2 18.76 -7.65 7.32
C GLN A 2 17.78 -7.81 6.15
N MET A 3 17.93 -6.90 5.17
CA MET A 3 17.17 -6.90 3.93
C MET A 3 17.81 -7.88 2.93
N PRO A 4 17.01 -8.49 1.97
CA PRO A 4 17.54 -9.39 0.92
C PRO A 4 18.64 -8.69 0.05
N SER A 5 19.90 -9.01 0.39
CA SER A 5 21.10 -8.46 -0.27
C SER A 5 22.14 -9.58 -0.48
N ALA A 6 23.32 -9.23 -1.00
CA ALA A 6 24.43 -10.18 -1.20
C ALA A 6 25.38 -10.13 0.01
N GLY A 7 25.28 -11.14 0.88
CA GLY A 7 26.12 -11.25 2.08
C GLY A 7 25.98 -12.62 2.72
N GLY A 8 26.79 -13.59 2.25
CA GLY A 8 26.64 -14.99 2.63
C GLY A 8 25.61 -15.69 1.75
N ALA A 9 24.35 -15.20 1.84
CA ALA A 9 23.27 -15.57 0.93
C ALA A 9 23.12 -14.45 -0.12
N GLN A 10 23.60 -14.71 -1.35
CA GLN A 10 23.61 -13.72 -2.45
C GLN A 10 22.19 -13.59 -3.02
N LYS A 11 21.44 -12.61 -2.46
CA LYS A 11 20.00 -12.40 -2.74
C LYS A 11 19.15 -13.63 -2.38
N PRO A 12 18.66 -13.72 -1.09
CA PRO A 12 17.70 -14.77 -0.66
C PRO A 12 16.24 -14.50 -1.13
N GLU A 13 16.08 -13.77 -2.26
CA GLU A 13 14.78 -13.48 -2.87
C GLU A 13 14.21 -14.76 -3.51
N GLY A 14 13.46 -15.53 -2.70
CA GLY A 14 12.71 -16.69 -3.17
C GLY A 14 11.23 -16.37 -3.30
N LEU A 15 10.51 -17.10 -4.16
CA LEU A 15 9.06 -16.89 -4.37
C LEU A 15 8.27 -17.58 -3.24
N GLU A 16 8.15 -16.89 -2.09
CA GLU A 16 7.18 -17.23 -1.04
C GLU A 16 5.89 -16.43 -1.30
N TPO A 17 4.74 -17.07 -1.07
CA TPO A 17 3.43 -16.44 -1.23
CB TPO A 17 2.31 -17.51 -1.47
CG2 TPO A 17 2.41 -18.16 -2.86
OG1 TPO A 17 2.25 -18.52 -0.40
P TPO A 17 3.23 -19.80 -0.21
O1P TPO A 17 4.06 -19.45 1.11
O2P TPO A 17 2.49 -21.03 0.13
O3P TPO A 17 4.29 -20.00 -1.24
C TPO A 17 3.12 -15.57 0.01
O TPO A 17 3.01 -16.10 1.12
H TPO A 17 4.78 -17.99 -0.74
HA TPO A 17 3.47 -15.80 -2.11
HB TPO A 17 1.36 -16.98 -1.43
HG21 TPO A 17 3.35 -18.68 -2.97
HG22 TPO A 17 2.33 -17.39 -3.63
HG23 TPO A 17 1.60 -18.86 -2.99
N PRO A 18 3.01 -14.20 -0.15
CA PRO A 18 2.68 -13.30 0.98
C PRO A 18 1.21 -13.48 1.43
N LYS A 19 1.02 -13.81 2.72
CA LYS A 19 -0.32 -13.87 3.33
C LYS A 19 -0.88 -12.44 3.55
N GLY A 20 0.04 -11.45 3.67
CA GLY A 20 -0.30 -10.04 3.70
C GLY A 20 -0.79 -9.58 5.07
N ALA A 21 -1.85 -8.72 5.07
CA ALA A 21 -2.47 -8.10 6.27
C ALA A 21 -1.59 -7.00 6.90
N ASN A 22 -0.38 -6.81 6.36
CA ASN A 22 0.59 -5.80 6.85
C ASN A 22 0.36 -4.46 6.17
N ARG A 23 0.88 -3.41 6.82
CA ARG A 23 1.00 -2.08 6.24
C ARG A 23 2.48 -1.70 6.22
N LYS A 24 2.87 -0.93 5.22
CA LYS A 24 4.24 -0.44 5.07
C LYS A 24 4.19 0.83 4.22
N LYS A 25 4.21 0.65 2.88
CA LYS A 25 4.16 1.75 1.88
C LYS A 25 3.54 1.22 0.58
N ASN A 26 3.37 2.14 -0.38
CA ASN A 26 2.94 1.84 -1.75
C ASN A 26 4.10 1.15 -2.53
N LEU A 27 4.31 -0.14 -2.19
CA LEU A 27 5.43 -0.98 -2.68
C LEU A 27 6.79 -0.34 -2.27
N PRO A 28 7.32 -0.68 -1.05
CA PRO A 28 8.60 -0.14 -0.53
C PRO A 28 9.84 -0.84 -1.16
N PRO A 29 11.11 -0.43 -0.80
CA PRO A 29 12.34 -1.19 -1.17
C PRO A 29 12.33 -2.66 -0.68
N LYS A 30 13.31 -3.45 -1.17
CA LYS A 30 13.43 -4.89 -0.87
C LYS A 30 13.74 -5.14 0.61
N VAL A 31 12.69 -5.50 1.34
CA VAL A 31 12.74 -5.79 2.79
C VAL A 31 12.19 -7.22 3.03
N PRO A 32 12.61 -7.93 4.15
CA PRO A 32 12.08 -9.28 4.48
C PRO A 32 10.63 -9.23 5.02
N ILE A 33 10.10 -8.01 5.20
CA ILE A 33 8.72 -7.76 5.59
C ILE A 33 7.84 -7.85 4.33
N TPO A 34 6.91 -8.82 4.32
CA TPO A 34 5.95 -9.01 3.22
CB TPO A 34 5.13 -10.34 3.44
CG2 TPO A 34 5.98 -11.58 3.10
OG1 TPO A 34 4.66 -10.40 4.81
P TPO A 34 3.56 -11.48 5.30
O1P TPO A 34 4.41 -12.60 6.07
O2P TPO A 34 2.62 -10.99 6.32
O3P TPO A 34 2.93 -12.20 4.19
C TPO A 34 5.01 -7.78 3.12
O TPO A 34 4.14 -7.58 3.99
H TPO A 34 6.86 -9.43 5.08
HA TPO A 34 6.50 -9.11 2.30
HB TPO A 34 4.27 -10.32 2.78
HG21 TPO A 34 5.40 -12.48 3.26
HG22 TPO A 34 6.85 -11.62 3.73
HG23 TPO A 34 6.29 -11.55 2.06
N PRO A 35 5.18 -6.90 2.09
CA PRO A 35 4.46 -5.63 1.99
C PRO A 35 3.11 -5.74 1.25
N MET A 36 2.40 -4.62 1.17
CA MET A 36 1.12 -4.53 0.44
C MET A 36 0.91 -3.06 0.01
N PRO A 37 0.77 -2.77 -1.33
CA PRO A 37 0.78 -1.39 -1.88
C PRO A 37 -0.57 -0.63 -1.78
N GLN A 38 -1.53 -1.21 -1.04
CA GLN A 38 -2.88 -0.64 -0.85
C GLN A 38 -2.80 0.73 -0.14
N TYR A 39 -3.25 1.80 -0.83
CA TYR A 39 -3.21 3.20 -0.31
C TYR A 39 -4.15 3.42 0.91
N SER A 40 -5.02 2.42 1.20
CA SER A 40 -5.92 2.43 2.36
C SER A 40 -5.15 2.42 3.70
N ILE A 41 -3.87 1.98 3.68
CA ILE A 41 -3.04 1.86 4.91
C ILE A 41 -2.37 3.18 5.33
N MET A 42 -2.53 4.25 4.50
CA MET A 42 -1.98 5.60 4.80
C MET A 42 -2.52 6.11 6.15
N GLU A 43 -1.69 6.90 6.87
CA GLU A 43 -1.97 7.39 8.24
C GLU A 43 -3.34 8.08 8.32
N TPO A 44 -4.02 7.94 9.46
CA TPO A 44 -5.40 8.42 9.70
CB TPO A 44 -5.81 8.21 11.20
CG2 TPO A 44 -7.30 8.47 11.44
OG1 TPO A 44 -5.54 6.86 11.60
P TPO A 44 -4.17 6.46 12.33
O1P TPO A 44 -3.74 5.09 12.07
O2P TPO A 44 -3.09 7.46 12.18
O3P TPO A 44 -4.51 6.48 13.90
C TPO A 44 -5.64 9.90 9.25
O TPO A 44 -6.65 10.15 8.59
H TPO A 44 -3.56 7.50 10.20
HA TPO A 44 -6.05 7.78 9.09
HB TPO A 44 -5.25 8.90 11.83
HG21 TPO A 44 -7.55 9.49 11.17
HG22 TPO A 44 -7.55 8.31 12.48
HG23 TPO A 44 -7.89 7.79 10.84
N PRO A 45 -4.74 10.92 9.59
CA PRO A 45 -4.86 12.29 9.04
C PRO A 45 -4.93 12.33 7.49
N VAL A 46 -4.02 11.57 6.83
CA VAL A 46 -3.96 11.44 5.36
C VAL A 46 -5.22 10.74 4.82
N LEU A 47 -5.60 9.64 5.50
CA LEU A 47 -6.66 8.72 5.06
C LEU A 47 -8.02 9.44 5.05
N LYS A 48 -8.39 10.01 6.22
CA LYS A 48 -9.62 10.81 6.40
C LYS A 48 -9.72 11.95 5.38
N LYS A 49 -8.58 12.65 5.19
CA LYS A 49 -8.49 13.82 4.28
C LYS A 49 -8.83 13.42 2.83
N GLU A 50 -8.07 12.47 2.28
CA GLU A 50 -8.21 12.05 0.87
C GLU A 50 -9.51 11.27 0.60
N LEU A 51 -10.04 10.63 1.66
CA LEU A 51 -11.33 9.90 1.63
C LEU A 51 -12.47 10.92 1.41
N ASP A 52 -12.49 11.93 2.29
CA ASP A 52 -13.53 12.97 2.30
C ASP A 52 -13.41 13.90 1.08
N ARG A 53 -12.17 14.11 0.61
CA ARG A 53 -11.86 14.96 -0.55
C ARG A 53 -12.26 14.25 -1.86
N PHE A 54 -12.10 12.92 -1.90
CA PHE A 54 -12.56 12.07 -3.03
C PHE A 54 -14.10 11.86 -2.93
N GLY A 55 -14.66 12.22 -1.76
CA GLY A 55 -16.11 12.29 -1.57
C GLY A 55 -16.76 10.93 -1.32
N VAL A 56 -15.96 9.96 -0.83
CA VAL A 56 -16.43 8.57 -0.65
C VAL A 56 -17.43 8.49 0.53
N ARG A 57 -18.57 7.84 0.28
CA ARG A 57 -19.61 7.61 1.30
C ARG A 57 -19.17 6.43 2.22
N PRO A 58 -19.58 6.42 3.54
CA PRO A 58 -19.14 5.38 4.50
C PRO A 58 -19.63 3.96 4.12
N LEU A 59 -18.80 3.24 3.36
CA LEU A 59 -19.05 1.84 2.96
C LEU A 59 -18.48 0.87 4.03
N PRO A 60 -19.07 -0.36 4.20
CA PRO A 60 -18.50 -1.42 5.07
C PRO A 60 -17.02 -1.71 4.74
N LYS A 61 -16.16 -1.87 5.76
CA LYS A 61 -14.67 -1.89 5.63
C LYS A 61 -14.18 -2.88 4.54
N ARG A 62 -14.84 -4.04 4.41
CA ARG A 62 -14.51 -5.05 3.39
C ARG A 62 -14.62 -4.42 1.98
N GLN A 63 -15.77 -3.78 1.71
CA GLN A 63 -16.04 -3.10 0.42
C GLN A 63 -15.28 -1.78 0.31
N MET A 64 -14.94 -1.18 1.46
CA MET A 64 -14.27 0.13 1.52
C MET A 64 -12.82 -0.01 1.03
N VAL A 65 -12.11 -1.01 1.58
CA VAL A 65 -10.72 -1.31 1.20
C VAL A 65 -10.67 -1.89 -0.23
N LEU A 66 -11.68 -2.72 -0.59
CA LEU A 66 -11.77 -3.37 -1.92
C LEU A 66 -11.88 -2.31 -3.03
N LYS A 67 -12.81 -1.36 -2.84
CA LYS A 67 -13.11 -0.31 -3.84
C LYS A 67 -11.99 0.73 -3.91
N LEU A 68 -11.46 1.18 -2.76
CA LEU A 68 -10.30 2.11 -2.74
C LEU A 68 -9.06 1.47 -3.39
N LYS A 69 -8.94 0.14 -3.27
CA LYS A 69 -7.81 -0.63 -3.82
C LYS A 69 -7.89 -0.70 -5.35
N GLU A 70 -9.07 -1.05 -5.89
CA GLU A 70 -9.25 -1.18 -7.35
C GLU A 70 -9.14 0.19 -8.03
N ILE A 71 -9.70 1.24 -7.38
CA ILE A 71 -9.71 2.61 -7.91
C ILE A 71 -8.29 3.15 -8.15
N PHE A 72 -7.35 2.92 -7.18
CA PHE A 72 -5.96 3.33 -7.38
C PHE A 72 -5.27 2.38 -8.37
N GLN A 73 -5.65 1.08 -8.33
CA GLN A 73 -4.89 -0.01 -9.00
C GLN A 73 -4.84 0.18 -10.54
N TYR A 74 -6.01 0.45 -11.18
CA TYR A 74 -6.06 0.69 -12.64
C TYR A 74 -5.41 2.04 -13.04
N THR A 75 -5.37 2.98 -12.07
CA THR A 75 -4.74 4.30 -12.24
C THR A 75 -3.22 4.24 -12.01
N HIS A 76 -2.78 3.22 -11.25
CA HIS A 76 -1.40 3.11 -10.75
C HIS A 76 -0.93 1.65 -10.90
N GLN A 77 -1.04 1.15 -12.14
CA GLN A 77 -0.68 -0.24 -12.53
C GLN A 77 0.83 -0.52 -12.48
N THR A 78 1.63 0.53 -12.19
CA THR A 78 3.11 0.46 -12.18
C THR A 78 3.65 -0.49 -11.07
N LEU A 79 2.80 -0.80 -10.07
CA LEU A 79 3.16 -1.71 -8.97
C LEU A 79 2.73 -3.16 -9.26
N ASP A 80 1.85 -3.32 -10.25
CA ASP A 80 1.37 -4.66 -10.70
C ASP A 80 2.44 -5.36 -11.55
N SER A 81 2.50 -6.69 -11.41
CA SER A 81 3.35 -7.58 -12.23
C SER A 81 2.44 -8.35 -13.20
N ASP A 82 1.49 -7.61 -13.82
CA ASP A 82 0.31 -8.16 -14.56
C ASP A 82 -0.62 -8.89 -13.58
N SER A 83 -0.56 -8.49 -12.31
CA SER A 83 -1.30 -9.13 -11.21
C SER A 83 -2.74 -8.59 -11.13
N GLU A 84 -3.59 -9.03 -12.09
CA GLU A 84 -5.00 -8.66 -12.12
C GLU A 84 -5.83 -9.57 -11.18
N ASP A 85 -5.63 -9.33 -9.88
CA ASP A 85 -6.33 -10.04 -8.80
C ASP A 85 -7.54 -9.20 -8.35
N GLU A 86 -8.45 -9.85 -7.60
CA GLU A 86 -9.63 -9.19 -6.99
C GLU A 86 -9.18 -8.05 -6.01
N ALA A 1 22.92 -3.82 -8.99
CA ALA A 1 22.97 -3.18 -10.32
C ALA A 1 21.70 -3.49 -11.15
N GLN A 2 20.82 -4.35 -10.62
CA GLN A 2 19.53 -4.71 -11.26
C GLN A 2 18.49 -5.03 -10.19
N MET A 3 17.21 -4.78 -10.49
CA MET A 3 16.08 -5.05 -9.58
C MET A 3 15.40 -6.39 -9.96
N PRO A 4 14.80 -7.13 -8.96
CA PRO A 4 14.03 -8.37 -9.23
C PRO A 4 12.75 -8.07 -10.06
N SER A 5 12.89 -8.08 -11.39
CA SER A 5 11.81 -7.75 -12.33
C SER A 5 12.09 -8.42 -13.69
N ALA A 6 12.66 -9.65 -13.62
CA ALA A 6 13.12 -10.43 -14.80
C ALA A 6 14.20 -9.63 -15.57
N GLY A 7 15.40 -9.59 -14.98
CA GLY A 7 16.54 -8.86 -15.54
C GLY A 7 17.86 -9.52 -15.17
N GLY A 8 18.96 -9.03 -15.77
CA GLY A 8 20.28 -9.66 -15.64
C GLY A 8 20.41 -10.83 -16.61
N ALA A 9 20.79 -10.50 -17.86
CA ALA A 9 20.80 -11.46 -18.99
C ALA A 9 21.74 -12.66 -18.76
N GLN A 10 22.87 -12.44 -18.06
CA GLN A 10 23.82 -13.52 -17.74
C GLN A 10 23.29 -14.40 -16.59
N LYS A 11 22.50 -15.41 -16.97
CA LYS A 11 21.98 -16.44 -16.05
C LYS A 11 21.67 -17.71 -16.88
N PRO A 12 22.74 -18.41 -17.44
CA PRO A 12 22.56 -19.65 -18.23
C PRO A 12 22.21 -20.83 -17.32
N GLU A 13 20.90 -21.01 -17.08
CA GLU A 13 20.39 -21.96 -16.07
C GLU A 13 18.96 -22.39 -16.44
N GLY A 14 18.71 -23.72 -16.38
CA GLY A 14 17.40 -24.29 -16.64
C GLY A 14 16.47 -24.21 -15.43
N LEU A 15 17.07 -24.03 -14.24
CA LEU A 15 16.33 -23.90 -12.97
C LEU A 15 15.74 -22.48 -12.86
N GLU A 16 14.53 -22.32 -13.43
CA GLU A 16 13.79 -21.04 -13.41
C GLU A 16 12.98 -20.95 -12.12
N TPO A 17 13.70 -20.65 -11.05
CA TPO A 17 13.19 -20.57 -9.68
CB TPO A 17 14.36 -20.82 -8.66
CG2 TPO A 17 14.67 -22.32 -8.51
OG1 TPO A 17 15.56 -20.15 -9.14
P TPO A 17 16.04 -18.71 -8.63
O1P TPO A 17 17.24 -19.01 -7.62
O2P TPO A 17 16.65 -17.88 -9.67
O3P TPO A 17 15.04 -18.01 -7.80
C TPO A 17 12.50 -19.22 -9.41
O TPO A 17 12.88 -18.19 -10.00
H TPO A 17 14.66 -20.46 -11.18
HA TPO A 17 12.46 -21.37 -9.56
HB TPO A 17 14.08 -20.42 -7.69
HG21 TPO A 17 13.80 -22.84 -8.13
HG22 TPO A 17 15.49 -22.46 -7.81
HG23 TPO A 17 14.96 -22.74 -9.47
N PRO A 18 11.42 -19.20 -8.56
CA PRO A 18 10.86 -17.96 -8.00
C PRO A 18 11.57 -17.61 -6.66
N LYS A 19 11.89 -16.33 -6.47
CA LYS A 19 12.54 -15.84 -5.25
C LYS A 19 12.17 -14.36 -5.02
N GLY A 20 11.98 -14.00 -3.74
CA GLY A 20 11.43 -12.70 -3.35
C GLY A 20 9.97 -12.85 -2.93
N ALA A 21 9.71 -13.88 -2.10
CA ALA A 21 8.36 -14.23 -1.60
C ALA A 21 8.02 -13.45 -0.31
N ASN A 22 8.40 -12.16 -0.32
CA ASN A 22 8.23 -11.25 0.82
C ASN A 22 6.76 -10.82 0.93
N ARG A 23 5.96 -11.64 1.65
CA ARG A 23 4.53 -11.42 1.83
C ARG A 23 4.29 -10.31 2.86
N LYS A 24 4.29 -9.06 2.38
CA LYS A 24 4.11 -7.85 3.20
C LYS A 24 3.13 -6.88 2.54
N LYS A 25 2.59 -5.97 3.38
CA LYS A 25 1.66 -4.92 2.95
C LYS A 25 2.43 -3.67 2.46
N ASN A 26 3.69 -3.55 2.92
CA ASN A 26 4.62 -2.49 2.49
C ASN A 26 5.25 -2.89 1.14
N LEU A 27 5.57 -1.88 0.32
CA LEU A 27 6.28 -2.06 -0.96
C LEU A 27 7.79 -2.20 -0.69
N PRO A 28 8.46 -3.34 -1.12
CA PRO A 28 9.93 -3.49 -1.06
C PRO A 28 10.66 -2.32 -1.77
N PRO A 29 11.75 -1.73 -1.14
CA PRO A 29 12.42 -0.49 -1.63
C PRO A 29 12.92 -0.59 -3.09
N LYS A 30 12.25 0.19 -3.96
CA LYS A 30 12.62 0.41 -5.37
C LYS A 30 12.56 -0.90 -6.21
N VAL A 31 11.34 -1.39 -6.49
CA VAL A 31 11.10 -2.55 -7.38
C VAL A 31 10.05 -2.17 -8.47
N PRO A 32 10.37 -2.34 -9.80
CA PRO A 32 9.39 -2.16 -10.90
C PRO A 32 8.46 -3.40 -11.06
N ILE A 33 7.87 -3.83 -9.94
CA ILE A 33 6.86 -4.89 -9.88
C ILE A 33 5.68 -4.33 -9.08
N TPO A 34 4.51 -4.23 -9.73
CA TPO A 34 3.27 -3.78 -9.09
CB TPO A 34 2.28 -3.21 -10.17
CG2 TPO A 34 1.05 -2.54 -9.53
OG1 TPO A 34 2.98 -2.23 -10.99
P TPO A 34 3.37 -2.48 -12.53
O1P TPO A 34 4.87 -3.03 -12.49
O2P TPO A 34 2.59 -3.55 -13.19
O3P TPO A 34 3.46 -1.24 -13.32
C TPO A 34 2.61 -4.95 -8.34
O TPO A 34 2.14 -5.92 -8.97
H TPO A 34 4.50 -4.45 -10.68
HA TPO A 34 3.52 -2.98 -8.40
HB TPO A 34 1.94 -4.03 -10.81
HG21 TPO A 34 0.51 -3.26 -8.93
HG22 TPO A 34 0.40 -2.16 -10.30
HG23 TPO A 34 1.36 -1.73 -8.89
N PRO A 35 2.61 -4.94 -6.95
CA PRO A 35 1.95 -6.00 -6.14
C PRO A 35 0.46 -5.68 -5.82
N MET A 36 0.07 -4.40 -6.00
CA MET A 36 -1.24 -3.86 -5.59
C MET A 36 -1.57 -4.21 -4.10
N PRO A 37 -0.86 -3.59 -3.11
CA PRO A 37 -1.17 -3.79 -1.68
C PRO A 37 -2.41 -2.98 -1.24
N GLN A 38 -2.90 -3.29 -0.03
CA GLN A 38 -4.04 -2.58 0.58
C GLN A 38 -3.61 -1.14 0.95
N TYR A 39 -3.78 -0.20 0.00
CA TYR A 39 -3.32 1.20 0.13
C TYR A 39 -4.11 1.98 1.21
N SER A 40 -5.22 1.38 1.69
CA SER A 40 -6.03 1.91 2.81
C SER A 40 -5.22 2.04 4.13
N ILE A 41 -3.98 1.50 4.15
CA ILE A 41 -3.07 1.57 5.32
C ILE A 41 -2.30 2.90 5.41
N MET A 42 -2.70 3.93 4.61
CA MET A 42 -2.14 5.32 4.72
C MET A 42 -2.36 5.91 6.13
N GLU A 43 -1.55 6.94 6.47
CA GLU A 43 -1.57 7.61 7.80
C GLU A 43 -2.95 8.22 8.08
N TPO A 44 -3.32 8.29 9.37
CA TPO A 44 -4.65 8.74 9.86
CB TPO A 44 -4.71 8.80 11.44
CG2 TPO A 44 -6.12 9.13 11.95
OG1 TPO A 44 -4.28 7.55 12.02
P TPO A 44 -2.73 7.22 12.30
O1P TPO A 44 -1.86 8.37 12.08
O2P TPO A 44 -2.47 6.48 13.55
O3P TPO A 44 -2.33 6.20 11.14
C TPO A 44 -5.08 10.12 9.25
O TPO A 44 -6.17 10.19 8.67
H TPO A 44 -2.67 8.03 10.05
HA TPO A 44 -5.37 7.99 9.53
HB TPO A 44 -4.04 9.58 11.77
HG21 TPO A 44 -6.82 8.37 11.61
HG22 TPO A 44 -6.44 10.09 11.57
HG23 TPO A 44 -6.13 9.15 13.04
N PRO A 45 -4.22 11.23 9.34
CA PRO A 45 -4.60 12.55 8.77
C PRO A 45 -4.74 12.52 7.23
N VAL A 46 -3.80 11.82 6.55
CA VAL A 46 -3.69 11.82 5.07
C VAL A 46 -4.84 11.01 4.45
N LEU A 47 -4.98 9.75 4.92
CA LEU A 47 -6.05 8.81 4.48
C LEU A 47 -7.44 9.43 4.63
N LYS A 48 -7.68 10.04 5.82
CA LYS A 48 -8.97 10.72 6.15
C LYS A 48 -9.23 11.90 5.22
N LYS A 49 -8.14 12.62 4.89
CA LYS A 49 -8.21 13.81 4.03
C LYS A 49 -8.62 13.41 2.61
N GLU A 50 -7.97 12.36 2.08
CA GLU A 50 -8.22 11.83 0.72
C GLU A 50 -9.57 11.10 0.65
N LEU A 51 -10.01 10.55 1.79
CA LEU A 51 -11.34 9.92 1.97
C LEU A 51 -12.42 10.99 1.72
N ASP A 52 -12.17 12.17 2.33
CA ASP A 52 -13.07 13.33 2.26
C ASP A 52 -12.97 14.03 0.88
N ARG A 53 -11.77 13.98 0.25
CA ARG A 53 -11.52 14.58 -1.08
C ARG A 53 -12.22 13.77 -2.20
N PHE A 54 -12.09 12.43 -2.15
CA PHE A 54 -12.77 11.53 -3.10
C PHE A 54 -14.27 11.44 -2.77
N GLY A 55 -14.63 11.83 -1.51
CA GLY A 55 -16.00 11.75 -1.01
C GLY A 55 -16.58 10.35 -1.13
N VAL A 56 -15.75 9.33 -0.77
CA VAL A 56 -16.12 7.92 -0.93
C VAL A 56 -17.28 7.57 0.03
N ARG A 57 -18.30 6.86 -0.51
CA ARG A 57 -19.54 6.53 0.21
C ARG A 57 -19.26 5.51 1.33
N PRO A 58 -19.83 5.72 2.58
CA PRO A 58 -19.61 4.81 3.72
C PRO A 58 -20.32 3.44 3.54
N LEU A 59 -19.63 2.53 2.84
CA LEU A 59 -20.00 1.11 2.75
C LEU A 59 -19.25 0.33 3.87
N PRO A 60 -19.74 -0.89 4.29
CA PRO A 60 -18.98 -1.82 5.19
C PRO A 60 -17.48 -1.92 4.81
N LYS A 61 -16.60 -1.99 5.84
CA LYS A 61 -15.15 -1.80 5.70
C LYS A 61 -14.49 -2.77 4.69
N ARG A 62 -15.09 -3.97 4.51
CA ARG A 62 -14.64 -4.94 3.50
C ARG A 62 -14.86 -4.36 2.09
N GLN A 63 -16.07 -3.89 1.81
CA GLN A 63 -16.42 -3.28 0.52
C GLN A 63 -15.63 -1.98 0.28
N MET A 64 -15.28 -1.30 1.39
CA MET A 64 -14.56 -0.01 1.35
C MET A 64 -13.06 -0.20 1.06
N VAL A 65 -12.44 -1.26 1.64
CA VAL A 65 -11.00 -1.55 1.42
C VAL A 65 -10.79 -2.05 -0.03
N LEU A 66 -11.81 -2.76 -0.56
CA LEU A 66 -11.83 -3.20 -1.97
C LEU A 66 -12.05 -1.98 -2.88
N LYS A 67 -12.90 -1.04 -2.44
CA LYS A 67 -13.19 0.21 -3.17
C LYS A 67 -11.93 1.08 -3.33
N LEU A 68 -11.16 1.22 -2.24
CA LEU A 68 -9.90 2.00 -2.22
C LEU A 68 -8.77 1.23 -2.91
N LYS A 69 -8.90 -0.12 -3.00
CA LYS A 69 -7.98 -0.97 -3.78
C LYS A 69 -8.21 -0.73 -5.29
N GLU A 70 -9.51 -0.54 -5.66
CA GLU A 70 -9.92 -0.18 -7.03
C GLU A 70 -9.34 1.17 -7.42
N ILE A 71 -9.53 2.18 -6.54
CA ILE A 71 -9.03 3.56 -6.75
C ILE A 71 -7.49 3.55 -6.92
N PHE A 72 -6.82 2.68 -6.12
CA PHE A 72 -5.36 2.49 -6.18
C PHE A 72 -4.93 1.83 -7.52
N GLN A 73 -5.81 0.98 -8.07
CA GLN A 73 -5.59 0.31 -9.36
C GLN A 73 -5.61 1.33 -10.52
N TYR A 74 -6.50 2.34 -10.40
CA TYR A 74 -6.72 3.36 -11.46
C TYR A 74 -5.64 4.45 -11.41
N THR A 75 -5.21 4.82 -10.20
CA THR A 75 -4.12 5.78 -9.96
C THR A 75 -2.76 5.12 -10.20
N HIS A 76 -2.71 3.79 -9.96
CA HIS A 76 -1.49 2.95 -10.00
C HIS A 76 -0.55 3.34 -8.83
N GLN A 77 0.14 4.51 -8.98
CA GLN A 77 1.00 5.18 -7.96
C GLN A 77 1.90 4.19 -7.15
N THR A 78 2.28 4.59 -5.91
CA THR A 78 3.10 3.77 -5.02
C THR A 78 2.39 3.60 -3.66
N LEU A 79 2.88 2.64 -2.86
CA LEU A 79 2.47 2.48 -1.44
C LEU A 79 3.04 3.69 -0.65
N ASP A 80 2.29 4.15 0.37
CA ASP A 80 2.61 5.37 1.14
C ASP A 80 3.96 5.30 1.86
N SER A 81 4.43 6.47 2.30
CA SER A 81 5.80 6.68 2.83
C SER A 81 5.96 6.27 4.31
N ASP A 82 5.14 5.31 4.80
CA ASP A 82 5.21 4.82 6.19
C ASP A 82 6.57 4.15 6.46
N SER A 83 6.97 3.20 5.59
CA SER A 83 8.23 2.46 5.74
C SER A 83 9.00 2.46 4.41
N GLU A 84 9.67 3.59 4.13
CA GLU A 84 10.72 3.65 3.09
C GLU A 84 12.03 3.07 3.66
N ASP A 85 12.07 2.98 5.02
CA ASP A 85 13.18 2.40 5.78
C ASP A 85 13.23 0.88 5.59
N GLU A 86 14.43 0.36 5.28
CA GLU A 86 14.71 -1.09 5.25
C GLU A 86 15.53 -1.50 6.52
N ALA A 1 20.28 0.80 5.21
CA ALA A 1 18.92 0.67 5.80
C ALA A 1 18.62 -0.81 6.09
N GLN A 2 17.40 -1.10 6.60
CA GLN A 2 16.98 -2.46 6.98
C GLN A 2 16.14 -3.13 5.85
N MET A 3 16.34 -2.67 4.60
CA MET A 3 15.70 -3.28 3.40
C MET A 3 16.80 -3.82 2.46
N PRO A 4 17.32 -5.06 2.69
CA PRO A 4 18.40 -5.64 1.84
C PRO A 4 17.89 -6.05 0.44
N SER A 5 18.74 -5.80 -0.57
CA SER A 5 18.50 -6.21 -1.96
C SER A 5 18.77 -7.72 -2.09
N ALA A 6 17.69 -8.51 -2.20
CA ALA A 6 17.75 -9.97 -2.31
C ALA A 6 16.82 -10.45 -3.44
N GLY A 7 17.29 -11.46 -4.19
CA GLY A 7 16.50 -12.06 -5.29
C GLY A 7 16.01 -13.46 -4.94
N GLY A 8 15.13 -13.55 -3.94
CA GLY A 8 14.58 -14.82 -3.47
C GLY A 8 13.22 -14.67 -2.83
N ALA A 9 12.45 -15.78 -2.81
CA ALA A 9 11.07 -15.82 -2.29
C ALA A 9 11.04 -15.60 -0.76
N GLN A 10 10.42 -14.48 -0.34
CA GLN A 10 10.30 -14.10 1.08
C GLN A 10 9.06 -14.75 1.72
N LYS A 11 9.09 -14.89 3.05
CA LYS A 11 7.95 -15.37 3.84
C LYS A 11 7.46 -14.25 4.80
N PRO A 12 6.50 -13.36 4.35
CA PRO A 12 5.83 -12.36 5.21
C PRO A 12 4.68 -13.00 6.03
N GLU A 13 3.99 -12.17 6.85
CA GLU A 13 2.86 -12.63 7.68
C GLU A 13 1.59 -12.78 6.84
N GLY A 14 0.89 -13.91 7.04
CA GLY A 14 -0.36 -14.23 6.33
C GLY A 14 -1.59 -13.59 6.95
N LEU A 15 -1.41 -12.85 8.06
CA LEU A 15 -2.48 -12.06 8.69
C LEU A 15 -2.31 -10.58 8.32
N GLU A 16 -3.39 -9.95 7.83
CA GLU A 16 -3.40 -8.54 7.38
C GLU A 16 -3.70 -7.61 8.57
N TPO A 17 -2.67 -7.30 9.38
CA TPO A 17 -2.75 -6.29 10.43
CB TPO A 17 -2.08 -6.77 11.77
CG2 TPO A 17 -2.84 -7.99 12.37
OG1 TPO A 17 -0.69 -7.13 11.54
P TPO A 17 0.45 -6.78 12.62
O1P TPO A 17 0.41 -8.01 13.65
O2P TPO A 17 1.82 -6.82 12.09
O3P TPO A 17 0.16 -5.60 13.45
C TPO A 17 -2.11 -4.98 9.94
O TPO A 17 -1.04 -5.02 9.33
H TPO A 17 -1.82 -7.78 9.24
HA TPO A 17 -3.81 -6.11 10.65
HB TPO A 17 -2.14 -5.96 12.49
HG21 TPO A 17 -2.83 -8.81 11.67
HG22 TPO A 17 -3.85 -7.71 12.60
HG23 TPO A 17 -2.34 -8.29 13.28
N PRO A 18 -2.77 -3.79 10.16
CA PRO A 18 -2.32 -2.51 9.58
C PRO A 18 -0.98 -2.00 10.16
N LYS A 19 0.14 -2.39 9.52
CA LYS A 19 1.44 -1.75 9.74
C LYS A 19 1.59 -0.59 8.76
N GLY A 20 1.60 -0.92 7.45
CA GLY A 20 1.82 0.06 6.40
C GLY A 20 3.28 0.47 6.25
N ALA A 21 3.65 1.00 5.08
CA ALA A 21 4.99 1.57 4.87
C ALA A 21 5.13 2.85 5.74
N ASN A 22 5.94 2.75 6.81
CA ASN A 22 6.09 3.83 7.83
C ASN A 22 6.60 5.14 7.18
N ARG A 23 7.52 4.98 6.21
CA ARG A 23 7.98 6.08 5.34
C ARG A 23 7.43 5.86 3.92
N LYS A 24 7.42 6.93 3.09
CA LYS A 24 6.93 6.84 1.70
C LYS A 24 7.99 6.11 0.84
N LYS A 25 7.78 4.79 0.67
CA LYS A 25 8.62 3.93 -0.16
C LYS A 25 7.73 3.17 -1.16
N ASN A 26 7.88 3.48 -2.47
CA ASN A 26 7.10 2.85 -3.57
C ASN A 26 7.64 1.43 -3.86
N LEU A 27 7.28 0.48 -2.97
CA LEU A 27 7.73 -0.93 -2.98
C LEU A 27 9.27 -1.05 -2.80
N PRO A 28 9.75 -1.45 -1.57
CA PRO A 28 11.19 -1.77 -1.34
C PRO A 28 11.56 -3.19 -1.87
N PRO A 29 12.88 -3.61 -1.81
CA PRO A 29 13.28 -5.02 -2.08
C PRO A 29 12.85 -5.96 -0.91
N LYS A 30 13.53 -7.12 -0.75
CA LYS A 30 13.16 -8.10 0.27
C LYS A 30 13.60 -7.65 1.67
N VAL A 31 12.71 -6.88 2.28
CA VAL A 31 12.83 -6.34 3.64
C VAL A 31 12.21 -7.34 4.65
N PRO A 32 12.94 -7.74 5.76
CA PRO A 32 12.39 -8.67 6.79
C PRO A 32 11.11 -8.15 7.49
N ILE A 33 10.94 -6.83 7.47
CA ILE A 33 9.72 -6.17 7.95
C ILE A 33 8.73 -6.12 6.76
N TPO A 34 7.54 -6.73 6.92
CA TPO A 34 6.50 -6.75 5.87
CB TPO A 34 5.27 -7.63 6.33
CG2 TPO A 34 4.24 -7.80 5.20
OG1 TPO A 34 5.75 -8.93 6.75
P TPO A 34 5.67 -9.43 8.27
O1P TPO A 34 6.89 -8.70 8.99
O2P TPO A 34 4.48 -8.96 8.99
O3P TPO A 34 5.96 -10.86 8.44
C TPO A 34 6.06 -5.30 5.54
O TPO A 34 5.41 -4.66 6.39
H TPO A 34 7.35 -7.18 7.75
HA TPO A 34 6.93 -7.21 4.98
HB TPO A 34 4.79 -7.12 7.16
HG21 TPO A 34 3.41 -8.39 5.57
HG22 TPO A 34 4.69 -8.30 4.35
HG23 TPO A 34 3.87 -6.83 4.88
N PRO A 35 6.43 -4.75 4.33
CA PRO A 35 6.34 -3.30 4.06
C PRO A 35 4.89 -2.79 4.05
N MET A 36 4.00 -3.53 3.35
CA MET A 36 2.58 -3.14 3.14
C MET A 36 2.49 -1.70 2.54
N PRO A 37 3.06 -1.45 1.31
CA PRO A 37 3.19 -0.09 0.73
C PRO A 37 1.94 0.38 -0.04
N GLN A 38 0.77 -0.17 0.33
CA GLN A 38 -0.53 0.15 -0.29
C GLN A 38 -1.15 1.39 0.41
N TYR A 39 -1.52 2.38 -0.39
CA TYR A 39 -2.02 3.69 0.07
C TYR A 39 -3.46 3.61 0.61
N SER A 40 -4.11 2.45 0.37
CA SER A 40 -5.44 2.15 0.90
C SER A 40 -5.46 2.04 2.44
N ILE A 41 -4.28 1.72 3.05
CA ILE A 41 -4.13 1.62 4.53
C ILE A 41 -3.29 2.78 5.11
N MET A 42 -3.23 3.91 4.34
CA MET A 42 -2.57 5.17 4.77
C MET A 42 -3.08 5.64 6.17
N GLU A 43 -2.25 6.43 6.88
CA GLU A 43 -2.51 6.92 8.26
C GLU A 43 -3.92 7.57 8.37
N TPO A 44 -4.69 7.19 9.42
CA TPO A 44 -6.14 7.50 9.54
CB TPO A 44 -6.72 6.93 10.89
CG2 TPO A 44 -8.26 7.00 10.92
OG1 TPO A 44 -6.32 5.55 11.07
P TPO A 44 -5.18 5.14 12.13
O1P TPO A 44 -4.77 6.24 13.00
O2P TPO A 44 -5.45 3.89 12.85
O3P TPO A 44 -3.89 4.83 11.24
C TPO A 44 -6.50 9.01 9.40
O TPO A 44 -7.43 9.32 8.67
H TPO A 44 -4.27 6.66 10.13
HA TPO A 44 -6.64 6.96 8.73
HB TPO A 44 -6.34 7.54 11.71
HG21 TPO A 44 -8.63 6.60 11.86
HG22 TPO A 44 -8.68 6.43 10.11
HG23 TPO A 44 -8.58 8.03 10.83
N PRO A 45 -5.79 9.99 10.10
CA PRO A 45 -6.03 11.46 9.91
C PRO A 45 -6.01 11.91 8.42
N VAL A 46 -4.87 11.66 7.73
CA VAL A 46 -4.69 12.06 6.31
C VAL A 46 -5.57 11.22 5.36
N LEU A 47 -5.82 9.94 5.72
CA LEU A 47 -6.64 9.03 4.91
C LEU A 47 -8.12 9.46 4.96
N LYS A 48 -8.55 9.97 6.13
CA LYS A 48 -9.91 10.53 6.33
C LYS A 48 -10.12 11.73 5.40
N LYS A 49 -9.09 12.59 5.34
CA LYS A 49 -9.08 13.75 4.43
C LYS A 49 -9.12 13.32 2.95
N GLU A 50 -8.37 12.24 2.62
CA GLU A 50 -8.30 11.69 1.24
C GLU A 50 -9.65 11.13 0.79
N LEU A 51 -10.30 10.35 1.67
CA LEU A 51 -11.59 9.72 1.39
C LEU A 51 -12.70 10.77 1.24
N ASP A 52 -12.70 11.77 2.13
CA ASP A 52 -13.72 12.85 2.13
C ASP A 52 -13.58 13.74 0.89
N ARG A 53 -12.34 14.17 0.59
CA ARG A 53 -12.01 15.03 -0.57
C ARG A 53 -12.31 14.32 -1.90
N PHE A 54 -12.05 13.01 -1.96
CA PHE A 54 -12.27 12.18 -3.16
C PHE A 54 -13.76 11.78 -3.30
N GLY A 55 -14.53 11.96 -2.20
CA GLY A 55 -15.98 11.75 -2.20
C GLY A 55 -16.39 10.32 -1.91
N VAL A 56 -15.47 9.55 -1.33
CA VAL A 56 -15.72 8.19 -0.85
C VAL A 56 -16.71 8.24 0.34
N ARG A 57 -17.89 7.63 0.14
CA ARG A 57 -18.90 7.49 1.20
C ARG A 57 -18.38 6.51 2.29
N PRO A 58 -18.71 6.74 3.61
CA PRO A 58 -18.21 5.90 4.71
C PRO A 58 -18.89 4.49 4.75
N LEU A 59 -18.43 3.61 3.86
CA LEU A 59 -18.79 2.18 3.83
C LEU A 59 -18.01 1.43 4.93
N PRO A 60 -18.52 0.24 5.42
CA PRO A 60 -17.71 -0.69 6.23
C PRO A 60 -16.39 -1.03 5.50
N LYS A 61 -15.27 -1.01 6.26
CA LYS A 61 -13.90 -0.92 5.71
C LYS A 61 -13.52 -2.04 4.72
N ARG A 62 -14.27 -3.16 4.72
CA ARG A 62 -14.06 -4.27 3.77
C ARG A 62 -14.35 -3.80 2.33
N GLN A 63 -15.54 -3.22 2.14
CA GLN A 63 -15.99 -2.68 0.85
C GLN A 63 -15.22 -1.41 0.46
N MET A 64 -14.81 -0.63 1.49
CA MET A 64 -14.08 0.63 1.30
C MET A 64 -12.68 0.36 0.73
N VAL A 65 -11.91 -0.53 1.39
CA VAL A 65 -10.52 -0.86 0.97
C VAL A 65 -10.52 -1.61 -0.38
N LEU A 66 -11.61 -2.39 -0.64
CA LEU A 66 -11.82 -3.12 -1.90
C LEU A 66 -12.04 -2.15 -3.07
N LYS A 67 -12.86 -1.12 -2.83
CA LYS A 67 -13.21 -0.13 -3.86
C LYS A 67 -12.00 0.73 -4.22
N LEU A 68 -11.32 1.27 -3.20
CA LEU A 68 -10.12 2.11 -3.38
C LEU A 68 -8.96 1.31 -4.02
N LYS A 69 -8.90 -0.01 -3.71
CA LYS A 69 -7.93 -0.93 -4.33
C LYS A 69 -8.12 -0.98 -5.87
N GLU A 70 -9.39 -1.12 -6.28
CA GLU A 70 -9.80 -1.12 -7.71
C GLU A 70 -9.42 0.21 -8.39
N ILE A 71 -9.73 1.32 -7.70
CA ILE A 71 -9.48 2.69 -8.17
C ILE A 71 -7.98 2.94 -8.39
N PHE A 72 -7.15 2.43 -7.46
CA PHE A 72 -5.68 2.53 -7.57
C PHE A 72 -5.12 1.52 -8.60
N GLN A 73 -5.87 0.41 -8.83
CA GLN A 73 -5.41 -0.71 -9.70
C GLN A 73 -5.30 -0.28 -11.18
N TYR A 74 -6.42 0.20 -11.78
CA TYR A 74 -6.43 0.63 -13.21
C TYR A 74 -5.60 1.91 -13.43
N THR A 75 -5.39 2.68 -12.34
CA THR A 75 -4.62 3.95 -12.37
C THR A 75 -3.11 3.70 -12.23
N HIS A 76 -2.72 2.64 -11.49
CA HIS A 76 -1.32 2.47 -11.02
C HIS A 76 -1.04 0.99 -10.64
N GLN A 77 -0.09 0.35 -11.35
CA GLN A 77 0.36 -1.05 -11.08
C GLN A 77 1.89 -1.13 -11.06
N THR A 78 2.55 -0.02 -10.68
CA THR A 78 4.01 0.02 -10.52
C THR A 78 4.45 -0.85 -9.31
N LEU A 79 3.55 -0.96 -8.33
CA LEU A 79 3.68 -1.86 -7.16
C LEU A 79 2.87 -3.15 -7.41
N ASP A 80 2.76 -4.02 -6.38
CA ASP A 80 1.91 -5.21 -6.43
C ASP A 80 0.42 -4.81 -6.38
N SER A 81 -0.36 -5.25 -7.38
CA SER A 81 -1.79 -4.90 -7.53
C SER A 81 -2.68 -5.90 -6.78
N ASP A 82 -2.30 -6.20 -5.51
CA ASP A 82 -2.95 -7.20 -4.60
C ASP A 82 -2.68 -8.65 -5.04
N SER A 83 -3.04 -8.98 -6.28
CA SER A 83 -2.85 -10.31 -6.89
C SER A 83 -1.37 -10.75 -6.90
N GLU A 84 -1.14 -11.98 -6.41
CA GLU A 84 0.20 -12.62 -6.40
C GLU A 84 0.63 -12.98 -7.83
N ASP A 85 1.91 -12.75 -8.13
CA ASP A 85 2.50 -13.05 -9.45
C ASP A 85 3.93 -13.60 -9.27
N GLU A 86 4.03 -14.93 -9.16
CA GLU A 86 5.31 -15.65 -9.02
C GLU A 86 5.95 -15.79 -10.43
N ALA A 1 2.52 -26.10 -8.92
CA ALA A 1 1.11 -26.01 -8.49
C ALA A 1 0.92 -24.78 -7.58
N GLN A 2 -0.28 -24.67 -6.93
CA GLN A 2 -0.55 -23.61 -5.95
C GLN A 2 0.39 -23.78 -4.74
N MET A 3 1.20 -22.74 -4.47
CA MET A 3 2.16 -22.74 -3.37
C MET A 3 1.40 -22.73 -2.02
N PRO A 4 1.81 -23.59 -1.02
CA PRO A 4 1.10 -23.70 0.27
C PRO A 4 1.24 -22.43 1.14
N SER A 5 0.12 -22.05 1.75
CA SER A 5 0.02 -20.93 2.69
C SER A 5 0.40 -21.39 4.12
N ALA A 6 0.50 -20.44 5.07
CA ALA A 6 0.76 -20.75 6.49
C ALA A 6 -0.42 -21.52 7.12
N GLY A 7 -1.64 -21.16 6.69
CA GLY A 7 -2.86 -21.85 7.10
C GLY A 7 -3.04 -23.21 6.42
N GLY A 8 -2.36 -23.38 5.27
CA GLY A 8 -2.35 -24.65 4.54
C GLY A 8 -3.51 -24.79 3.55
N ALA A 9 -4.58 -24.01 3.74
CA ALA A 9 -5.74 -23.99 2.83
C ALA A 9 -5.43 -23.16 1.57
N GLN A 10 -5.69 -23.75 0.39
CA GLN A 10 -5.45 -23.09 -0.92
C GLN A 10 -6.50 -21.98 -1.17
N LYS A 11 -7.68 -22.15 -0.57
CA LYS A 11 -8.84 -21.25 -0.69
C LYS A 11 -9.30 -20.80 0.72
N PRO A 12 -10.23 -19.78 0.85
CA PRO A 12 -10.96 -19.53 2.12
C PRO A 12 -11.79 -20.77 2.56
N GLU A 13 -11.15 -21.65 3.33
CA GLU A 13 -11.72 -22.93 3.79
C GLU A 13 -11.74 -22.94 5.33
N GLY A 14 -12.09 -21.78 5.89
CA GLY A 14 -11.89 -21.51 7.32
C GLY A 14 -10.53 -20.87 7.55
N LEU A 15 -10.26 -20.46 8.81
CA LEU A 15 -9.02 -19.72 9.19
C LEU A 15 -8.91 -18.38 8.41
N GLU A 16 -10.05 -17.90 7.90
CA GLU A 16 -10.12 -16.78 6.94
C GLU A 16 -10.52 -15.45 7.61
N TPO A 17 -10.78 -15.47 8.93
CA TPO A 17 -11.00 -14.24 9.73
CB TPO A 17 -11.56 -14.58 11.16
CG2 TPO A 17 -12.93 -15.26 11.08
OG1 TPO A 17 -10.63 -15.44 11.88
P TPO A 17 -10.12 -15.09 13.36
O1P TPO A 17 -11.19 -15.77 14.34
O2P TPO A 17 -8.85 -15.73 13.71
O3P TPO A 17 -10.17 -13.67 13.70
C TPO A 17 -9.69 -13.42 9.82
O TPO A 17 -8.62 -14.03 9.69
H TPO A 17 -10.80 -16.33 9.39
HA TPO A 17 -11.76 -13.63 9.21
HB TPO A 17 -11.68 -13.64 11.70
HG21 TPO A 17 -13.64 -14.62 10.59
HG22 TPO A 17 -13.28 -15.49 12.08
HG23 TPO A 17 -12.84 -16.20 10.52
N PRO A 18 -9.73 -12.04 10.03
CA PRO A 18 -8.52 -11.18 10.04
C PRO A 18 -7.46 -11.68 11.05
N LYS A 19 -6.50 -12.47 10.54
CA LYS A 19 -5.51 -13.19 11.35
C LYS A 19 -4.10 -12.69 11.05
N GLY A 20 -3.25 -12.67 12.10
CA GLY A 20 -1.85 -12.28 11.97
C GLY A 20 -1.64 -10.84 11.48
N ALA A 21 -0.40 -10.57 11.08
CA ALA A 21 0.06 -9.31 10.50
C ALA A 21 1.57 -9.44 10.24
N ASN A 22 1.92 -9.83 9.00
CA ASN A 22 3.30 -10.21 8.63
C ASN A 22 4.25 -9.00 8.68
N ARG A 23 5.57 -9.28 8.69
CA ARG A 23 6.64 -8.27 8.60
C ARG A 23 6.38 -7.35 7.39
N LYS A 24 6.23 -6.02 7.65
CA LYS A 24 5.81 -5.05 6.62
C LYS A 24 6.87 -4.89 5.51
N LYS A 25 6.78 -5.78 4.50
CA LYS A 25 7.59 -5.76 3.30
C LYS A 25 6.65 -5.44 2.13
N ASN A 26 5.75 -6.40 1.85
CA ASN A 26 4.72 -6.32 0.79
C ASN A 26 3.91 -7.62 0.80
N LEU A 27 3.09 -7.85 -0.24
CA LEU A 27 2.51 -9.18 -0.50
C LEU A 27 3.27 -9.79 -1.71
N PRO A 28 4.21 -10.75 -1.45
CA PRO A 28 4.94 -11.47 -2.53
C PRO A 28 4.06 -12.59 -3.16
N PRO A 29 4.22 -12.86 -4.51
CA PRO A 29 3.58 -14.02 -5.18
C PRO A 29 4.34 -15.34 -4.92
N LYS A 30 5.47 -15.25 -4.17
CA LYS A 30 6.29 -16.40 -3.77
C LYS A 30 5.45 -17.45 -3.02
N VAL A 31 5.02 -17.09 -1.80
CA VAL A 31 4.10 -17.89 -0.96
C VAL A 31 2.93 -16.97 -0.54
N PRO A 32 1.67 -17.50 -0.37
CA PRO A 32 0.49 -16.69 0.07
C PRO A 32 0.65 -16.16 1.52
N ILE A 33 1.34 -15.01 1.62
CA ILE A 33 1.63 -14.30 2.88
C ILE A 33 0.42 -13.44 3.32
N TPO A 34 0.28 -13.26 4.65
CA TPO A 34 -0.67 -12.31 5.25
CB TPO A 34 -0.55 -12.37 6.81
CG2 TPO A 34 -1.59 -11.47 7.51
OG1 TPO A 34 -0.73 -13.75 7.25
P TPO A 34 0.52 -14.73 7.54
O1P TPO A 34 0.34 -15.18 9.06
O2P TPO A 34 0.47 -15.99 6.76
O3P TPO A 34 1.83 -14.07 7.50
C TPO A 34 -0.41 -10.87 4.70
O TPO A 34 0.66 -10.31 4.97
H TPO A 34 0.84 -13.79 5.25
HA TPO A 34 -1.67 -12.63 4.98
HB TPO A 34 0.45 -12.02 7.10
HG21 TPO A 34 -1.47 -11.54 8.59
HG22 TPO A 34 -2.58 -11.78 7.23
HG23 TPO A 34 -1.44 -10.44 7.21
N PRO A 35 -1.38 -10.29 3.92
CA PRO A 35 -1.16 -9.01 3.18
C PRO A 35 -0.97 -7.79 4.10
N MET A 36 -0.66 -6.63 3.48
CA MET A 36 -0.15 -5.45 4.20
C MET A 36 -0.15 -4.16 3.33
N PRO A 37 0.40 -4.14 2.06
CA PRO A 37 0.56 -2.86 1.28
C PRO A 37 -0.77 -2.21 0.80
N GLN A 38 -1.92 -2.76 1.24
CA GLN A 38 -3.25 -2.15 1.05
C GLN A 38 -3.28 -0.70 1.59
N TYR A 39 -3.79 0.22 0.75
CA TYR A 39 -3.76 1.68 1.02
C TYR A 39 -4.59 2.05 2.28
N SER A 40 -5.50 1.16 2.68
CA SER A 40 -6.43 1.40 3.80
C SER A 40 -5.75 1.26 5.19
N ILE A 41 -4.44 0.90 5.25
CA ILE A 41 -3.68 0.85 6.53
C ILE A 41 -3.17 2.24 6.97
N MET A 42 -3.20 3.24 6.05
CA MET A 42 -2.66 4.60 6.30
C MET A 42 -3.38 5.27 7.48
N GLU A 43 -2.65 6.15 8.21
CA GLU A 43 -3.15 6.81 9.44
C GLU A 43 -4.46 7.59 9.16
N TPO A 44 -5.42 7.45 10.09
CA TPO A 44 -6.79 7.95 9.95
CB TPO A 44 -7.69 7.53 11.18
CG2 TPO A 44 -8.12 6.06 11.11
OG1 TPO A 44 -6.94 7.74 12.41
P TPO A 44 -7.48 8.66 13.61
O1P TPO A 44 -6.41 9.23 14.44
O2P TPO A 44 -8.50 9.64 13.22
O3P TPO A 44 -8.25 7.63 14.58
C TPO A 44 -6.91 9.48 9.67
O TPO A 44 -7.79 9.85 8.89
H TPO A 44 -5.19 6.98 10.91
HA TPO A 44 -7.21 7.45 9.08
HB TPO A 44 -8.58 8.15 11.19
HG21 TPO A 44 -8.69 5.89 10.21
HG22 TPO A 44 -8.73 5.80 11.97
HG23 TPO A 44 -7.24 5.42 11.10
N PRO A 45 -6.08 10.43 10.27
CA PRO A 45 -6.19 11.87 9.93
C PRO A 45 -5.97 12.14 8.42
N VAL A 46 -4.79 11.75 7.90
CA VAL A 46 -4.42 12.01 6.49
C VAL A 46 -5.32 11.21 5.50
N LEU A 47 -5.58 9.92 5.83
CA LEU A 47 -6.29 9.00 4.94
C LEU A 47 -7.78 9.40 4.79
N LYS A 48 -8.43 9.73 5.92
CA LYS A 48 -9.88 10.09 5.94
C LYS A 48 -10.13 11.42 5.22
N LYS A 49 -9.20 12.39 5.38
CA LYS A 49 -9.29 13.69 4.69
C LYS A 49 -9.34 13.49 3.16
N GLU A 50 -8.30 12.81 2.61
CA GLU A 50 -8.18 12.59 1.15
C GLU A 50 -9.25 11.60 0.62
N LEU A 51 -9.79 10.74 1.51
CA LEU A 51 -10.89 9.81 1.19
C LEU A 51 -12.18 10.61 0.88
N ASP A 52 -12.45 11.60 1.76
CA ASP A 52 -13.63 12.47 1.66
C ASP A 52 -13.42 13.56 0.57
N ARG A 53 -12.15 13.94 0.34
CA ARG A 53 -11.74 14.87 -0.75
C ARG A 53 -11.86 14.18 -2.12
N PHE A 54 -11.73 12.84 -2.10
CA PHE A 54 -11.86 11.99 -3.30
C PHE A 54 -13.35 11.65 -3.56
N GLY A 55 -14.23 12.07 -2.64
CA GLY A 55 -15.68 11.95 -2.81
C GLY A 55 -16.18 10.52 -2.64
N VAL A 56 -15.67 9.84 -1.61
CA VAL A 56 -16.09 8.46 -1.25
C VAL A 56 -16.86 8.51 0.08
N ARG A 57 -17.99 7.75 0.17
CA ARG A 57 -18.79 7.58 1.41
C ARG A 57 -17.96 6.86 2.51
N PRO A 58 -18.36 7.00 3.83
CA PRO A 58 -17.76 6.18 4.92
C PRO A 58 -18.21 4.69 4.80
N LEU A 59 -17.58 3.99 3.84
CA LEU A 59 -17.84 2.57 3.56
C LEU A 59 -17.28 1.70 4.71
N PRO A 60 -17.96 0.53 5.04
CA PRO A 60 -17.39 -0.46 5.97
C PRO A 60 -16.07 -1.04 5.41
N LYS A 61 -15.13 -1.41 6.30
CA LYS A 61 -13.72 -1.76 5.95
C LYS A 61 -13.59 -2.74 4.75
N ARG A 62 -14.52 -3.71 4.66
CA ARG A 62 -14.60 -4.65 3.53
C ARG A 62 -14.71 -3.90 2.17
N GLN A 63 -15.75 -3.05 2.06
CA GLN A 63 -16.04 -2.26 0.84
C GLN A 63 -15.02 -1.11 0.64
N MET A 64 -14.48 -0.60 1.75
CA MET A 64 -13.51 0.52 1.74
C MET A 64 -12.22 0.10 1.01
N VAL A 65 -11.57 -0.94 1.53
CA VAL A 65 -10.30 -1.44 0.97
C VAL A 65 -10.51 -2.03 -0.44
N LEU A 66 -11.66 -2.70 -0.67
CA LEU A 66 -11.93 -3.45 -1.93
C LEU A 66 -12.12 -2.50 -3.12
N LYS A 67 -12.95 -1.46 -2.91
CA LYS A 67 -13.32 -0.53 -3.99
C LYS A 67 -12.20 0.49 -4.24
N LEU A 68 -11.56 0.99 -3.16
CA LEU A 68 -10.38 1.88 -3.30
C LEU A 68 -9.19 1.13 -3.94
N LYS A 69 -9.09 -0.20 -3.66
CA LYS A 69 -8.12 -1.10 -4.33
C LYS A 69 -8.29 -0.97 -5.85
N GLU A 70 -9.52 -1.21 -6.32
CA GLU A 70 -9.88 -1.20 -7.76
C GLU A 70 -9.68 0.19 -8.41
N ILE A 71 -10.11 1.26 -7.69
CA ILE A 71 -10.01 2.64 -8.19
C ILE A 71 -8.55 3.04 -8.45
N PHE A 72 -7.66 2.73 -7.49
CA PHE A 72 -6.21 2.95 -7.65
C PHE A 72 -5.64 1.99 -8.71
N GLN A 73 -6.16 0.75 -8.72
CA GLN A 73 -5.65 -0.39 -9.53
C GLN A 73 -5.66 -0.12 -11.05
N TYR A 74 -6.57 0.77 -11.50
CA TYR A 74 -6.64 1.19 -12.91
C TYR A 74 -5.27 1.68 -13.46
N THR A 75 -4.56 2.53 -12.70
CA THR A 75 -3.22 3.06 -13.10
C THR A 75 -2.08 2.50 -12.20
N HIS A 76 -2.42 2.25 -10.92
CA HIS A 76 -1.48 1.78 -9.87
C HIS A 76 -1.97 0.44 -9.28
N GLN A 77 -1.45 -0.67 -9.81
CA GLN A 77 -1.81 -2.04 -9.36
C GLN A 77 -1.55 -2.23 -7.85
N THR A 78 -2.60 -2.65 -7.12
CA THR A 78 -2.50 -3.00 -5.70
C THR A 78 -1.97 -4.44 -5.58
N LEU A 79 -0.99 -4.67 -4.67
CA LEU A 79 -0.30 -5.97 -4.53
C LEU A 79 -1.20 -7.02 -3.86
N ASP A 80 -2.17 -6.53 -3.08
CA ASP A 80 -3.05 -7.37 -2.25
C ASP A 80 -4.05 -8.13 -3.15
N SER A 81 -3.99 -9.47 -3.08
CA SER A 81 -4.71 -10.39 -3.97
C SER A 81 -6.01 -10.89 -3.32
N ASP A 82 -6.61 -10.02 -2.48
CA ASP A 82 -7.87 -10.27 -1.76
C ASP A 82 -7.73 -11.41 -0.73
N SER A 83 -6.52 -11.50 -0.15
CA SER A 83 -6.19 -12.43 0.94
C SER A 83 -6.45 -11.77 2.33
N GLU A 84 -6.98 -10.52 2.32
CA GLU A 84 -7.29 -9.73 3.54
C GLU A 84 -8.79 -9.79 3.87
N ASP A 85 -9.15 -9.22 5.03
CA ASP A 85 -10.53 -9.14 5.53
C ASP A 85 -10.71 -7.83 6.33
N GLU A 86 -11.97 -7.51 6.70
CA GLU A 86 -12.33 -6.26 7.40
C GLU A 86 -11.61 -6.13 8.80
N ALA A 1 20.88 -10.41 -5.49
CA ALA A 1 20.60 -9.85 -4.15
C ALA A 1 19.18 -10.27 -3.69
N GLN A 2 19.10 -11.32 -2.87
CA GLN A 2 17.85 -11.72 -2.19
C GLN A 2 17.52 -10.66 -1.11
N MET A 3 16.48 -9.86 -1.38
CA MET A 3 16.03 -8.74 -0.52
C MET A 3 17.09 -7.60 -0.52
N PRO A 4 16.91 -6.55 -1.39
CA PRO A 4 17.77 -5.33 -1.37
C PRO A 4 17.91 -4.73 0.05
N SER A 5 19.07 -5.00 0.68
CA SER A 5 19.32 -4.69 2.11
C SER A 5 19.34 -3.17 2.38
N ALA A 6 18.14 -2.61 2.65
CA ALA A 6 17.93 -1.18 2.95
C ALA A 6 17.15 -1.06 4.26
N GLY A 7 15.93 -1.61 4.27
CA GLY A 7 15.06 -1.63 5.45
C GLY A 7 15.35 -2.80 6.37
N GLY A 8 16.52 -2.74 7.04
CA GLY A 8 16.95 -3.78 7.97
C GLY A 8 16.26 -3.66 9.32
N ALA A 9 14.95 -3.95 9.34
CA ALA A 9 14.13 -3.88 10.55
C ALA A 9 14.20 -5.20 11.34
N GLN A 10 15.37 -5.43 11.98
CA GLN A 10 15.58 -6.59 12.85
C GLN A 10 15.10 -6.28 14.28
N LYS A 11 14.39 -7.24 14.87
CA LYS A 11 13.92 -7.18 16.26
C LYS A 11 14.81 -8.09 17.13
N PRO A 12 14.92 -7.82 18.47
CA PRO A 12 15.67 -8.69 19.41
C PRO A 12 15.15 -10.13 19.41
N GLU A 13 16.04 -11.10 19.66
CA GLU A 13 15.73 -12.54 19.64
C GLU A 13 15.05 -12.94 20.98
N GLY A 14 13.84 -12.41 21.17
CA GLY A 14 13.04 -12.63 22.38
C GLY A 14 11.59 -12.26 22.15
N LEU A 15 11.15 -12.37 20.87
CA LEU A 15 9.77 -12.11 20.44
C LEU A 15 9.59 -12.68 19.03
N GLU A 16 8.49 -13.43 18.81
CA GLU A 16 8.15 -13.96 17.48
C GLU A 16 7.80 -12.79 16.54
N TPO A 17 8.47 -12.77 15.39
CA TPO A 17 8.26 -11.76 14.33
CB TPO A 17 9.41 -11.87 13.28
CG2 TPO A 17 10.73 -11.35 13.85
OG1 TPO A 17 9.56 -13.27 12.90
P TPO A 17 10.09 -13.74 11.46
O1P TPO A 17 11.67 -13.93 11.64
O2P TPO A 17 9.61 -15.06 11.05
O3P TPO A 17 9.97 -12.72 10.40
C TPO A 17 6.88 -11.95 13.67
O TPO A 17 6.37 -13.09 13.64
H TPO A 17 9.13 -13.47 15.23
HA TPO A 17 8.30 -10.78 14.79
HB TPO A 17 9.14 -11.29 12.41
HG21 TPO A 17 11.00 -11.92 14.74
HG22 TPO A 17 10.64 -10.31 14.12
HG23 TPO A 17 11.52 -11.46 13.11
N PRO A 18 6.21 -10.85 13.17
CA PRO A 18 4.90 -10.93 12.50
C PRO A 18 4.90 -11.87 11.25
N LYS A 19 4.58 -13.15 11.50
CA LYS A 19 4.45 -14.17 10.45
C LYS A 19 3.14 -13.93 9.70
N GLY A 20 3.25 -13.36 8.50
CA GLY A 20 2.11 -12.91 7.71
C GLY A 20 2.36 -11.50 7.16
N ALA A 21 3.25 -10.74 7.86
CA ALA A 21 3.70 -9.39 7.46
C ALA A 21 2.54 -8.37 7.43
N ASN A 22 1.50 -8.62 8.24
CA ASN A 22 0.31 -7.74 8.33
C ASN A 22 0.56 -6.55 9.28
N ARG A 23 1.42 -6.74 10.29
CA ARG A 23 1.68 -5.74 11.34
C ARG A 23 2.67 -4.65 10.84
N LYS A 24 2.15 -3.76 9.98
CA LYS A 24 2.91 -2.66 9.35
C LYS A 24 1.94 -1.65 8.71
N LYS A 25 2.47 -0.47 8.35
CA LYS A 25 1.70 0.63 7.70
C LYS A 25 2.17 0.83 6.25
N ASN A 26 3.44 0.47 5.99
CA ASN A 26 4.04 0.51 4.65
C ASN A 26 4.71 -0.83 4.35
N LEU A 27 4.80 -1.19 3.06
CA LEU A 27 5.49 -2.40 2.60
C LEU A 27 6.85 -1.93 2.06
N PRO A 28 7.99 -2.30 2.74
CA PRO A 28 9.32 -1.76 2.38
C PRO A 28 9.82 -2.29 1.02
N PRO A 29 10.51 -1.42 0.19
CA PRO A 29 11.20 -1.88 -1.05
C PRO A 29 12.44 -2.76 -0.76
N LYS A 30 12.68 -3.06 0.54
CA LYS A 30 13.71 -4.02 1.01
C LYS A 30 13.43 -5.42 0.46
N VAL A 31 12.15 -5.74 0.20
CA VAL A 31 11.76 -7.02 -0.44
C VAL A 31 11.95 -6.92 -1.97
N PRO A 32 12.31 -8.05 -2.67
CA PRO A 32 12.43 -8.07 -4.14
C PRO A 32 11.08 -8.39 -4.85
N ILE A 33 9.99 -8.44 -4.06
CA ILE A 33 8.61 -8.64 -4.57
C ILE A 33 7.95 -7.26 -4.80
N TPO A 34 7.22 -7.13 -5.91
CA TPO A 34 6.48 -5.91 -6.26
CB TPO A 34 6.06 -5.95 -7.77
CG2 TPO A 34 5.55 -4.58 -8.27
OG1 TPO A 34 7.21 -6.35 -8.57
P TPO A 34 7.30 -7.80 -9.27
O1P TPO A 34 8.01 -8.74 -8.20
O2P TPO A 34 5.99 -8.42 -9.52
O3P TPO A 34 8.21 -7.84 -10.43
C TPO A 34 5.21 -5.79 -5.36
O TPO A 34 4.31 -6.64 -5.45
H TPO A 34 7.18 -7.88 -6.53
HA TPO A 34 7.13 -5.05 -6.10
HB TPO A 34 5.26 -6.68 -7.90
HG21 TPO A 34 5.29 -4.65 -9.32
HG22 TPO A 34 6.34 -3.84 -8.15
HG23 TPO A 34 4.68 -4.28 -7.69
N PRO A 35 5.15 -4.77 -4.43
CA PRO A 35 4.07 -4.68 -3.42
C PRO A 35 2.73 -4.11 -3.98
N MET A 36 1.61 -4.73 -3.56
CA MET A 36 0.24 -4.25 -3.85
C MET A 36 -0.72 -4.72 -2.72
N PRO A 37 -0.62 -4.14 -1.49
CA PRO A 37 -1.45 -4.55 -0.35
C PRO A 37 -2.86 -3.90 -0.39
N GLN A 38 -2.97 -2.61 0.01
CA GLN A 38 -4.25 -1.91 0.09
C GLN A 38 -4.04 -0.41 0.39
N TYR A 39 -4.98 0.43 -0.06
CA TYR A 39 -4.96 1.90 0.23
C TYR A 39 -5.21 2.14 1.74
N SER A 40 -5.99 1.25 2.37
CA SER A 40 -6.37 1.36 3.79
C SER A 40 -5.20 1.04 4.75
N ILE A 41 -4.01 0.64 4.21
CA ILE A 41 -2.82 0.37 5.06
C ILE A 41 -2.12 1.70 5.46
N MET A 42 -2.47 2.78 4.73
CA MET A 42 -2.00 4.17 4.99
C MET A 42 -2.41 4.66 6.38
N GLU A 43 -1.76 5.74 6.83
CA GLU A 43 -2.06 6.40 8.11
C GLU A 43 -3.47 7.07 8.06
N TPO A 44 -4.17 7.07 9.20
CA TPO A 44 -5.56 7.57 9.30
CB TPO A 44 -6.18 7.24 10.71
CG2 TPO A 44 -6.59 5.76 10.84
OG1 TPO A 44 -5.21 7.56 11.73
P TPO A 44 -5.52 8.56 12.95
O1P TPO A 44 -4.43 9.50 13.24
O2P TPO A 44 -6.86 9.20 12.89
O3P TPO A 44 -5.60 7.61 14.23
C TPO A 44 -5.76 9.09 8.94
O TPO A 44 -6.83 9.41 8.42
H TPO A 44 -3.74 6.71 10.01
HA TPO A 44 -6.14 7.00 8.57
HB TPO A 44 -7.07 7.86 10.84
HG21 TPO A 44 -7.01 5.58 11.82
HG22 TPO A 44 -5.73 5.13 10.70
HG23 TPO A 44 -7.34 5.52 10.09
N PRO A 45 -4.77 10.04 9.20
CA PRO A 45 -4.92 11.45 8.73
C PRO A 45 -5.13 11.57 7.21
N VAL A 46 -4.28 10.86 6.43
CA VAL A 46 -4.36 10.87 4.96
C VAL A 46 -5.57 10.04 4.47
N LEU A 47 -5.92 8.95 5.20
CA LEU A 47 -7.09 8.11 4.86
C LEU A 47 -8.40 8.92 4.90
N LYS A 48 -8.57 9.70 5.97
CA LYS A 48 -9.74 10.57 6.17
C LYS A 48 -9.74 11.68 5.10
N LYS A 49 -8.56 12.25 4.86
CA LYS A 49 -8.36 13.40 3.95
C LYS A 49 -8.75 13.02 2.51
N GLU A 50 -8.32 11.83 2.07
CA GLU A 50 -8.55 11.30 0.71
C GLU A 50 -9.97 10.76 0.57
N LEU A 51 -10.51 10.16 1.65
CA LEU A 51 -11.91 9.67 1.69
C LEU A 51 -12.86 10.86 1.44
N ASP A 52 -12.56 11.96 2.13
CA ASP A 52 -13.32 13.21 2.04
C ASP A 52 -13.09 13.91 0.68
N ARG A 53 -11.85 13.82 0.16
CA ARG A 53 -11.46 14.45 -1.12
C ARG A 53 -12.14 13.76 -2.32
N PHE A 54 -12.23 12.42 -2.26
CA PHE A 54 -12.91 11.61 -3.31
C PHE A 54 -14.44 11.63 -3.07
N GLY A 55 -14.85 12.02 -1.85
CA GLY A 55 -16.26 12.00 -1.44
C GLY A 55 -16.84 10.60 -1.41
N VAL A 56 -16.05 9.64 -0.88
CA VAL A 56 -16.43 8.23 -0.82
C VAL A 56 -17.59 8.02 0.17
N ARG A 57 -18.59 7.24 -0.26
CA ARG A 57 -19.78 6.89 0.53
C ARG A 57 -19.39 6.04 1.78
N PRO A 58 -20.21 6.07 2.90
CA PRO A 58 -19.84 5.39 4.17
C PRO A 58 -19.98 3.85 4.09
N LEU A 59 -19.01 3.22 3.43
CA LEU A 59 -18.94 1.76 3.27
C LEU A 59 -18.18 1.14 4.46
N PRO A 60 -18.59 -0.08 4.96
CA PRO A 60 -17.85 -0.79 6.03
C PRO A 60 -16.44 -1.17 5.55
N LYS A 61 -15.50 -1.42 6.50
CA LYS A 61 -14.04 -1.50 6.24
C LYS A 61 -13.66 -2.34 4.98
N ARG A 62 -14.25 -3.54 4.83
CA ARG A 62 -13.92 -4.45 3.69
C ARG A 62 -14.45 -3.89 2.34
N GLN A 63 -15.65 -3.30 2.35
CA GLN A 63 -16.25 -2.65 1.16
C GLN A 63 -15.47 -1.37 0.78
N MET A 64 -15.05 -0.61 1.83
CA MET A 64 -14.33 0.66 1.71
C MET A 64 -12.95 0.43 1.07
N VAL A 65 -12.20 -0.52 1.64
CA VAL A 65 -10.84 -0.85 1.17
C VAL A 65 -10.90 -1.40 -0.27
N LEU A 66 -11.97 -2.16 -0.60
CA LEU A 66 -12.17 -2.73 -1.95
C LEU A 66 -12.21 -1.61 -3.00
N LYS A 67 -13.02 -0.58 -2.72
CA LYS A 67 -13.19 0.58 -3.61
C LYS A 67 -11.88 1.36 -3.77
N LEU A 68 -11.22 1.61 -2.62
CA LEU A 68 -9.96 2.38 -2.57
C LEU A 68 -8.77 1.56 -3.14
N LYS A 69 -8.91 0.22 -3.21
CA LYS A 69 -7.96 -0.67 -3.92
C LYS A 69 -8.08 -0.46 -5.43
N GLU A 70 -9.34 -0.41 -5.91
CA GLU A 70 -9.65 -0.20 -7.34
C GLU A 70 -9.10 1.17 -7.79
N ILE A 71 -9.40 2.21 -7.00
CA ILE A 71 -8.93 3.60 -7.22
C ILE A 71 -7.39 3.65 -7.34
N PHE A 72 -6.72 2.90 -6.45
CA PHE A 72 -5.25 2.83 -6.38
C PHE A 72 -4.66 1.97 -7.53
N GLN A 73 -5.47 1.00 -8.01
CA GLN A 73 -5.04 0.04 -9.05
C GLN A 73 -5.21 0.64 -10.47
N TYR A 74 -6.10 1.65 -10.61
CA TYR A 74 -6.30 2.38 -11.89
C TYR A 74 -5.00 3.11 -12.29
N THR A 75 -4.25 3.55 -11.27
CA THR A 75 -2.97 4.26 -11.44
C THR A 75 -1.76 3.30 -11.28
N HIS A 76 -2.02 2.07 -10.74
CA HIS A 76 -1.02 0.97 -10.59
C HIS A 76 0.18 1.35 -9.69
N GLN A 77 -0.01 2.38 -8.84
CA GLN A 77 1.09 2.95 -8.02
C GLN A 77 1.46 2.05 -6.83
N THR A 78 2.70 2.20 -6.34
CA THR A 78 3.15 1.56 -5.10
C THR A 78 2.88 2.48 -3.91
N LEU A 79 2.67 1.86 -2.75
CA LEU A 79 2.31 2.55 -1.49
C LEU A 79 3.52 3.28 -0.88
N ASP A 80 4.73 2.74 -1.10
CA ASP A 80 5.96 3.29 -0.52
C ASP A 80 6.44 4.49 -1.36
N SER A 81 6.98 5.50 -0.68
CA SER A 81 7.58 6.69 -1.31
C SER A 81 9.08 6.70 -0.98
N ASP A 82 9.78 5.60 -1.40
CA ASP A 82 11.20 5.30 -1.09
C ASP A 82 11.36 4.80 0.36
N SER A 83 10.82 5.58 1.32
CA SER A 83 10.88 5.30 2.76
C SER A 83 10.37 3.89 3.12
N GLU A 84 11.34 3.01 3.44
CA GLU A 84 11.08 1.69 4.05
C GLU A 84 10.72 1.84 5.54
N ASP A 85 11.11 2.99 6.14
CA ASP A 85 10.85 3.34 7.53
C ASP A 85 9.37 3.74 7.74
N GLU A 86 8.86 3.52 8.96
CA GLU A 86 7.48 3.81 9.35
C GLU A 86 7.44 4.37 10.81
N ALA A 1 6.74 -23.84 5.33
CA ALA A 1 5.76 -22.73 5.43
C ALA A 1 5.44 -22.15 4.04
N GLN A 2 4.15 -21.95 3.75
CA GLN A 2 3.66 -21.36 2.49
C GLN A 2 2.32 -20.63 2.74
N MET A 3 1.61 -20.27 1.64
CA MET A 3 0.25 -19.68 1.72
C MET A 3 -0.74 -20.67 2.38
N PRO A 4 -1.70 -20.18 3.24
CA PRO A 4 -2.74 -21.03 3.88
C PRO A 4 -3.79 -21.52 2.86
N SER A 5 -3.89 -22.85 2.70
CA SER A 5 -4.83 -23.46 1.74
C SER A 5 -5.22 -24.87 2.24
N ALA A 6 -6.42 -24.96 2.87
CA ALA A 6 -6.94 -26.23 3.41
C ALA A 6 -7.87 -26.92 2.40
N GLY A 7 -8.52 -26.11 1.54
CA GLY A 7 -9.40 -26.62 0.48
C GLY A 7 -8.63 -26.96 -0.80
N GLY A 8 -7.42 -26.41 -0.93
CA GLY A 8 -6.55 -26.65 -2.09
C GLY A 8 -7.02 -25.93 -3.34
N ALA A 9 -7.51 -26.70 -4.34
CA ALA A 9 -8.05 -26.16 -5.60
C ALA A 9 -9.51 -25.69 -5.40
N GLN A 10 -10.12 -26.10 -4.27
CA GLN A 10 -11.50 -25.74 -3.93
C GLN A 10 -11.51 -24.56 -2.93
N LYS A 11 -12.43 -23.60 -3.15
CA LYS A 11 -12.62 -22.45 -2.26
C LYS A 11 -13.39 -22.86 -0.99
N PRO A 12 -13.24 -22.11 0.16
CA PRO A 12 -14.02 -22.37 1.40
C PRO A 12 -15.53 -22.09 1.22
N GLU A 13 -16.26 -23.12 0.71
CA GLU A 13 -17.71 -23.06 0.48
C GLU A 13 -18.46 -23.18 1.83
N GLY A 14 -18.58 -22.05 2.53
CA GLY A 14 -19.22 -22.00 3.83
C GLY A 14 -19.54 -20.57 4.22
N LEU A 15 -18.66 -19.94 5.02
CA LEU A 15 -18.85 -18.56 5.52
C LEU A 15 -17.62 -17.69 5.20
N GLU A 16 -17.85 -16.36 5.21
CA GLU A 16 -16.81 -15.34 5.00
C GLU A 16 -16.01 -15.12 6.29
N TPO A 17 -14.75 -14.62 6.17
CA TPO A 17 -13.87 -14.32 7.31
CB TPO A 17 -12.47 -13.80 6.82
CG2 TPO A 17 -11.79 -14.81 5.88
OG1 TPO A 17 -12.62 -12.53 6.15
P TPO A 17 -11.38 -11.48 6.10
O1P TPO A 17 -10.91 -11.50 4.57
O2P TPO A 17 -11.79 -10.07 6.32
O3P TPO A 17 -10.20 -11.88 6.85
C TPO A 17 -14.51 -13.27 8.24
O TPO A 17 -15.20 -12.34 7.77
H TPO A 17 -14.42 -14.42 5.26
HA TPO A 17 -13.72 -15.24 7.85
HB TPO A 17 -11.84 -13.68 7.70
HG21 TPO A 17 -11.66 -15.75 6.40
HG22 TPO A 17 -10.84 -14.43 5.56
HG23 TPO A 17 -12.42 -14.97 5.00
N PRO A 18 -14.31 -13.38 9.61
CA PRO A 18 -14.90 -12.45 10.61
C PRO A 18 -14.21 -11.05 10.65
N LYS A 19 -13.30 -10.79 9.68
CA LYS A 19 -12.62 -9.48 9.47
C LYS A 19 -11.83 -9.06 10.72
N GLY A 20 -10.61 -9.59 10.85
CA GLY A 20 -9.76 -9.35 12.01
C GLY A 20 -9.06 -8.00 11.99
N ALA A 21 -8.65 -7.54 13.18
CA ALA A 21 -7.86 -6.30 13.33
C ALA A 21 -6.42 -6.54 12.84
N ASN A 22 -6.20 -6.28 11.54
CA ASN A 22 -4.92 -6.53 10.84
C ASN A 22 -3.93 -5.37 11.07
N ARG A 23 -2.66 -5.73 11.32
CA ARG A 23 -1.54 -4.77 11.43
C ARG A 23 -1.18 -4.19 10.05
N LYS A 24 -0.48 -3.02 10.06
CA LYS A 24 -0.20 -2.26 8.83
C LYS A 24 0.85 -2.97 7.95
N LYS A 25 0.40 -3.41 6.76
CA LYS A 25 1.21 -4.14 5.78
C LYS A 25 1.45 -3.26 4.54
N ASN A 26 2.68 -3.35 3.99
CA ASN A 26 3.12 -2.57 2.81
C ASN A 26 2.78 -3.31 1.49
N LEU A 27 3.50 -2.98 0.39
CA LEU A 27 3.33 -3.60 -0.94
C LEU A 27 3.47 -5.16 -0.92
N PRO A 28 4.59 -5.78 -0.38
CA PRO A 28 4.80 -7.25 -0.47
C PRO A 28 3.95 -8.08 0.54
N PRO A 29 3.04 -8.97 0.06
CA PRO A 29 2.41 -10.01 0.91
C PRO A 29 3.38 -11.19 1.11
N LYS A 30 3.62 -11.57 2.40
CA LYS A 30 4.56 -12.64 2.77
C LYS A 30 4.13 -14.00 2.19
N VAL A 31 2.86 -14.35 2.40
CA VAL A 31 2.23 -15.52 1.77
C VAL A 31 1.85 -15.16 0.31
N PRO A 32 2.12 -16.09 -0.69
CA PRO A 32 1.78 -15.89 -2.14
C PRO A 32 0.37 -15.34 -2.42
N ILE A 33 0.26 -14.01 -2.35
CA ILE A 33 -0.95 -13.22 -2.64
C ILE A 33 -0.55 -12.11 -3.63
N TPO A 34 -1.48 -11.75 -4.52
CA TPO A 34 -1.30 -10.69 -5.55
CB TPO A 34 -2.65 -10.43 -6.28
CG2 TPO A 34 -2.50 -9.55 -7.53
OG1 TPO A 34 -3.22 -11.70 -6.66
P TPO A 34 -4.65 -12.21 -6.13
O1P TPO A 34 -4.36 -12.77 -4.66
O2P TPO A 34 -5.63 -11.13 -5.94
O3P TPO A 34 -5.17 -13.38 -6.85
C TPO A 34 -0.77 -9.36 -4.95
O TPO A 34 -1.33 -8.89 -3.94
H TPO A 34 -2.34 -12.21 -4.50
HA TPO A 34 -0.60 -11.08 -6.27
HB TPO A 34 -3.33 -9.94 -5.58
HG21 TPO A 34 -3.46 -9.40 -8.01
HG22 TPO A 34 -1.83 -10.02 -8.24
HG23 TPO A 34 -2.10 -8.59 -7.25
N PRO A 35 0.33 -8.75 -5.53
CA PRO A 35 0.82 -7.39 -5.14
C PRO A 35 -0.23 -6.27 -5.39
N MET A 36 0.21 -4.99 -5.23
CA MET A 36 -0.69 -3.81 -5.17
C MET A 36 -1.56 -3.93 -3.90
N PRO A 37 -1.22 -3.18 -2.79
CA PRO A 37 -1.76 -3.49 -1.45
C PRO A 37 -3.14 -2.84 -1.18
N GLN A 38 -3.65 -3.07 0.02
CA GLN A 38 -4.85 -2.41 0.54
C GLN A 38 -4.53 -0.92 0.82
N TYR A 39 -4.94 -0.02 -0.09
CA TYR A 39 -4.63 1.43 0.01
C TYR A 39 -5.41 2.11 1.15
N SER A 40 -6.45 1.45 1.67
CA SER A 40 -7.24 1.93 2.82
C SER A 40 -6.42 1.84 4.15
N ILE A 41 -5.20 1.27 4.09
CA ILE A 41 -4.32 1.10 5.26
C ILE A 41 -3.33 2.29 5.38
N MET A 42 -3.54 3.36 4.58
CA MET A 42 -2.76 4.63 4.67
C MET A 42 -2.80 5.27 6.08
N GLU A 43 -1.82 6.16 6.34
CA GLU A 43 -1.72 6.98 7.56
C GLU A 43 -3.03 7.74 7.80
N TPO A 44 -3.53 7.76 9.06
CA TPO A 44 -4.88 8.29 9.41
CB TPO A 44 -5.14 8.28 10.96
CG2 TPO A 44 -6.64 8.30 11.30
OG1 TPO A 44 -4.54 7.11 11.55
P TPO A 44 -3.28 7.23 12.55
O1P TPO A 44 -3.21 8.52 13.25
O2P TPO A 44 -3.10 6.06 13.43
O3P TPO A 44 -1.99 7.21 11.60
C TPO A 44 -5.17 9.72 8.85
O TPO A 44 -6.18 9.89 8.19
H TPO A 44 -2.98 7.38 9.77
HA TPO A 44 -5.59 7.60 8.96
HB TPO A 44 -4.67 9.16 11.40
HG21 TPO A 44 -6.79 8.30 12.37
HG22 TPO A 44 -7.12 7.41 10.88
HG23 TPO A 44 -7.10 9.18 10.88
N PRO A 45 -4.27 10.77 9.08
CA PRO A 45 -4.52 12.15 8.56
C PRO A 45 -4.60 12.18 7.01
N VAL A 46 -3.69 11.43 6.34
CA VAL A 46 -3.67 11.32 4.88
C VAL A 46 -4.96 10.64 4.37
N LEU A 47 -5.35 9.57 5.09
CA LEU A 47 -6.45 8.67 4.72
C LEU A 47 -7.78 9.41 4.76
N LYS A 48 -7.96 10.20 5.83
CA LYS A 48 -9.16 11.03 6.05
C LYS A 48 -9.29 12.10 4.96
N LYS A 49 -8.16 12.76 4.62
CA LYS A 49 -8.13 13.81 3.58
C LYS A 49 -8.53 13.23 2.21
N GLU A 50 -7.88 12.12 1.81
CA GLU A 50 -8.18 11.44 0.54
C GLU A 50 -9.63 10.92 0.50
N LEU A 51 -10.14 10.53 1.69
CA LEU A 51 -11.54 10.07 1.86
C LEU A 51 -12.53 11.22 1.55
N ASP A 52 -12.10 12.47 1.84
CA ASP A 52 -12.84 13.70 1.47
C ASP A 52 -12.75 13.96 -0.04
N ARG A 53 -11.54 13.82 -0.62
CA ARG A 53 -11.29 14.10 -2.06
C ARG A 53 -12.13 13.20 -2.98
N PHE A 54 -12.12 11.89 -2.67
CA PHE A 54 -12.85 10.89 -3.47
C PHE A 54 -14.32 10.79 -3.02
N GLY A 55 -14.61 11.32 -1.80
CA GLY A 55 -15.96 11.35 -1.23
C GLY A 55 -16.58 9.96 -1.07
N VAL A 56 -15.73 8.97 -0.70
CA VAL A 56 -16.14 7.55 -0.63
C VAL A 56 -17.15 7.33 0.51
N ARG A 57 -18.35 6.85 0.13
CA ARG A 57 -19.45 6.55 1.06
C ARG A 57 -19.02 5.53 2.13
N PRO A 58 -19.48 5.69 3.43
CA PRO A 58 -19.17 4.72 4.50
C PRO A 58 -19.89 3.38 4.29
N LEU A 59 -19.31 2.56 3.40
CA LEU A 59 -19.78 1.22 3.07
C LEU A 59 -19.18 0.22 4.09
N PRO A 60 -19.76 -1.03 4.22
CA PRO A 60 -19.18 -2.09 5.10
C PRO A 60 -17.71 -2.40 4.77
N LYS A 61 -16.96 -2.95 5.77
CA LYS A 61 -15.48 -3.03 5.76
C LYS A 61 -14.89 -3.56 4.44
N ARG A 62 -15.48 -4.65 3.90
CA ARG A 62 -15.01 -5.28 2.64
C ARG A 62 -15.10 -4.29 1.46
N GLN A 63 -16.26 -3.64 1.35
CA GLN A 63 -16.55 -2.70 0.26
C GLN A 63 -15.70 -1.43 0.36
N MET A 64 -15.46 -0.92 1.60
CA MET A 64 -14.65 0.29 1.81
C MET A 64 -13.19 0.05 1.40
N VAL A 65 -12.57 -1.01 1.98
CA VAL A 65 -11.15 -1.34 1.73
C VAL A 65 -10.93 -1.69 0.23
N LEU A 66 -11.98 -2.26 -0.40
CA LEU A 66 -11.98 -2.59 -1.83
C LEU A 66 -12.06 -1.32 -2.69
N LYS A 67 -12.91 -0.35 -2.26
CA LYS A 67 -13.15 0.91 -3.01
C LYS A 67 -11.87 1.75 -3.07
N LEU A 68 -11.22 1.97 -1.91
CA LEU A 68 -9.97 2.76 -1.84
C LEU A 68 -8.83 2.03 -2.57
N LYS A 69 -8.84 0.68 -2.52
CA LYS A 69 -7.92 -0.15 -3.33
C LYS A 69 -8.11 0.17 -4.82
N GLU A 70 -9.37 0.07 -5.30
CA GLU A 70 -9.77 0.31 -6.70
C GLU A 70 -9.31 1.67 -7.22
N ILE A 71 -9.60 2.72 -6.43
CA ILE A 71 -9.33 4.13 -6.80
C ILE A 71 -7.85 4.34 -7.12
N PHE A 72 -6.99 3.92 -6.19
CA PHE A 72 -5.54 4.02 -6.37
C PHE A 72 -5.02 2.92 -7.32
N GLN A 73 -5.77 1.81 -7.50
CA GLN A 73 -5.37 0.68 -8.38
C GLN A 73 -5.32 1.09 -9.86
N TYR A 74 -6.22 2.00 -10.24
CA TYR A 74 -6.33 2.54 -11.60
C TYR A 74 -5.04 3.30 -12.00
N THR A 75 -4.54 4.11 -11.05
CA THR A 75 -3.46 5.08 -11.30
C THR A 75 -2.09 4.63 -10.72
N HIS A 76 -2.14 3.70 -9.75
CA HIS A 76 -0.97 3.28 -8.95
C HIS A 76 -0.95 1.75 -8.80
N GLN A 77 0.22 1.15 -9.04
CA GLN A 77 0.47 -0.28 -8.78
C GLN A 77 1.17 -0.45 -7.42
N THR A 78 1.64 0.67 -6.85
CA THR A 78 2.39 0.72 -5.59
C THR A 78 1.91 1.91 -4.74
N LEU A 79 1.82 1.71 -3.42
CA LEU A 79 1.47 2.78 -2.45
C LEU A 79 2.58 3.86 -2.39
N ASP A 80 2.20 5.05 -1.88
CA ASP A 80 3.07 6.26 -1.83
C ASP A 80 4.43 5.97 -1.16
N SER A 81 5.52 6.30 -1.89
CA SER A 81 6.92 6.11 -1.43
C SER A 81 7.50 7.46 -0.92
N ASP A 82 6.60 8.28 -0.30
CA ASP A 82 6.88 9.70 0.11
C ASP A 82 7.04 10.60 -1.15
N SER A 83 6.69 10.06 -2.31
CA SER A 83 6.81 10.72 -3.61
C SER A 83 5.51 10.52 -4.39
N GLU A 84 4.87 11.63 -4.75
CA GLU A 84 3.65 11.63 -5.57
C GLU A 84 3.98 11.18 -7.02
N ASP A 85 3.19 10.22 -7.54
CA ASP A 85 3.29 9.71 -8.91
C ASP A 85 2.44 10.62 -9.85
N GLU A 86 2.55 10.41 -11.18
CA GLU A 86 1.80 11.19 -12.18
C GLU A 86 0.26 10.98 -12.02
N ALA A 1 22.59 -12.64 3.26
CA ALA A 1 21.60 -11.55 3.45
C ALA A 1 22.31 -10.27 3.92
N GLN A 2 22.60 -9.37 2.96
CA GLN A 2 23.26 -8.09 3.24
C GLN A 2 22.26 -6.94 3.03
N MET A 3 22.04 -6.13 4.07
CA MET A 3 21.18 -4.94 3.99
C MET A 3 21.89 -3.86 3.13
N PRO A 4 21.23 -3.32 2.03
CA PRO A 4 21.83 -2.31 1.10
C PRO A 4 22.58 -1.16 1.82
N SER A 5 23.92 -1.26 1.82
CA SER A 5 24.82 -0.32 2.50
C SER A 5 25.28 0.81 1.56
N ALA A 6 25.75 1.91 2.18
CA ALA A 6 26.23 3.11 1.49
C ALA A 6 27.59 2.85 0.83
N GLY A 7 27.63 2.86 -0.50
CA GLY A 7 28.86 2.61 -1.28
C GLY A 7 29.19 1.13 -1.43
N GLY A 8 28.28 0.26 -0.94
CA GLY A 8 28.42 -1.18 -1.04
C GLY A 8 27.99 -1.67 -2.41
N ALA A 9 28.98 -1.93 -3.28
CA ALA A 9 28.74 -2.48 -4.63
C ALA A 9 28.29 -3.96 -4.50
N GLN A 10 26.98 -4.14 -4.32
CA GLN A 10 26.35 -5.45 -4.11
C GLN A 10 25.05 -5.53 -4.94
N LYS A 11 24.85 -6.68 -5.59
CA LYS A 11 23.63 -7.00 -6.37
C LYS A 11 22.39 -6.98 -5.43
N PRO A 12 21.22 -6.40 -5.88
CA PRO A 12 19.97 -6.32 -5.06
C PRO A 12 19.57 -7.70 -4.47
N GLU A 13 19.71 -7.82 -3.14
CA GLU A 13 19.40 -9.03 -2.37
C GLU A 13 17.88 -9.33 -2.45
N GLY A 14 17.47 -10.12 -3.47
CA GLY A 14 16.06 -10.52 -3.63
C GLY A 14 15.69 -11.63 -2.67
N LEU A 15 15.52 -11.26 -1.39
CA LEU A 15 15.29 -12.22 -0.31
C LEU A 15 13.80 -12.63 -0.24
N GLU A 16 12.98 -11.84 0.48
CA GLU A 16 11.56 -12.18 0.76
C GLU A 16 10.65 -10.95 0.53
N TPO A 17 9.46 -11.19 -0.07
CA TPO A 17 8.35 -10.22 -0.08
CB TPO A 17 7.31 -10.53 -1.21
CG2 TPO A 17 7.78 -10.00 -2.58
OG1 TPO A 17 7.11 -11.96 -1.31
P TPO A 17 5.66 -12.62 -1.47
O1P TPO A 17 5.64 -13.85 -0.44
O2P TPO A 17 4.58 -11.73 -1.01
O3P TPO A 17 5.43 -13.25 -2.78
C TPO A 17 7.67 -10.24 1.32
O TPO A 17 7.55 -11.31 1.91
H TPO A 17 9.33 -12.05 -0.52
HA TPO A 17 8.76 -9.22 -0.24
HB TPO A 17 6.37 -10.06 -0.97
HG21 TPO A 17 8.74 -10.46 -2.84
HG22 TPO A 17 7.91 -8.93 -2.52
HG23 TPO A 17 7.05 -10.24 -3.34
N PRO A 18 7.24 -9.07 1.89
CA PRO A 18 6.70 -9.00 3.26
C PRO A 18 5.29 -9.61 3.37
N LYS A 19 5.26 -10.90 3.74
CA LYS A 19 4.03 -11.61 4.10
C LYS A 19 3.63 -11.26 5.56
N GLY A 20 2.74 -10.26 5.69
CA GLY A 20 2.20 -9.87 6.99
C GLY A 20 2.54 -8.43 7.34
N ALA A 21 3.67 -8.24 8.04
CA ALA A 21 4.08 -6.93 8.60
C ALA A 21 4.60 -5.99 7.50
N ASN A 22 3.67 -5.27 6.87
CA ASN A 22 3.96 -4.25 5.85
C ASN A 22 3.80 -2.86 6.49
N ARG A 23 4.94 -2.20 6.78
CA ARG A 23 4.94 -0.83 7.34
C ARG A 23 4.74 0.14 6.18
N LYS A 24 3.54 0.74 6.10
CA LYS A 24 3.17 1.70 5.05
C LYS A 24 4.12 2.92 5.07
N LYS A 25 5.12 2.89 4.19
CA LYS A 25 6.11 3.98 4.04
C LYS A 25 6.22 4.36 2.57
N ASN A 26 6.47 5.65 2.31
CA ASN A 26 6.48 6.25 0.96
C ASN A 26 7.79 5.90 0.20
N LEU A 27 7.92 4.60 -0.14
CA LEU A 27 9.09 3.98 -0.78
C LEU A 27 10.44 4.46 -0.16
N PRO A 28 10.83 3.91 1.04
CA PRO A 28 12.16 4.15 1.62
C PRO A 28 13.25 3.32 0.89
N PRO A 29 14.29 3.98 0.26
CA PRO A 29 15.38 3.27 -0.42
C PRO A 29 16.39 2.65 0.59
N LYS A 30 15.93 1.59 1.27
CA LYS A 30 16.69 0.90 2.33
C LYS A 30 16.03 -0.46 2.59
N VAL A 31 16.88 -1.47 2.98
CA VAL A 31 16.51 -2.89 3.24
C VAL A 31 15.74 -3.60 2.06
N PRO A 32 15.93 -4.95 1.86
CA PRO A 32 15.25 -5.70 0.75
C PRO A 32 13.75 -6.01 1.00
N ILE A 33 13.14 -5.29 1.96
CA ILE A 33 11.71 -5.38 2.27
C ILE A 33 10.96 -4.27 1.52
N TPO A 34 10.23 -4.62 0.45
CA TPO A 34 9.36 -3.69 -0.29
CB TPO A 34 9.04 -4.22 -1.75
CG2 TPO A 34 7.99 -3.35 -2.48
OG1 TPO A 34 10.26 -4.28 -2.52
P TPO A 34 10.43 -5.19 -3.85
O1P TPO A 34 9.81 -4.32 -5.04
O2P TPO A 34 11.83 -5.37 -4.26
O3P TPO A 34 9.65 -6.43 -3.83
C TPO A 34 8.05 -3.45 0.50
O TPO A 34 7.24 -4.37 0.63
H TPO A 34 10.26 -5.56 0.16
HA TPO A 34 9.90 -2.75 -0.39
HB TPO A 34 8.65 -5.23 -1.64
HG21 TPO A 34 8.34 -2.33 -2.56
HG22 TPO A 34 7.05 -3.36 -1.93
HG23 TPO A 34 7.82 -3.75 -3.47
N PRO A 35 7.81 -2.20 1.03
CA PRO A 35 6.63 -1.93 1.91
C PRO A 35 5.30 -1.89 1.13
N MET A 36 4.22 -1.47 1.82
CA MET A 36 2.87 -1.35 1.20
C MET A 36 2.41 0.12 1.31
N PRO A 37 2.87 1.04 0.40
CA PRO A 37 2.48 2.48 0.40
C PRO A 37 1.06 2.76 -0.18
N GLN A 38 0.07 1.89 0.14
CA GLN A 38 -1.36 2.16 -0.16
C GLN A 38 -1.88 3.35 0.67
N TYR A 39 -2.63 4.23 0.00
CA TYR A 39 -3.17 5.47 0.61
C TYR A 39 -4.31 5.10 1.58
N SER A 40 -4.96 3.97 1.27
CA SER A 40 -6.07 3.39 2.05
C SER A 40 -5.61 2.80 3.39
N ILE A 41 -4.28 2.64 3.59
CA ILE A 41 -3.70 2.21 4.90
C ILE A 41 -2.68 3.24 5.42
N MET A 42 -2.54 4.38 4.69
CA MET A 42 -1.66 5.52 5.07
C MET A 42 -2.06 6.10 6.44
N GLU A 43 -1.16 6.91 7.07
CA GLU A 43 -1.37 7.49 8.42
C GLU A 43 -2.78 8.14 8.56
N TPO A 44 -3.44 7.83 9.69
CA TPO A 44 -4.88 8.05 9.94
CB TPO A 44 -5.23 7.74 11.45
CG2 TPO A 44 -6.75 7.68 11.68
OG1 TPO A 44 -4.66 6.47 11.85
P TPO A 44 -3.22 6.35 12.59
O1P TPO A 44 -2.60 5.03 12.44
O2P TPO A 44 -2.30 7.47 12.33
O3P TPO A 44 -3.53 6.45 14.15
C TPO A 44 -5.41 9.46 9.53
O TPO A 44 -6.47 9.52 8.90
H TPO A 44 -2.93 7.43 10.41
HA TPO A 44 -5.41 7.31 9.34
HB TPO A 44 -4.83 8.54 12.07
HG21 TPO A 44 -7.21 8.62 11.40
HG22 TPO A 44 -6.96 7.47 12.72
HG23 TPO A 44 -7.18 6.89 11.06
N PRO A 45 -4.73 10.62 9.89
CA PRO A 45 -5.11 11.96 9.37
C PRO A 45 -5.14 12.02 7.83
N VAL A 46 -4.04 11.55 7.20
CA VAL A 46 -3.86 11.60 5.72
C VAL A 46 -4.85 10.64 5.00
N LEU A 47 -5.18 9.53 5.69
CA LEU A 47 -6.16 8.53 5.21
C LEU A 47 -7.56 9.18 5.19
N LYS A 48 -7.89 9.87 6.30
CA LYS A 48 -9.17 10.58 6.47
C LYS A 48 -9.32 11.68 5.39
N LYS A 49 -8.18 12.27 4.97
CA LYS A 49 -8.17 13.30 3.93
C LYS A 49 -8.60 12.70 2.59
N GLU A 50 -7.86 11.68 2.10
CA GLU A 50 -8.08 11.11 0.73
C GLU A 50 -9.45 10.44 0.62
N LEU A 51 -9.94 9.92 1.75
CA LEU A 51 -11.30 9.35 1.89
C LEU A 51 -12.38 10.45 1.68
N ASP A 52 -12.27 11.55 2.46
CA ASP A 52 -13.26 12.66 2.44
C ASP A 52 -13.23 13.42 1.10
N ARG A 53 -11.99 13.59 0.57
CA ARG A 53 -11.72 14.37 -0.65
C ARG A 53 -12.15 13.60 -1.90
N PHE A 54 -12.17 12.25 -1.80
CA PHE A 54 -12.70 11.41 -2.89
C PHE A 54 -14.23 11.44 -2.92
N GLY A 55 -14.84 11.89 -1.80
CA GLY A 55 -16.29 11.84 -1.62
C GLY A 55 -16.86 10.44 -1.75
N VAL A 56 -15.99 9.44 -1.44
CA VAL A 56 -16.32 8.01 -1.60
C VAL A 56 -17.43 7.62 -0.63
N ARG A 57 -18.44 6.91 -1.17
CA ARG A 57 -19.68 6.57 -0.44
C ARG A 57 -19.34 5.69 0.78
N PRO A 58 -19.93 5.98 2.00
CA PRO A 58 -19.66 5.20 3.24
C PRO A 58 -20.04 3.70 3.09
N LEU A 59 -19.10 2.92 2.54
CA LEU A 59 -19.24 1.47 2.36
C LEU A 59 -18.81 0.74 3.64
N PRO A 60 -19.31 -0.52 3.88
CA PRO A 60 -18.77 -1.42 4.94
C PRO A 60 -17.23 -1.55 4.88
N LYS A 61 -16.58 -1.67 6.07
CA LYS A 61 -15.12 -1.49 6.27
C LYS A 61 -14.21 -2.27 5.28
N ARG A 62 -14.59 -3.54 4.94
CA ARG A 62 -13.86 -4.32 3.93
C ARG A 62 -14.07 -3.67 2.55
N GLN A 63 -15.35 -3.54 2.15
CA GLN A 63 -15.75 -3.00 0.82
C GLN A 63 -15.23 -1.56 0.60
N MET A 64 -14.97 -0.84 1.71
CA MET A 64 -14.52 0.55 1.69
C MET A 64 -13.03 0.62 1.30
N VAL A 65 -12.18 -0.11 2.08
CA VAL A 65 -10.71 -0.13 1.88
C VAL A 65 -10.36 -0.83 0.55
N LEU A 66 -11.15 -1.87 0.20
CA LEU A 66 -11.00 -2.62 -1.05
C LEU A 66 -11.39 -1.76 -2.25
N LYS A 67 -12.38 -0.84 -2.04
CA LYS A 67 -12.85 0.06 -3.11
C LYS A 67 -11.74 1.03 -3.51
N LEU A 68 -11.16 1.74 -2.51
CA LEU A 68 -10.03 2.67 -2.73
C LEU A 68 -8.85 1.96 -3.39
N LYS A 69 -8.60 0.69 -2.99
CA LYS A 69 -7.55 -0.18 -3.58
C LYS A 69 -7.81 -0.39 -5.08
N GLU A 70 -9.07 -0.76 -5.43
CA GLU A 70 -9.51 -0.96 -6.84
C GLU A 70 -9.39 0.36 -7.64
N ILE A 71 -9.64 1.49 -6.94
CA ILE A 71 -9.58 2.82 -7.53
C ILE A 71 -8.13 3.17 -7.91
N PHE A 72 -7.18 2.88 -7.00
CA PHE A 72 -5.74 3.15 -7.22
C PHE A 72 -5.23 2.35 -8.42
N GLN A 73 -5.80 1.16 -8.63
CA GLN A 73 -5.43 0.27 -9.75
C GLN A 73 -5.83 0.87 -11.12
N TYR A 74 -7.14 1.14 -11.34
CA TYR A 74 -7.63 1.59 -12.67
C TYR A 74 -7.20 3.04 -12.96
N THR A 75 -7.05 3.85 -11.90
CA THR A 75 -6.61 5.26 -12.02
C THR A 75 -5.05 5.33 -12.02
N HIS A 76 -4.40 4.18 -11.72
CA HIS A 76 -2.93 4.00 -11.75
C HIS A 76 -2.22 4.87 -10.69
N GLN A 77 -2.92 5.14 -9.59
CA GLN A 77 -2.40 5.89 -8.42
C GLN A 77 -1.65 4.96 -7.43
N THR A 78 -1.63 3.65 -7.73
CA THR A 78 -0.93 2.65 -6.91
C THR A 78 0.60 2.92 -6.92
N LEU A 79 1.15 3.33 -5.76
CA LEU A 79 2.60 3.51 -5.56
C LEU A 79 3.27 2.11 -5.47
N ASP A 80 2.49 1.18 -4.94
CA ASP A 80 2.82 -0.26 -4.79
C ASP A 80 3.11 -0.93 -6.14
N SER A 81 3.66 -2.16 -6.08
CA SER A 81 3.94 -3.01 -7.26
C SER A 81 2.68 -3.28 -8.13
N ASP A 82 1.48 -3.05 -7.54
CA ASP A 82 0.17 -3.14 -8.25
C ASP A 82 -0.12 -4.60 -8.70
N SER A 83 0.47 -5.55 -7.98
CA SER A 83 0.36 -6.98 -8.27
C SER A 83 -0.10 -7.73 -7.00
N GLU A 84 -1.42 -7.99 -6.91
CA GLU A 84 -2.00 -8.81 -5.84
C GLU A 84 -1.82 -10.29 -6.19
N ASP A 85 -0.62 -10.82 -5.87
CA ASP A 85 -0.27 -12.23 -6.12
C ASP A 85 -1.04 -13.15 -5.15
N GLU A 86 -1.41 -14.35 -5.64
CA GLU A 86 -2.16 -15.35 -4.87
C GLU A 86 -1.25 -16.01 -3.80
N ALA A 1 23.97 -0.59 5.55
CA ALA A 1 22.82 0.21 5.10
C ALA A 1 21.65 -0.72 4.72
N GLN A 2 20.67 -0.84 5.63
CA GLN A 2 19.44 -1.63 5.42
C GLN A 2 18.22 -0.69 5.28
N MET A 3 17.00 -1.24 5.21
CA MET A 3 15.76 -0.46 5.04
C MET A 3 14.86 -0.64 6.29
N PRO A 4 14.10 0.42 6.73
CA PRO A 4 13.19 0.33 7.91
C PRO A 4 11.96 -0.57 7.68
N SER A 5 11.64 -0.85 6.40
CA SER A 5 10.51 -1.71 6.01
C SER A 5 10.99 -3.14 5.66
N ALA A 6 12.24 -3.48 6.06
CA ALA A 6 12.88 -4.76 5.70
C ALA A 6 12.16 -5.98 6.32
N GLY A 7 11.26 -6.59 5.52
CA GLY A 7 10.54 -7.79 5.93
C GLY A 7 9.21 -7.94 5.21
N GLY A 8 9.27 -8.09 3.88
CA GLY A 8 8.08 -8.36 3.04
C GLY A 8 8.02 -9.82 2.62
N ALA A 9 7.16 -10.12 1.63
CA ALA A 9 7.06 -11.47 1.01
C ALA A 9 6.26 -11.40 -0.29
N GLN A 10 6.49 -12.41 -1.16
CA GLN A 10 5.77 -12.57 -2.43
C GLN A 10 4.28 -12.95 -2.17
N LYS A 11 4.04 -13.54 -0.99
CA LYS A 11 2.69 -13.84 -0.48
C LYS A 11 2.17 -12.64 0.32
N PRO A 12 1.11 -11.91 -0.16
CA PRO A 12 0.51 -10.77 0.58
C PRO A 12 -0.44 -11.21 1.73
N GLU A 13 -0.10 -12.31 2.43
CA GLU A 13 -0.91 -12.88 3.53
C GLU A 13 -0.68 -12.07 4.82
N GLY A 14 -1.27 -10.86 4.86
CA GLY A 14 -1.03 -9.90 5.95
C GLY A 14 0.36 -9.23 5.86
N LEU A 15 0.98 -9.31 4.67
CA LEU A 15 2.31 -8.71 4.38
C LEU A 15 2.17 -7.28 3.82
N GLU A 16 1.07 -6.59 4.19
CA GLU A 16 0.92 -5.15 3.96
C GLU A 16 1.96 -4.42 4.83
N TPO A 17 2.86 -3.69 4.16
CA TPO A 17 4.00 -3.01 4.77
CB TPO A 17 4.85 -2.32 3.64
CG2 TPO A 17 5.79 -3.33 2.95
OG1 TPO A 17 3.97 -1.77 2.63
P TPO A 17 3.99 -0.24 2.20
O1P TPO A 17 3.00 0.48 3.25
O2P TPO A 17 5.30 0.43 2.39
O3P TPO A 17 3.37 0.02 0.89
C TPO A 17 3.57 -2.00 5.89
O TPO A 17 2.44 -1.48 5.84
H TPO A 17 2.75 -3.59 3.19
HA TPO A 17 4.62 -3.77 5.24
HB TPO A 17 5.46 -1.53 4.07
HG21 TPO A 17 6.49 -3.74 3.68
HG22 TPO A 17 6.36 -2.83 2.18
HG23 TPO A 17 5.22 -4.13 2.50
N PRO A 18 4.45 -1.76 6.93
CA PRO A 18 4.12 -0.90 8.13
C PRO A 18 3.67 0.54 7.80
N LYS A 19 3.38 1.32 8.87
CA LYS A 19 2.93 2.73 8.78
C LYS A 19 3.85 3.57 7.85
N GLY A 20 3.23 4.44 7.03
CA GLY A 20 3.93 5.27 6.08
C GLY A 20 4.84 6.29 6.74
N ALA A 21 4.26 7.05 7.70
CA ALA A 21 4.87 8.27 8.30
C ALA A 21 5.01 9.37 7.21
N ASN A 22 5.87 9.07 6.21
CA ASN A 22 5.94 9.83 4.95
C ASN A 22 4.70 9.57 4.07
N ARG A 23 4.57 10.33 2.98
CA ARG A 23 3.45 10.21 2.02
C ARG A 23 3.63 8.95 1.13
N LYS A 24 2.50 8.41 0.63
CA LYS A 24 2.51 7.23 -0.26
C LYS A 24 2.76 7.64 -1.72
N LYS A 25 3.99 7.41 -2.22
CA LYS A 25 4.31 7.50 -3.65
C LYS A 25 4.06 6.13 -4.29
N ASN A 26 3.45 6.13 -5.50
CA ASN A 26 3.23 4.91 -6.29
C ASN A 26 4.59 4.29 -6.70
N LEU A 27 4.96 3.19 -6.01
CA LEU A 27 6.20 2.42 -6.21
C LEU A 27 7.42 3.32 -5.84
N PRO A 28 7.84 3.35 -4.54
CA PRO A 28 9.03 4.10 -4.08
C PRO A 28 10.35 3.36 -4.44
N PRO A 29 11.12 3.84 -5.47
CA PRO A 29 12.34 3.13 -5.96
C PRO A 29 13.55 3.36 -5.03
N LYS A 30 13.62 2.57 -3.96
CA LYS A 30 14.69 2.67 -2.95
C LYS A 30 14.81 1.35 -2.18
N VAL A 31 13.71 0.95 -1.53
CA VAL A 31 13.65 -0.29 -0.73
C VAL A 31 13.53 -1.53 -1.66
N PRO A 32 14.33 -2.63 -1.43
CA PRO A 32 14.18 -3.91 -2.19
C PRO A 32 13.04 -4.81 -1.63
N ILE A 33 12.15 -4.19 -0.84
CA ILE A 33 11.00 -4.84 -0.23
C ILE A 33 9.75 -4.53 -1.07
N TPO A 34 9.02 -5.56 -1.46
CA TPO A 34 7.78 -5.45 -2.23
CB TPO A 34 7.32 -6.87 -2.75
CG2 TPO A 34 6.00 -6.79 -3.57
OG1 TPO A 34 8.35 -7.44 -3.60
P TPO A 34 9.63 -8.23 -2.99
O1P TPO A 34 9.68 -9.60 -3.79
O2P TPO A 34 10.92 -7.57 -3.30
O3P TPO A 34 9.48 -8.62 -1.58
C TPO A 34 6.66 -4.80 -1.37
O TPO A 34 6.22 -5.42 -0.39
H TPO A 34 9.32 -6.46 -1.20
HA TPO A 34 7.99 -4.83 -3.10
HB TPO A 34 7.16 -7.53 -1.90
HG21 TPO A 34 5.21 -6.39 -2.94
HG22 TPO A 34 5.73 -7.78 -3.92
HG23 TPO A 34 6.15 -6.13 -4.43
N PRO A 35 6.26 -3.52 -1.68
CA PRO A 35 5.24 -2.80 -0.90
C PRO A 35 3.82 -3.02 -1.44
N MET A 36 2.84 -2.47 -0.71
CA MET A 36 1.43 -2.40 -1.15
C MET A 36 0.95 -0.95 -1.01
N PRO A 37 1.32 -0.04 -1.98
CA PRO A 37 0.99 1.40 -1.90
C PRO A 37 -0.53 1.63 -1.94
N GLN A 38 -1.12 1.80 -0.74
CA GLN A 38 -2.57 2.02 -0.54
C GLN A 38 -2.79 3.23 0.37
N TYR A 39 -3.69 4.15 -0.03
CA TYR A 39 -4.18 5.24 0.84
C TYR A 39 -5.05 4.67 1.97
N SER A 40 -5.58 3.45 1.76
CA SER A 40 -6.39 2.74 2.75
C SER A 40 -5.53 2.24 3.93
N ILE A 41 -4.19 2.07 3.73
CA ILE A 41 -3.26 1.69 4.84
C ILE A 41 -2.38 2.89 5.27
N MET A 42 -2.81 4.11 4.87
CA MET A 42 -2.13 5.38 5.22
C MET A 42 -2.51 5.84 6.66
N GLU A 43 -1.70 6.76 7.23
CA GLU A 43 -1.96 7.37 8.56
C GLU A 43 -3.37 7.99 8.61
N TPO A 44 -4.11 7.81 9.73
CA TPO A 44 -5.53 8.23 9.87
CB TPO A 44 -6.08 8.00 11.32
CG2 TPO A 44 -7.59 8.29 11.41
OG1 TPO A 44 -5.80 6.64 11.76
P TPO A 44 -5.86 6.20 13.31
O1P TPO A 44 -7.14 6.50 13.98
O2P TPO A 44 -5.38 4.83 13.55
O3P TPO A 44 -4.79 7.12 14.04
C TPO A 44 -5.83 9.70 9.41
O TPO A 44 -6.82 9.90 8.69
H TPO A 44 -3.69 7.39 10.50
HA TPO A 44 -6.09 7.57 9.21
HB TPO A 44 -5.54 8.69 11.98
HG21 TPO A 44 -7.79 9.32 11.12
HG22 TPO A 44 -7.93 8.14 12.42
HG23 TPO A 44 -8.14 7.62 10.75
N PRO A 45 -5.01 10.76 9.80
CA PRO A 45 -5.23 12.16 9.31
C PRO A 45 -5.24 12.26 7.77
N VAL A 46 -4.19 11.72 7.13
CA VAL A 46 -4.00 11.79 5.68
C VAL A 46 -5.07 10.90 4.98
N LEU A 47 -5.33 9.72 5.57
CA LEU A 47 -6.29 8.69 5.07
C LEU A 47 -7.69 9.31 4.96
N LYS A 48 -8.13 9.94 6.06
CA LYS A 48 -9.49 10.51 6.20
C LYS A 48 -9.71 11.66 5.21
N LYS A 49 -8.66 12.49 4.99
CA LYS A 49 -8.72 13.61 4.03
C LYS A 49 -8.65 13.11 2.56
N GLU A 50 -7.85 12.06 2.29
CA GLU A 50 -7.79 11.44 0.94
C GLU A 50 -9.14 10.76 0.60
N LEU A 51 -9.77 10.20 1.65
CA LEU A 51 -11.07 9.51 1.57
C LEU A 51 -12.20 10.55 1.36
N ASP A 52 -12.04 11.72 2.02
CA ASP A 52 -12.98 12.84 1.91
C ASP A 52 -12.95 13.42 0.49
N ARG A 53 -11.73 13.67 0.00
CA ARG A 53 -11.47 14.23 -1.33
C ARG A 53 -11.68 13.16 -2.43
N PHE A 54 -11.79 11.88 -2.01
CA PHE A 54 -12.10 10.73 -2.93
C PHE A 54 -13.58 10.78 -3.35
N GLY A 55 -14.40 11.54 -2.58
CA GLY A 55 -15.82 11.71 -2.85
C GLY A 55 -16.63 10.42 -2.75
N VAL A 56 -16.09 9.44 -2.01
CA VAL A 56 -16.70 8.10 -1.88
C VAL A 56 -17.55 8.01 -0.60
N ARG A 57 -18.64 7.22 -0.69
CA ARG A 57 -19.51 6.88 0.46
C ARG A 57 -18.72 6.11 1.54
N PRO A 58 -19.05 6.30 2.87
CA PRO A 58 -18.42 5.50 3.94
C PRO A 58 -19.03 4.07 4.04
N LEU A 59 -18.53 3.17 3.17
CA LEU A 59 -18.93 1.73 3.18
C LEU A 59 -18.26 0.99 4.37
N PRO A 60 -18.83 -0.18 4.83
CA PRO A 60 -18.14 -1.10 5.78
C PRO A 60 -16.70 -1.46 5.33
N LYS A 61 -15.80 -1.66 6.32
CA LYS A 61 -14.32 -1.82 6.14
C LYS A 61 -13.94 -2.79 5.00
N ARG A 62 -14.75 -3.86 4.82
CA ARG A 62 -14.54 -4.88 3.79
C ARG A 62 -14.69 -4.27 2.38
N GLN A 63 -15.87 -3.69 2.13
CA GLN A 63 -16.25 -3.10 0.84
C GLN A 63 -15.43 -1.82 0.58
N MET A 64 -15.03 -1.14 1.68
CA MET A 64 -14.34 0.15 1.62
C MET A 64 -12.91 -0.02 1.09
N VAL A 65 -12.13 -0.92 1.71
CA VAL A 65 -10.74 -1.19 1.29
C VAL A 65 -10.71 -1.79 -0.12
N LEU A 66 -11.70 -2.66 -0.43
CA LEU A 66 -11.86 -3.30 -1.75
C LEU A 66 -12.02 -2.24 -2.86
N LYS A 67 -13.04 -1.39 -2.70
CA LYS A 67 -13.44 -0.42 -3.72
C LYS A 67 -12.35 0.65 -3.93
N LEU A 68 -11.88 1.25 -2.81
CA LEU A 68 -10.82 2.29 -2.81
C LEU A 68 -9.51 1.79 -3.44
N LYS A 69 -9.19 0.51 -3.20
CA LYS A 69 -7.98 -0.14 -3.75
C LYS A 69 -8.06 -0.28 -5.28
N GLU A 70 -9.27 -0.56 -5.80
CA GLU A 70 -9.51 -0.69 -7.26
C GLU A 70 -9.57 0.67 -7.97
N ILE A 71 -10.09 1.70 -7.27
CA ILE A 71 -10.09 3.08 -7.79
C ILE A 71 -8.63 3.60 -7.83
N PHE A 72 -7.82 3.13 -6.86
CA PHE A 72 -6.38 3.44 -6.77
C PHE A 72 -5.57 2.53 -7.73
N GLN A 73 -6.15 1.37 -8.11
CA GLN A 73 -5.54 0.43 -9.08
C GLN A 73 -5.55 1.04 -10.50
N TYR A 74 -6.54 1.89 -10.77
CA TYR A 74 -6.59 2.69 -12.02
C TYR A 74 -5.45 3.73 -12.03
N THR A 75 -5.13 4.26 -10.83
CA THR A 75 -4.00 5.19 -10.60
C THR A 75 -2.66 4.41 -10.65
N HIS A 76 -2.73 3.10 -10.33
CA HIS A 76 -1.60 2.15 -10.49
C HIS A 76 -1.56 1.63 -11.95
N GLN A 77 -1.55 2.59 -12.90
CA GLN A 77 -1.54 2.29 -14.34
C GLN A 77 -0.20 1.66 -14.76
N THR A 78 0.89 2.20 -14.19
CA THR A 78 2.27 1.71 -14.41
C THR A 78 2.79 1.07 -13.09
N LEU A 79 1.92 0.28 -12.45
CA LEU A 79 2.21 -0.36 -11.14
C LEU A 79 1.34 -1.61 -10.99
N ASP A 80 1.91 -2.69 -10.44
CA ASP A 80 1.16 -3.94 -10.22
C ASP A 80 0.39 -3.87 -8.89
N SER A 81 -0.94 -3.93 -8.99
CA SER A 81 -1.84 -4.06 -7.85
C SER A 81 -2.37 -5.50 -7.87
N ASP A 82 -1.59 -6.41 -7.28
CA ASP A 82 -1.89 -7.85 -7.19
C ASP A 82 -3.25 -8.11 -6.50
N SER A 83 -4.31 -8.03 -7.33
CA SER A 83 -5.72 -8.25 -6.96
C SER A 83 -6.40 -9.01 -8.13
N GLU A 84 -5.59 -9.90 -8.75
CA GLU A 84 -5.95 -10.75 -9.91
C GLU A 84 -7.21 -11.62 -9.64
N ASP A 85 -7.46 -11.95 -8.36
CA ASP A 85 -8.72 -12.60 -7.93
C ASP A 85 -9.81 -11.51 -7.87
N GLU A 86 -10.26 -11.09 -9.06
CA GLU A 86 -11.19 -9.96 -9.25
C GLU A 86 -12.64 -10.46 -8.93
N ALA A 1 13.03 -11.72 -14.00
CA ALA A 1 12.81 -10.44 -13.30
C ALA A 1 13.98 -10.10 -12.38
N GLN A 2 14.57 -11.15 -11.77
CA GLN A 2 15.61 -11.04 -10.72
C GLN A 2 15.05 -10.24 -9.51
N MET A 3 14.26 -10.94 -8.69
CA MET A 3 13.53 -10.35 -7.55
C MET A 3 14.51 -9.81 -6.47
N PRO A 4 14.30 -8.56 -5.95
CA PRO A 4 15.10 -8.02 -4.82
C PRO A 4 14.88 -8.86 -3.56
N SER A 5 15.89 -9.67 -3.21
CA SER A 5 15.87 -10.51 -1.99
C SER A 5 16.28 -9.67 -0.78
N ALA A 6 15.42 -8.70 -0.46
CA ALA A 6 15.59 -7.78 0.68
C ALA A 6 14.82 -8.34 1.88
N GLY A 7 15.49 -8.43 3.03
CA GLY A 7 14.87 -8.89 4.27
C GLY A 7 15.88 -9.42 5.27
N GLY A 8 15.38 -9.76 6.47
CA GLY A 8 16.22 -10.17 7.59
C GLY A 8 16.54 -11.67 7.60
N ALA A 9 16.25 -12.36 6.48
CA ALA A 9 16.66 -13.76 6.28
C ALA A 9 18.17 -13.84 6.00
N GLN A 10 18.81 -14.89 6.53
CA GLN A 10 20.22 -15.23 6.24
C GLN A 10 20.36 -15.91 4.86
N LYS A 11 19.20 -16.17 4.22
CA LYS A 11 19.06 -16.58 2.81
C LYS A 11 19.53 -18.04 2.58
N PRO A 12 18.56 -19.03 2.56
CA PRO A 12 18.87 -20.45 2.29
C PRO A 12 18.91 -20.75 0.76
N GLU A 13 18.87 -22.05 0.42
CA GLU A 13 18.82 -22.51 -0.98
C GLU A 13 17.41 -22.25 -1.55
N GLY A 14 17.21 -21.04 -2.10
CA GLY A 14 15.90 -20.61 -2.61
C GLY A 14 15.44 -19.35 -1.90
N LEU A 15 15.45 -18.21 -2.63
CA LEU A 15 15.15 -16.89 -2.06
C LEU A 15 13.66 -16.55 -2.26
N GLU A 16 12.81 -16.98 -1.31
CA GLU A 16 11.37 -16.69 -1.31
C GLU A 16 10.89 -16.43 0.12
N TPO A 17 10.54 -15.17 0.41
CA TPO A 17 9.88 -14.74 1.65
CB TPO A 17 10.77 -13.70 2.39
CG2 TPO A 17 10.88 -12.37 1.63
OG1 TPO A 17 10.27 -13.44 3.73
P TPO A 17 11.01 -14.01 5.03
O1P TPO A 17 10.45 -15.48 5.21
O2P TPO A 17 12.46 -14.17 4.86
O3P TPO A 17 10.63 -13.33 6.29
C TPO A 17 8.47 -14.18 1.26
O TPO A 17 8.33 -13.68 0.13
H TPO A 17 10.72 -14.48 -0.27
HA TPO A 17 9.74 -15.62 2.29
HB TPO A 17 11.78 -14.11 2.47
HG21 TPO A 17 11.53 -11.68 2.16
HG22 TPO A 17 9.90 -11.93 1.54
HG23 TPO A 17 11.28 -12.54 0.65
N PRO A 18 7.41 -14.30 2.13
CA PRO A 18 6.04 -13.86 1.77
C PRO A 18 5.95 -12.34 1.49
N LYS A 19 4.89 -11.97 0.74
CA LYS A 19 4.60 -10.59 0.34
C LYS A 19 4.30 -9.70 1.57
N GLY A 20 3.69 -10.32 2.60
CA GLY A 20 3.31 -9.63 3.83
C GLY A 20 1.87 -9.18 3.79
N ALA A 21 0.95 -10.14 3.59
CA ALA A 21 -0.50 -9.89 3.50
C ALA A 21 -1.04 -9.30 4.81
N ASN A 22 -1.85 -8.21 4.68
CA ASN A 22 -2.48 -7.46 5.80
C ASN A 22 -1.44 -6.66 6.62
N ARG A 23 -0.17 -6.65 6.17
CA ARG A 23 0.97 -6.08 6.90
C ARG A 23 1.69 -4.98 6.10
N LYS A 24 1.51 -4.96 4.76
CA LYS A 24 2.14 -3.93 3.90
C LYS A 24 1.13 -2.82 3.59
N LYS A 25 1.10 -1.82 4.48
CA LYS A 25 0.30 -0.59 4.31
C LYS A 25 0.68 0.14 2.99
N ASN A 26 1.99 0.11 2.69
CA ASN A 26 2.61 0.86 1.58
C ASN A 26 3.39 -0.11 0.65
N LEU A 27 4.19 0.46 -0.28
CA LEU A 27 5.05 -0.31 -1.19
C LEU A 27 6.43 -0.61 -0.50
N PRO A 28 6.70 -1.89 -0.11
CA PRO A 28 7.97 -2.28 0.56
C PRO A 28 9.06 -2.82 -0.44
N PRO A 29 10.37 -2.82 -0.04
CA PRO A 29 11.45 -3.52 -0.79
C PRO A 29 11.26 -5.07 -0.71
N LYS A 30 10.48 -5.61 -1.66
CA LYS A 30 10.18 -7.06 -1.76
C LYS A 30 10.42 -7.53 -3.23
N VAL A 31 9.75 -8.65 -3.61
CA VAL A 31 9.65 -9.11 -5.01
C VAL A 31 8.90 -8.04 -5.90
N PRO A 32 8.77 -8.24 -7.26
CA PRO A 32 7.85 -7.40 -8.09
C PRO A 32 6.41 -7.32 -7.50
N ILE A 33 6.11 -6.21 -6.80
CA ILE A 33 4.81 -5.96 -6.15
C ILE A 33 3.89 -5.15 -7.09
N TPO A 34 2.60 -5.54 -7.14
CA TPO A 34 1.56 -4.85 -7.94
CB TPO A 34 0.30 -5.81 -8.09
CG2 TPO A 34 -0.56 -5.89 -6.82
OG1 TPO A 34 -0.55 -5.38 -9.19
P TPO A 34 -0.35 -5.97 -10.67
O1P TPO A 34 -1.47 -7.09 -10.82
O2P TPO A 34 -0.64 -5.00 -11.74
O3P TPO A 34 0.92 -6.68 -10.85
C TPO A 34 1.20 -3.48 -7.25
O TPO A 34 1.33 -3.36 -6.02
H TPO A 34 2.32 -6.32 -6.61
HA TPO A 34 1.97 -4.66 -8.92
HB TPO A 34 0.66 -6.80 -8.30
HG21 TPO A 34 -0.94 -4.91 -6.57
HG22 TPO A 34 0.06 -6.24 -5.99
HG23 TPO A 34 -1.37 -6.58 -6.97
N PRO A 35 0.80 -2.41 -8.02
CA PRO A 35 0.48 -1.05 -7.44
C PRO A 35 -0.89 -0.98 -6.72
N MET A 36 -1.12 -1.91 -5.76
CA MET A 36 -2.33 -1.97 -4.93
C MET A 36 -1.94 -2.33 -3.48
N PRO A 37 -1.50 -1.36 -2.63
CA PRO A 37 -1.21 -1.62 -1.20
C PRO A 37 -2.48 -1.50 -0.35
N GLN A 38 -2.31 -1.57 0.98
CA GLN A 38 -3.44 -1.52 1.93
C GLN A 38 -3.60 -0.07 2.43
N TYR A 39 -4.03 0.81 1.52
CA TYR A 39 -4.20 2.25 1.81
C TYR A 39 -5.41 2.48 2.75
N SER A 40 -6.34 1.53 2.79
CA SER A 40 -7.54 1.64 3.64
C SER A 40 -7.23 1.33 5.13
N ILE A 41 -5.99 0.89 5.45
CA ILE A 41 -5.56 0.74 6.88
C ILE A 41 -4.59 1.86 7.29
N MET A 42 -4.37 2.87 6.40
CA MET A 42 -3.57 4.08 6.73
C MET A 42 -4.19 4.83 7.91
N GLU A 43 -3.38 5.67 8.57
CA GLU A 43 -3.77 6.43 9.77
C GLU A 43 -4.96 7.36 9.47
N TPO A 44 -5.85 7.54 10.47
CA TPO A 44 -7.08 8.35 10.37
CB TPO A 44 -7.79 8.53 11.77
CG2 TPO A 44 -9.06 9.41 11.67
OG1 TPO A 44 -8.17 7.25 12.31
P TPO A 44 -7.17 6.38 13.21
O1P TPO A 44 -5.93 7.09 13.55
O2P TPO A 44 -7.81 5.70 14.36
O3P TPO A 44 -6.70 5.19 12.25
C TPO A 44 -6.83 9.74 9.71
O TPO A 44 -7.52 10.04 8.76
H TPO A 44 -5.66 7.11 11.33
HA TPO A 44 -7.76 7.79 9.73
HB TPO A 44 -7.08 9.02 12.44
HG21 TPO A 44 -8.78 10.40 11.32
HG22 TPO A 44 -9.51 9.50 12.66
HG23 TPO A 44 -9.76 8.96 11.00
N PRO A 45 -5.83 10.61 10.16
CA PRO A 45 -5.59 11.95 9.55
C PRO A 45 -5.40 11.89 8.01
N VAL A 46 -4.53 10.96 7.57
CA VAL A 46 -4.17 10.79 6.15
C VAL A 46 -5.38 10.31 5.34
N LEU A 47 -5.92 9.16 5.77
CA LEU A 47 -7.00 8.43 5.08
C LEU A 47 -8.31 9.23 5.03
N LYS A 48 -8.55 10.04 6.08
CA LYS A 48 -9.79 10.85 6.22
C LYS A 48 -9.77 12.05 5.27
N LYS A 49 -8.59 12.69 5.10
CA LYS A 49 -8.43 13.81 4.17
C LYS A 49 -8.61 13.34 2.72
N GLU A 50 -8.15 12.09 2.42
CA GLU A 50 -8.33 11.45 1.10
C GLU A 50 -9.80 11.05 0.87
N LEU A 51 -10.45 10.54 1.92
CA LEU A 51 -11.87 10.12 1.91
C LEU A 51 -12.76 11.34 1.62
N ASP A 52 -12.44 12.45 2.29
CA ASP A 52 -13.21 13.71 2.21
C ASP A 52 -12.96 14.41 0.86
N ARG A 53 -11.69 14.36 0.39
CA ARG A 53 -11.26 15.03 -0.86
C ARG A 53 -11.96 14.38 -2.07
N PHE A 54 -11.93 13.05 -2.07
CA PHE A 54 -12.42 12.21 -3.17
C PHE A 54 -13.95 11.97 -3.07
N GLY A 55 -14.52 12.28 -1.89
CA GLY A 55 -15.97 12.14 -1.65
C GLY A 55 -16.43 10.69 -1.65
N VAL A 56 -15.66 9.84 -0.94
CA VAL A 56 -15.93 8.40 -0.81
C VAL A 56 -17.18 8.18 0.08
N ARG A 57 -18.17 7.44 -0.44
CA ARG A 57 -19.31 6.96 0.35
C ARG A 57 -18.79 5.99 1.45
N PRO A 58 -19.01 6.31 2.77
CA PRO A 58 -18.43 5.54 3.88
C PRO A 58 -19.11 4.15 4.03
N LEU A 59 -18.58 3.16 3.31
CA LEU A 59 -18.95 1.73 3.45
C LEU A 59 -18.02 1.06 4.47
N PRO A 60 -18.40 -0.12 5.08
CA PRO A 60 -17.53 -0.87 6.02
C PRO A 60 -16.12 -1.13 5.44
N LYS A 61 -15.10 -1.15 6.32
CA LYS A 61 -13.66 -1.18 5.95
C LYS A 61 -13.27 -2.27 4.93
N ARG A 62 -14.03 -3.39 4.90
CA ARG A 62 -13.80 -4.48 3.92
C ARG A 62 -14.29 -4.06 2.51
N GLN A 63 -15.52 -3.50 2.43
CA GLN A 63 -16.06 -2.95 1.16
C GLN A 63 -15.23 -1.72 0.72
N MET A 64 -14.70 -0.99 1.71
CA MET A 64 -13.90 0.23 1.48
C MET A 64 -12.52 -0.12 0.90
N VAL A 65 -11.87 -1.17 1.45
CA VAL A 65 -10.52 -1.58 1.00
C VAL A 65 -10.59 -2.12 -0.44
N LEU A 66 -11.64 -2.90 -0.76
CA LEU A 66 -11.85 -3.41 -2.14
C LEU A 66 -12.18 -2.26 -3.11
N LYS A 67 -12.98 -1.28 -2.63
CA LYS A 67 -13.40 -0.12 -3.45
C LYS A 67 -12.19 0.71 -3.88
N LEU A 68 -11.48 1.26 -2.88
CA LEU A 68 -10.36 2.19 -3.10
C LEU A 68 -9.19 1.50 -3.81
N LYS A 69 -8.89 0.24 -3.44
CA LYS A 69 -7.78 -0.55 -4.03
C LYS A 69 -8.01 -0.81 -5.53
N GLU A 70 -9.28 -1.02 -5.92
CA GLU A 70 -9.67 -1.20 -7.34
C GLU A 70 -9.55 0.13 -8.09
N ILE A 71 -9.92 1.23 -7.41
CA ILE A 71 -9.79 2.59 -7.95
C ILE A 71 -8.30 2.91 -8.22
N PHE A 72 -7.43 2.51 -7.27
CA PHE A 72 -5.97 2.74 -7.36
C PHE A 72 -5.33 1.80 -8.39
N GLN A 73 -6.03 0.68 -8.70
CA GLN A 73 -5.60 -0.31 -9.69
C GLN A 73 -5.67 0.29 -11.12
N TYR A 74 -6.89 0.72 -11.54
CA TYR A 74 -7.12 1.20 -12.92
C TYR A 74 -6.63 2.65 -13.13
N THR A 75 -6.60 3.45 -12.05
CA THR A 75 -6.04 4.82 -12.08
C THR A 75 -4.49 4.78 -12.05
N HIS A 76 -3.94 3.68 -11.47
CA HIS A 76 -2.50 3.53 -11.14
C HIS A 76 -2.11 4.65 -10.13
N GLN A 77 -3.05 4.92 -9.20
CA GLN A 77 -2.92 5.99 -8.20
C GLN A 77 -1.74 5.67 -7.27
N THR A 78 -0.62 6.36 -7.54
CA THR A 78 0.61 6.21 -6.78
C THR A 78 0.41 6.76 -5.36
N LEU A 79 0.74 5.93 -4.37
CA LEU A 79 0.68 6.26 -2.96
C LEU A 79 1.54 7.50 -2.61
N ASP A 80 1.28 8.05 -1.43
CA ASP A 80 1.96 9.25 -0.90
C ASP A 80 3.47 9.02 -0.67
N SER A 81 4.20 10.14 -0.49
CA SER A 81 5.67 10.15 -0.25
C SER A 81 6.04 9.56 1.14
N ASP A 82 5.02 9.17 1.95
CA ASP A 82 5.18 8.52 3.27
C ASP A 82 5.83 9.50 4.28
N SER A 83 5.58 10.80 4.04
CA SER A 83 6.13 11.92 4.82
C SER A 83 5.22 13.16 4.63
N GLU A 84 5.54 14.23 5.37
CA GLU A 84 4.76 15.49 5.33
C GLU A 84 5.49 16.59 4.54
N ASP A 85 6.83 16.48 4.41
CA ASP A 85 7.64 17.48 3.67
C ASP A 85 7.56 17.24 2.15
N GLU A 86 7.85 18.28 1.38
CA GLU A 86 7.78 18.26 -0.09
C GLU A 86 9.03 18.97 -0.65
N ALA A 1 13.31 -16.85 -8.19
CA ALA A 1 14.69 -16.68 -7.70
C ALA A 1 15.21 -15.29 -8.08
N GLN A 2 15.66 -15.16 -9.36
CA GLN A 2 16.11 -13.89 -9.93
C GLN A 2 14.89 -13.02 -10.31
N MET A 3 14.46 -12.20 -9.35
CA MET A 3 13.40 -11.20 -9.57
C MET A 3 13.89 -10.17 -10.60
N PRO A 4 13.26 -10.08 -11.82
CA PRO A 4 13.73 -9.22 -12.94
C PRO A 4 13.75 -7.73 -12.56
N SER A 5 14.88 -7.32 -11.96
CA SER A 5 15.11 -6.00 -11.36
C SER A 5 16.55 -5.95 -10.82
N ALA A 6 16.90 -4.80 -10.19
CA ALA A 6 18.20 -4.60 -9.51
C ALA A 6 18.32 -5.46 -8.22
N GLY A 7 17.18 -6.05 -7.79
CA GLY A 7 17.12 -6.87 -6.58
C GLY A 7 17.44 -8.35 -6.81
N GLY A 8 17.37 -8.82 -8.08
CA GLY A 8 17.53 -10.25 -8.38
C GLY A 8 18.32 -10.51 -9.66
N ALA A 9 19.66 -10.46 -9.51
CA ALA A 9 20.61 -10.76 -10.60
C ALA A 9 21.63 -11.79 -10.07
N GLN A 10 21.42 -13.08 -10.36
CA GLN A 10 22.13 -14.21 -9.71
C GLN A 10 22.49 -15.33 -10.71
N LYS A 11 23.17 -16.36 -10.19
CA LYS A 11 23.45 -17.62 -10.89
C LYS A 11 22.22 -18.57 -10.85
N PRO A 12 22.09 -19.53 -11.84
CA PRO A 12 21.07 -20.61 -11.78
C PRO A 12 21.37 -21.64 -10.67
N GLU A 13 20.47 -22.62 -10.53
CA GLU A 13 20.58 -23.74 -9.57
C GLU A 13 20.59 -23.22 -8.10
N GLY A 14 19.52 -22.49 -7.74
CA GLY A 14 19.36 -21.95 -6.39
C GLY A 14 18.20 -20.97 -6.29
N LEU A 15 17.34 -21.16 -5.25
CA LEU A 15 16.19 -20.29 -4.97
C LEU A 15 16.70 -18.89 -4.59
N GLU A 16 17.61 -18.85 -3.59
CA GLU A 16 18.25 -17.62 -3.07
C GLU A 16 17.18 -16.63 -2.53
N TPO A 17 17.04 -16.62 -1.18
CA TPO A 17 16.04 -15.79 -0.45
CB TPO A 17 16.35 -15.79 1.09
CG2 TPO A 17 15.19 -15.21 1.92
OG1 TPO A 17 16.62 -17.15 1.54
P TPO A 17 18.08 -17.64 2.02
O1P TPO A 17 18.66 -18.44 0.76
O2P TPO A 17 19.05 -16.54 2.23
O3P TPO A 17 18.06 -18.62 3.10
C TPO A 17 16.03 -14.31 -0.95
O TPO A 17 17.12 -13.71 -1.05
H TPO A 17 17.61 -17.20 -0.65
HA TPO A 17 15.07 -16.24 -0.60
HB TPO A 17 17.24 -15.19 1.25
HG21 TPO A 17 15.45 -15.22 2.97
HG22 TPO A 17 14.29 -15.79 1.77
HG23 TPO A 17 15.02 -14.18 1.63
N PRO A 18 14.84 -13.74 -1.34
CA PRO A 18 14.70 -12.31 -1.75
C PRO A 18 15.33 -11.33 -0.72
N LYS A 19 15.74 -10.15 -1.22
CA LYS A 19 16.51 -9.17 -0.45
C LYS A 19 15.63 -8.51 0.63
N GLY A 20 14.49 -7.97 0.17
CA GLY A 20 13.52 -7.32 1.05
C GLY A 20 12.79 -6.19 0.37
N ALA A 21 11.87 -5.58 1.11
CA ALA A 21 11.11 -4.39 0.69
C ALA A 21 11.02 -3.42 1.87
N ASN A 22 11.04 -2.11 1.58
CA ASN A 22 10.92 -1.04 2.59
C ASN A 22 9.46 -0.55 2.65
N ARG A 23 8.88 -0.48 3.87
CA ARG A 23 7.49 -0.02 4.06
C ARG A 23 7.43 1.50 3.91
N LYS A 24 7.23 1.95 2.66
CA LYS A 24 7.14 3.39 2.31
C LYS A 24 5.80 3.68 1.63
N LYS A 25 5.38 4.95 1.70
CA LYS A 25 4.12 5.45 1.11
C LYS A 25 4.07 5.22 -0.42
N ASN A 26 5.25 5.39 -1.07
CA ASN A 26 5.41 5.26 -2.53
C ASN A 26 6.74 4.52 -2.82
N LEU A 27 6.64 3.32 -3.43
CA LEU A 27 7.80 2.47 -3.79
C LEU A 27 7.47 1.68 -5.08
N PRO A 28 8.12 1.99 -6.24
CA PRO A 28 7.88 1.26 -7.52
C PRO A 28 8.30 -0.24 -7.43
N PRO A 29 7.33 -1.21 -7.57
CA PRO A 29 7.64 -2.65 -7.57
C PRO A 29 7.97 -3.16 -9.00
N LYS A 30 9.28 -3.07 -9.37
CA LYS A 30 9.79 -3.61 -10.67
C LYS A 30 9.80 -5.16 -10.62
N VAL A 31 9.90 -5.68 -9.39
CA VAL A 31 9.74 -7.11 -9.08
C VAL A 31 8.26 -7.53 -9.25
N PRO A 32 7.96 -8.82 -9.60
CA PRO A 32 6.56 -9.30 -9.82
C PRO A 32 5.80 -9.62 -8.49
N ILE A 33 6.00 -8.79 -7.46
CA ILE A 33 5.34 -8.91 -6.15
C ILE A 33 4.15 -7.93 -6.08
N TPO A 34 3.08 -8.36 -5.38
CA TPO A 34 1.84 -7.59 -5.16
CB TPO A 34 0.87 -8.41 -4.22
CG2 TPO A 34 -0.59 -7.88 -4.25
OG1 TPO A 34 0.87 -9.83 -4.54
P TPO A 34 0.69 -10.44 -6.02
O1P TPO A 34 -0.44 -11.57 -5.85
O2P TPO A 34 0.14 -9.54 -7.04
O3P TPO A 34 1.88 -11.18 -6.47
C TPO A 34 2.14 -6.18 -4.57
O TPO A 34 2.90 -6.10 -3.60
H TPO A 34 3.12 -9.26 -4.99
HA TPO A 34 1.35 -7.48 -6.13
HB TPO A 34 1.23 -8.30 -3.20
HG21 TPO A 34 -0.61 -6.84 -3.95
HG22 TPO A 34 -1.20 -8.46 -3.57
HG23 TPO A 34 -0.99 -7.97 -5.25
N PRO A 35 1.57 -5.06 -5.15
CA PRO A 35 1.87 -3.66 -4.71
C PRO A 35 1.61 -3.43 -3.21
N MET A 36 2.70 -3.40 -2.43
CA MET A 36 2.67 -3.09 -0.98
C MET A 36 2.32 -1.59 -0.72
N PRO A 37 3.03 -0.56 -1.36
CA PRO A 37 2.75 0.87 -1.09
C PRO A 37 1.38 1.33 -1.66
N GLN A 38 0.39 1.44 -0.77
CA GLN A 38 -0.99 1.83 -1.12
C GLN A 38 -1.38 3.10 -0.36
N TYR A 39 -2.28 3.90 -0.95
CA TYR A 39 -2.86 5.09 -0.29
C TYR A 39 -3.77 4.63 0.87
N SER A 40 -4.38 3.44 0.70
CA SER A 40 -5.27 2.80 1.67
C SER A 40 -4.51 2.31 2.94
N ILE A 41 -3.16 2.22 2.90
CA ILE A 41 -2.37 1.80 4.11
C ILE A 41 -1.67 3.00 4.79
N MET A 42 -1.86 4.22 4.23
CA MET A 42 -1.29 5.47 4.78
C MET A 42 -2.02 5.89 6.07
N GLU A 43 -1.39 6.80 6.85
CA GLU A 43 -1.85 7.25 8.19
C GLU A 43 -3.33 7.65 8.16
N TPO A 44 -4.10 7.24 9.18
CA TPO A 44 -5.56 7.34 9.19
CB TPO A 44 -6.18 6.74 10.51
CG2 TPO A 44 -7.65 6.35 10.33
OG1 TPO A 44 -5.45 5.55 10.89
P TPO A 44 -4.42 5.57 12.13
O1P TPO A 44 -3.20 4.76 11.91
O2P TPO A 44 -4.13 6.91 12.65
O3P TPO A 44 -5.18 4.83 13.32
C TPO A 44 -6.09 8.80 8.99
O TPO A 44 -7.02 8.97 8.20
H TPO A 44 -3.66 6.86 9.98
HA TPO A 44 -5.91 6.74 8.36
HB TPO A 44 -6.11 7.48 11.30
HG21 TPO A 44 -8.05 5.95 11.24
HG22 TPO A 44 -7.75 5.61 9.54
HG23 TPO A 44 -8.23 7.24 10.07
N PRO A 45 -5.54 9.88 9.68
CA PRO A 45 -5.95 11.29 9.40
C PRO A 45 -5.68 11.71 7.93
N VAL A 46 -4.56 11.24 7.37
CA VAL A 46 -4.13 11.56 5.99
C VAL A 46 -5.09 10.92 4.98
N LEU A 47 -5.33 9.59 5.17
CA LEU A 47 -6.18 8.77 4.30
C LEU A 47 -7.63 9.26 4.35
N LYS A 48 -8.16 9.47 5.57
CA LYS A 48 -9.56 9.89 5.76
C LYS A 48 -9.79 11.25 5.07
N LYS A 49 -8.79 12.15 5.16
CA LYS A 49 -8.84 13.49 4.57
C LYS A 49 -8.96 13.39 3.04
N GLU A 50 -7.96 12.73 2.40
CA GLU A 50 -7.89 12.58 0.91
C GLU A 50 -9.07 11.76 0.36
N LEU A 51 -9.62 10.88 1.22
CA LEU A 51 -10.79 10.02 0.91
C LEU A 51 -12.08 10.86 0.90
N ASP A 52 -12.17 11.78 1.87
CA ASP A 52 -13.34 12.66 2.04
C ASP A 52 -13.31 13.76 0.96
N ARG A 53 -12.09 14.15 0.53
CA ARG A 53 -11.88 15.09 -0.58
C ARG A 53 -12.20 14.40 -1.92
N PHE A 54 -11.92 13.08 -1.97
CA PHE A 54 -12.24 12.22 -3.12
C PHE A 54 -13.76 11.89 -3.13
N GLY A 55 -14.41 12.14 -1.96
CA GLY A 55 -15.87 12.09 -1.83
C GLY A 55 -16.46 10.72 -2.02
N VAL A 56 -15.76 9.68 -1.55
CA VAL A 56 -16.21 8.27 -1.69
C VAL A 56 -17.31 7.93 -0.66
N ARG A 57 -18.25 7.07 -1.08
CA ARG A 57 -19.31 6.52 -0.23
C ARG A 57 -18.71 5.78 0.99
N PRO A 58 -19.09 6.17 2.25
CA PRO A 58 -18.62 5.47 3.48
C PRO A 58 -19.27 4.07 3.65
N LEU A 59 -18.63 3.05 3.06
CA LEU A 59 -18.94 1.63 3.32
C LEU A 59 -18.08 1.12 4.50
N PRO A 60 -18.52 0.04 5.24
CA PRO A 60 -17.65 -0.67 6.23
C PRO A 60 -16.29 -1.08 5.62
N LYS A 61 -15.24 -1.16 6.48
CA LYS A 61 -13.81 -1.26 6.07
C LYS A 61 -13.55 -2.34 5.01
N ARG A 62 -14.29 -3.47 5.08
CA ARG A 62 -14.14 -4.59 4.13
C ARG A 62 -14.39 -4.11 2.69
N GLN A 63 -15.62 -3.61 2.44
CA GLN A 63 -16.05 -3.16 1.10
C GLN A 63 -15.39 -1.81 0.74
N MET A 64 -15.03 -1.02 1.76
CA MET A 64 -14.39 0.29 1.57
C MET A 64 -12.99 0.11 0.99
N VAL A 65 -12.15 -0.72 1.66
CA VAL A 65 -10.74 -0.93 1.26
C VAL A 65 -10.65 -1.59 -0.11
N LEU A 66 -11.64 -2.47 -0.44
CA LEU A 66 -11.72 -3.11 -1.76
C LEU A 66 -12.03 -2.09 -2.87
N LYS A 67 -12.99 -1.18 -2.62
CA LYS A 67 -13.36 -0.08 -3.55
C LYS A 67 -12.19 0.88 -3.76
N LEU A 68 -11.55 1.27 -2.64
CA LEU A 68 -10.40 2.20 -2.65
C LEU A 68 -9.25 1.63 -3.46
N LYS A 69 -8.79 0.42 -3.08
CA LYS A 69 -7.71 -0.33 -3.76
C LYS A 69 -8.00 -0.48 -5.26
N GLU A 70 -9.28 -0.74 -5.58
CA GLU A 70 -9.73 -1.02 -6.96
C GLU A 70 -9.55 0.23 -7.83
N ILE A 71 -10.03 1.39 -7.31
CA ILE A 71 -9.86 2.70 -7.97
C ILE A 71 -8.37 3.08 -8.06
N PHE A 72 -7.62 2.73 -6.99
CA PHE A 72 -6.17 2.99 -6.90
C PHE A 72 -5.38 2.05 -7.84
N GLN A 73 -6.03 0.96 -8.28
CA GLN A 73 -5.45 0.01 -9.26
C GLN A 73 -5.61 0.53 -10.70
N TYR A 74 -6.78 1.15 -10.99
CA TYR A 74 -7.05 1.78 -12.31
C TYR A 74 -6.20 3.06 -12.46
N THR A 75 -6.10 3.79 -11.34
CA THR A 75 -5.41 5.09 -11.24
C THR A 75 -3.98 4.89 -10.65
N HIS A 76 -3.50 3.62 -10.66
CA HIS A 76 -2.17 3.23 -10.13
C HIS A 76 -1.06 4.08 -10.77
N GLN A 77 -0.73 5.18 -10.09
CA GLN A 77 0.28 6.13 -10.52
C GLN A 77 1.67 5.54 -10.31
N THR A 78 2.62 5.93 -11.18
CA THR A 78 4.03 5.65 -10.98
C THR A 78 4.45 6.16 -9.60
N LEU A 79 4.73 5.22 -8.68
CA LEU A 79 5.19 5.53 -7.31
C LEU A 79 6.53 6.30 -7.39
N ASP A 80 6.90 7.03 -6.31
CA ASP A 80 8.07 7.92 -6.31
C ASP A 80 9.33 7.14 -6.73
N SER A 81 9.94 7.56 -7.85
CA SER A 81 11.13 6.93 -8.42
C SER A 81 12.31 7.87 -8.20
N ASP A 82 12.43 8.40 -6.94
CA ASP A 82 13.45 9.38 -6.54
C ASP A 82 13.24 10.72 -7.26
N SER A 83 11.99 10.93 -7.75
CA SER A 83 11.62 12.08 -8.58
C SER A 83 10.09 12.08 -8.78
N GLU A 84 9.54 13.22 -9.25
CA GLU A 84 8.10 13.42 -9.49
C GLU A 84 7.68 12.87 -10.87
N ASP A 85 7.84 11.54 -11.06
CA ASP A 85 7.48 10.85 -12.31
C ASP A 85 5.96 10.72 -12.43
N GLU A 86 5.34 11.69 -13.14
CA GLU A 86 3.90 11.71 -13.39
C GLU A 86 3.66 11.12 -14.80
N ALA A 1 0.08 -12.48 -12.74
CA ALA A 1 0.61 -12.34 -11.37
C ALA A 1 1.34 -13.61 -10.94
N GLN A 2 2.67 -13.59 -11.07
CA GLN A 2 3.54 -14.73 -10.73
C GLN A 2 3.92 -14.68 -9.23
N MET A 3 3.97 -15.85 -8.57
CA MET A 3 4.35 -15.98 -7.15
C MET A 3 5.51 -17.00 -7.00
N PRO A 4 6.80 -16.55 -7.07
CA PRO A 4 7.97 -17.38 -6.70
C PRO A 4 8.00 -17.65 -5.17
N SER A 5 7.23 -18.67 -4.75
CA SER A 5 7.07 -19.04 -3.33
C SER A 5 7.40 -20.55 -3.13
N ALA A 6 7.93 -21.18 -4.19
CA ALA A 6 8.30 -22.61 -4.19
C ALA A 6 9.32 -22.88 -5.30
N GLY A 7 10.62 -22.83 -4.96
CA GLY A 7 11.69 -23.12 -5.90
C GLY A 7 13.04 -22.61 -5.43
N GLY A 8 13.11 -21.29 -5.17
CA GLY A 8 14.34 -20.62 -4.75
C GLY A 8 14.06 -19.31 -4.06
N ALA A 9 14.84 -19.00 -3.01
CA ALA A 9 14.68 -17.78 -2.20
C ALA A 9 15.19 -16.53 -2.93
N GLN A 10 14.67 -15.35 -2.56
CA GLN A 10 15.10 -14.05 -3.12
C GLN A 10 16.30 -13.52 -2.33
N LYS A 11 17.49 -13.58 -2.94
CA LYS A 11 18.74 -13.09 -2.31
C LYS A 11 18.85 -11.56 -2.50
N PRO A 12 18.72 -10.74 -1.41
CA PRO A 12 18.91 -9.28 -1.45
C PRO A 12 20.34 -8.89 -1.03
N GLU A 13 20.59 -7.58 -0.99
CA GLU A 13 21.86 -6.99 -0.50
C GLU A 13 21.79 -6.86 1.04
N GLY A 14 22.94 -6.52 1.65
CA GLY A 14 23.02 -6.32 3.09
C GLY A 14 22.49 -4.95 3.53
N LEU A 15 23.29 -4.20 4.31
CA LEU A 15 22.98 -2.82 4.74
C LEU A 15 23.55 -1.78 3.73
N GLU A 16 23.76 -2.26 2.48
CA GLU A 16 24.30 -1.45 1.37
C GLU A 16 23.24 -0.46 0.85
N TPO A 17 23.22 0.73 1.45
CA TPO A 17 22.28 1.80 1.09
CB TPO A 17 21.89 2.61 2.38
CG2 TPO A 17 20.91 1.81 3.27
OG1 TPO A 17 23.10 2.91 3.14
P TPO A 17 23.23 4.24 4.02
O1P TPO A 17 23.32 5.43 2.95
O2P TPO A 17 22.06 4.57 4.85
O3P TPO A 17 24.52 4.32 4.76
C TPO A 17 22.89 2.71 0.01
O TPO A 17 24.04 3.18 0.17
H TPO A 17 23.87 0.91 2.18
HA TPO A 17 21.38 1.34 0.70
HB TPO A 17 21.39 3.53 2.08
HG21 TPO A 17 21.37 0.89 3.60
HG22 TPO A 17 20.01 1.58 2.73
HG23 TPO A 17 20.65 2.40 4.14
N PRO A 18 22.16 2.97 -1.13
CA PRO A 18 22.69 3.77 -2.25
C PRO A 18 22.80 5.28 -1.91
N LYS A 19 23.95 5.89 -2.24
CA LYS A 19 24.19 7.32 -2.00
C LYS A 19 23.47 8.13 -3.09
N GLY A 20 22.18 8.43 -2.82
CA GLY A 20 21.32 9.14 -3.75
C GLY A 20 20.50 8.19 -4.61
N ALA A 21 19.46 7.59 -3.99
CA ALA A 21 18.52 6.67 -4.66
C ALA A 21 17.27 7.46 -5.12
N ASN A 22 17.50 8.56 -5.88
CA ASN A 22 16.44 9.46 -6.37
C ASN A 22 15.81 8.89 -7.66
N ARG A 23 15.12 7.74 -7.52
CA ARG A 23 14.55 6.98 -8.64
C ARG A 23 13.04 6.81 -8.42
N LYS A 24 12.27 7.80 -8.88
CA LYS A 24 10.80 7.79 -8.82
C LYS A 24 10.25 6.88 -9.92
N LYS A 25 9.84 5.67 -9.52
CA LYS A 25 9.25 4.66 -10.42
C LYS A 25 8.24 3.84 -9.60
N ASN A 26 7.26 3.24 -10.29
CA ASN A 26 6.26 2.34 -9.66
C ASN A 26 6.93 1.10 -9.03
N LEU A 27 6.14 0.34 -8.24
CA LEU A 27 6.59 -0.88 -7.53
C LEU A 27 7.28 -1.89 -8.50
N PRO A 28 8.51 -2.42 -8.15
CA PRO A 28 9.23 -3.43 -8.97
C PRO A 28 8.48 -4.80 -8.99
N PRO A 29 8.85 -5.76 -9.92
CA PRO A 29 8.20 -7.10 -9.99
C PRO A 29 8.12 -7.81 -8.62
N LYS A 30 6.89 -8.09 -8.20
CA LYS A 30 6.58 -8.68 -6.88
C LYS A 30 5.51 -9.78 -7.06
N VAL A 31 5.39 -10.65 -6.04
CA VAL A 31 4.28 -11.62 -5.91
C VAL A 31 2.90 -10.89 -5.92
N PRO A 32 1.75 -11.58 -6.22
CA PRO A 32 0.37 -10.96 -6.25
C PRO A 32 -0.06 -10.26 -4.93
N ILE A 33 0.78 -10.39 -3.89
CA ILE A 33 0.58 -9.71 -2.60
C ILE A 33 1.04 -8.26 -2.74
N TPO A 34 0.22 -7.36 -2.20
CA TPO A 34 0.40 -5.91 -2.22
CB TPO A 34 -0.81 -5.19 -1.53
CG2 TPO A 34 -0.78 -3.66 -1.75
OG1 TPO A 34 -2.07 -5.69 -2.07
P TPO A 34 -2.86 -6.93 -1.40
O1P TPO A 34 -4.04 -6.27 -0.55
O2P TPO A 34 -3.55 -7.78 -2.39
O3P TPO A 34 -2.08 -7.68 -0.41
C TPO A 34 1.73 -5.50 -1.50
O TPO A 34 1.87 -5.80 -0.30
H TPO A 34 -0.59 -7.70 -1.77
HA TPO A 34 0.44 -5.59 -3.26
HB TPO A 34 -0.77 -5.38 -0.46
HG21 TPO A 34 0.13 -3.25 -1.32
HG22 TPO A 34 -1.64 -3.20 -1.27
HG23 TPO A 34 -0.81 -3.44 -2.80
N PRO A 35 2.72 -4.87 -2.23
CA PRO A 35 4.02 -4.48 -1.64
C PRO A 35 3.87 -3.49 -0.45
N MET A 36 3.17 -2.36 -0.69
CA MET A 36 2.94 -1.28 0.31
C MET A 36 2.16 -0.07 -0.29
N PRO A 37 2.62 0.57 -1.44
CA PRO A 37 2.09 1.91 -1.89
C PRO A 37 0.57 1.93 -2.19
N GLN A 38 -0.24 2.30 -1.15
CA GLN A 38 -1.71 2.50 -1.27
C GLN A 38 -2.21 3.46 -0.17
N TYR A 39 -2.91 4.54 -0.57
CA TYR A 39 -3.66 5.40 0.36
C TYR A 39 -4.77 4.62 1.08
N SER A 40 -5.28 3.54 0.45
CA SER A 40 -6.36 2.70 1.00
C SER A 40 -5.95 2.06 2.36
N ILE A 41 -4.63 1.79 2.54
CA ILE A 41 -4.11 1.15 3.78
C ILE A 41 -3.30 2.16 4.62
N MET A 42 -3.22 3.42 4.15
CA MET A 42 -2.52 4.52 4.84
C MET A 42 -3.26 4.93 6.14
N GLU A 43 -2.53 5.56 7.08
CA GLU A 43 -3.05 5.99 8.40
C GLU A 43 -4.32 6.86 8.27
N TPO A 44 -5.22 6.75 9.27
CA TPO A 44 -6.58 7.33 9.25
CB TPO A 44 -7.38 7.02 10.56
CG2 TPO A 44 -8.86 7.38 10.42
OG1 TPO A 44 -7.30 5.60 10.89
P TPO A 44 -6.20 5.06 11.93
O1P TPO A 44 -5.71 3.71 11.62
O2P TPO A 44 -5.13 6.03 12.23
O3P TPO A 44 -6.98 4.89 13.32
C TPO A 44 -6.61 8.87 8.98
O TPO A 44 -7.49 9.29 8.26
H TPO A 44 -4.96 6.23 10.06
HA TPO A 44 -7.10 6.83 8.43
HB TPO A 44 -6.96 7.61 11.38
HG21 TPO A 44 -9.39 7.16 11.35
HG22 TPO A 44 -9.30 6.81 9.62
HG23 TPO A 44 -8.96 8.44 10.20
N PRO A 45 -5.70 9.74 9.54
CA PRO A 45 -5.67 11.19 9.18
C PRO A 45 -5.62 11.43 7.64
N VAL A 46 -4.80 10.63 6.96
CA VAL A 46 -4.56 10.74 5.50
C VAL A 46 -5.66 10.01 4.70
N LEU A 47 -6.04 8.82 5.18
CA LEU A 47 -7.06 7.96 4.53
C LEU A 47 -8.47 8.61 4.60
N LYS A 48 -8.77 9.23 5.75
CA LYS A 48 -10.04 9.94 5.99
C LYS A 48 -10.05 11.27 5.23
N LYS A 49 -8.87 11.89 5.05
CA LYS A 49 -8.71 13.04 4.16
C LYS A 49 -9.13 12.66 2.72
N GLU A 50 -8.66 11.49 2.25
CA GLU A 50 -8.99 10.97 0.91
C GLU A 50 -10.46 10.48 0.84
N LEU A 51 -11.00 10.02 1.98
CA LEU A 51 -12.41 9.59 2.11
C LEU A 51 -13.36 10.79 1.84
N ASP A 52 -13.01 11.93 2.44
CA ASP A 52 -13.85 13.14 2.45
C ASP A 52 -13.63 13.97 1.16
N ARG A 53 -12.34 14.21 0.83
CA ARG A 53 -11.90 15.06 -0.31
C ARG A 53 -12.26 14.42 -1.68
N PHE A 54 -12.03 13.10 -1.82
CA PHE A 54 -12.35 12.36 -3.07
C PHE A 54 -13.88 12.12 -3.16
N GLY A 55 -14.58 12.31 -2.02
CA GLY A 55 -16.05 12.23 -1.97
C GLY A 55 -16.57 10.81 -1.86
N VAL A 56 -15.75 9.93 -1.26
CA VAL A 56 -16.12 8.52 -1.04
C VAL A 56 -17.21 8.46 0.06
N ARG A 57 -18.30 7.73 -0.23
CA ARG A 57 -19.43 7.58 0.70
C ARG A 57 -19.06 6.61 1.86
N PRO A 58 -19.53 6.91 3.13
CA PRO A 58 -19.21 6.10 4.32
C PRO A 58 -19.66 4.62 4.17
N LEU A 59 -18.68 3.75 3.97
CA LEU A 59 -18.89 2.29 3.85
C LEU A 59 -18.04 1.56 4.91
N PRO A 60 -18.39 0.28 5.28
CA PRO A 60 -17.49 -0.58 6.09
C PRO A 60 -16.10 -0.71 5.43
N LYS A 61 -15.04 -0.82 6.25
CA LYS A 61 -13.64 -0.81 5.77
C LYS A 61 -13.39 -1.95 4.77
N ARG A 62 -14.19 -3.01 4.86
CA ARG A 62 -14.24 -4.11 3.87
C ARG A 62 -14.30 -3.55 2.43
N GLN A 63 -15.38 -2.80 2.15
CA GLN A 63 -15.64 -2.19 0.84
C GLN A 63 -14.73 -0.98 0.61
N MET A 64 -14.38 -0.25 1.69
CA MET A 64 -13.57 0.97 1.60
C MET A 64 -12.16 0.66 1.05
N VAL A 65 -11.41 -0.22 1.76
CA VAL A 65 -10.03 -0.58 1.38
C VAL A 65 -10.02 -1.34 0.03
N LEU A 66 -11.07 -2.16 -0.21
CA LEU A 66 -11.21 -2.96 -1.44
C LEU A 66 -11.37 -2.07 -2.70
N LYS A 67 -12.26 -1.06 -2.59
CA LYS A 67 -12.65 -0.23 -3.75
C LYS A 67 -11.66 0.92 -3.99
N LEU A 68 -11.03 1.42 -2.91
CA LEU A 68 -9.95 2.44 -3.03
C LEU A 68 -8.66 1.77 -3.58
N LYS A 69 -8.51 0.47 -3.33
CA LYS A 69 -7.49 -0.38 -3.99
C LYS A 69 -7.82 -0.55 -5.48
N GLU A 70 -9.11 -0.82 -5.77
CA GLU A 70 -9.64 -1.01 -7.13
C GLU A 70 -9.38 0.23 -8.00
N ILE A 71 -9.62 1.42 -7.40
CA ILE A 71 -9.35 2.72 -8.02
C ILE A 71 -7.86 2.84 -8.39
N PHE A 72 -7.00 2.63 -7.37
CA PHE A 72 -5.54 2.71 -7.51
C PHE A 72 -5.02 1.69 -8.57
N GLN A 73 -5.71 0.54 -8.66
CA GLN A 73 -5.32 -0.58 -9.54
C GLN A 73 -5.49 -0.21 -11.03
N TYR A 74 -6.61 0.46 -11.39
CA TYR A 74 -6.86 0.81 -12.81
C TYR A 74 -6.20 2.15 -13.21
N THR A 75 -5.77 2.96 -12.22
CA THR A 75 -5.17 4.29 -12.48
C THR A 75 -3.65 4.29 -12.17
N HIS A 76 -3.06 3.09 -11.96
CA HIS A 76 -1.63 2.92 -11.60
C HIS A 76 -0.69 3.48 -12.71
N GLN A 77 -0.39 4.79 -12.62
CA GLN A 77 0.46 5.50 -13.58
C GLN A 77 1.93 5.42 -13.14
N THR A 78 2.13 5.55 -11.83
CA THR A 78 3.45 5.52 -11.19
C THR A 78 3.30 5.11 -9.71
N LEU A 79 4.38 5.24 -8.92
CA LEU A 79 4.38 4.95 -7.48
C LEU A 79 3.43 5.91 -6.73
N ASP A 80 2.83 5.40 -5.64
CA ASP A 80 1.99 6.21 -4.73
C ASP A 80 2.85 7.34 -4.12
N SER A 81 2.26 8.53 -3.92
CA SER A 81 2.93 9.70 -3.32
C SER A 81 2.88 9.62 -1.79
N ASP A 82 3.36 8.47 -1.28
CA ASP A 82 3.43 8.16 0.15
C ASP A 82 4.48 9.05 0.85
N SER A 83 5.69 9.06 0.29
CA SER A 83 6.82 9.83 0.82
C SER A 83 7.84 10.15 -0.30
N GLU A 84 8.66 11.19 -0.07
CA GLU A 84 9.70 11.64 -1.00
C GLU A 84 11.07 11.03 -0.63
N ASP A 85 11.85 10.72 -1.67
CA ASP A 85 13.27 10.34 -1.56
C ASP A 85 14.12 11.57 -1.20
N GLU A 86 15.32 11.34 -0.65
CA GLU A 86 16.22 12.43 -0.21
C GLU A 86 17.04 12.98 -1.41
N ALA A 1 20.87 -6.50 4.62
CA ALA A 1 21.45 -7.87 4.64
C ALA A 1 20.39 -8.90 5.04
N GLN A 2 20.45 -10.10 4.41
CA GLN A 2 19.59 -11.25 4.72
C GLN A 2 18.09 -10.92 4.50
N MET A 3 17.83 -10.31 3.32
CA MET A 3 16.49 -9.90 2.86
C MET A 3 15.62 -11.16 2.55
N PRO A 4 14.42 -11.34 3.23
CA PRO A 4 13.58 -12.56 3.12
C PRO A 4 13.20 -12.93 1.67
N SER A 5 13.65 -14.11 1.23
CA SER A 5 13.46 -14.60 -0.14
C SER A 5 11.97 -14.98 -0.39
N ALA A 6 11.27 -14.12 -1.14
CA ALA A 6 9.86 -14.35 -1.55
C ALA A 6 9.79 -15.31 -2.74
N GLY A 7 8.69 -16.06 -2.84
CA GLY A 7 8.43 -16.95 -3.98
C GLY A 7 8.13 -16.16 -5.25
N GLY A 8 9.19 -15.95 -6.08
CA GLY A 8 9.09 -15.21 -7.34
C GLY A 8 8.36 -15.98 -8.43
N ALA A 9 7.04 -16.10 -8.24
CA ALA A 9 6.11 -16.74 -9.16
C ALA A 9 4.76 -16.08 -8.92
N GLN A 10 4.36 -15.18 -9.85
CA GLN A 10 3.18 -14.30 -9.69
C GLN A 10 1.91 -15.12 -9.37
N LYS A 11 1.45 -15.03 -8.11
CA LYS A 11 0.28 -15.73 -7.60
C LYS A 11 -0.80 -14.71 -7.19
N PRO A 12 -1.85 -14.45 -8.06
CA PRO A 12 -2.99 -13.58 -7.69
C PRO A 12 -3.87 -14.21 -6.60
N GLU A 13 -4.99 -13.52 -6.26
CA GLU A 13 -6.02 -13.98 -5.27
C GLU A 13 -5.57 -13.74 -3.80
N GLY A 14 -4.28 -13.99 -3.51
CA GLY A 14 -3.68 -13.76 -2.20
C GLY A 14 -2.37 -12.98 -2.31
N LEU A 15 -2.48 -11.67 -2.57
CA LEU A 15 -1.33 -10.75 -2.66
C LEU A 15 -0.98 -10.20 -1.26
N GLU A 16 0.31 -9.92 -1.02
CA GLU A 16 0.81 -9.38 0.25
C GLU A 16 0.54 -7.86 0.36
N TPO A 17 -0.62 -7.52 0.95
CA TPO A 17 -1.01 -6.14 1.24
CB TPO A 17 -2.50 -5.90 0.80
CG2 TPO A 17 -2.64 -5.94 -0.73
OG1 TPO A 17 -3.36 -6.90 1.40
P TPO A 17 -4.92 -6.63 1.71
O1P TPO A 17 -5.71 -7.17 0.43
O2P TPO A 17 -5.43 -7.44 2.82
O3P TPO A 17 -5.29 -5.21 1.81
C TPO A 17 -0.80 -5.87 2.75
O TPO A 17 -1.56 -6.39 3.58
H TPO A 17 -1.25 -8.24 1.18
HA TPO A 17 -0.39 -5.47 0.66
HB TPO A 17 -2.81 -4.90 1.14
HG21 TPO A 17 -3.68 -5.77 -1.00
HG22 TPO A 17 -2.34 -6.92 -1.09
HG23 TPO A 17 -2.02 -5.19 -1.18
N PRO A 18 0.25 -5.06 3.14
CA PRO A 18 0.64 -4.87 4.56
C PRO A 18 -0.40 -4.09 5.39
N LYS A 19 -0.89 -4.67 6.50
CA LYS A 19 -1.78 -3.99 7.45
C LYS A 19 -0.92 -3.16 8.42
N GLY A 20 -0.49 -2.01 7.91
CA GLY A 20 0.39 -1.10 8.60
C GLY A 20 0.55 0.18 7.81
N ALA A 21 -0.18 1.21 8.22
CA ALA A 21 -0.19 2.51 7.54
C ALA A 21 1.01 3.35 8.01
N ASN A 22 2.19 3.05 7.42
CA ASN A 22 3.49 3.62 7.85
C ASN A 22 4.57 3.38 6.77
N ARG A 23 4.42 4.07 5.63
CA ARG A 23 5.46 4.15 4.56
C ARG A 23 5.05 5.21 3.53
N LYS A 24 5.38 6.47 3.83
CA LYS A 24 4.99 7.64 3.00
C LYS A 24 6.21 8.20 2.25
N LYS A 25 6.23 8.00 0.91
CA LYS A 25 7.19 8.65 0.01
C LYS A 25 6.85 8.26 -1.44
N ASN A 26 7.10 6.99 -1.79
CA ASN A 26 6.86 6.40 -3.12
C ASN A 26 6.91 4.87 -3.00
N LEU A 27 7.13 4.14 -4.12
CA LEU A 27 7.42 2.69 -4.07
C LEU A 27 8.90 2.45 -3.67
N PRO A 28 9.18 1.93 -2.44
CA PRO A 28 10.53 1.54 -2.06
C PRO A 28 10.85 0.11 -2.60
N PRO A 29 11.91 -0.06 -3.47
CA PRO A 29 12.31 -1.38 -4.00
C PRO A 29 13.17 -2.20 -3.00
N LYS A 30 12.73 -2.22 -1.72
CA LYS A 30 13.38 -2.96 -0.63
C LYS A 30 12.92 -4.43 -0.62
N VAL A 31 13.87 -5.35 -0.29
CA VAL A 31 13.68 -6.83 -0.18
C VAL A 31 12.98 -7.48 -1.44
N PRO A 32 12.99 -8.86 -1.58
CA PRO A 32 12.19 -9.55 -2.64
C PRO A 32 10.66 -9.30 -2.59
N ILE A 33 10.12 -8.87 -1.43
CA ILE A 33 8.68 -8.54 -1.28
C ILE A 33 8.44 -7.05 -1.61
N TPO A 34 7.50 -6.80 -2.54
CA TPO A 34 7.04 -5.44 -2.89
CB TPO A 34 6.50 -5.41 -4.36
CG2 TPO A 34 6.42 -3.98 -4.92
OG1 TPO A 34 7.35 -6.22 -5.22
P TPO A 34 6.73 -7.12 -6.39
O1P TPO A 34 5.66 -8.05 -5.65
O2P TPO A 34 5.93 -6.37 -7.37
O3P TPO A 34 7.68 -8.07 -6.99
C TPO A 34 5.91 -5.01 -1.92
O TPO A 34 4.95 -5.76 -1.76
H TPO A 34 7.12 -7.55 -3.04
HA TPO A 34 7.89 -4.76 -2.80
HB TPO A 34 5.49 -5.84 -4.36
HG21 TPO A 34 6.03 -4.01 -5.92
HG22 TPO A 34 7.41 -3.55 -4.94
HG23 TPO A 34 5.78 -3.37 -4.30
N PRO A 35 6.01 -3.83 -1.24
CA PRO A 35 4.90 -3.29 -0.43
C PRO A 35 3.73 -2.78 -1.29
N MET A 36 4.08 -2.14 -2.45
CA MET A 36 3.14 -1.41 -3.33
C MET A 36 2.46 -0.26 -2.55
N PRO A 37 2.79 1.05 -2.82
CA PRO A 37 2.26 2.19 -2.03
C PRO A 37 0.77 2.46 -2.35
N GLN A 38 -0.07 1.61 -1.75
CA GLN A 38 -1.52 1.62 -1.93
C GLN A 38 -2.14 2.67 -1.01
N TYR A 39 -3.20 3.31 -1.47
CA TYR A 39 -3.93 4.31 -0.68
C TYR A 39 -4.71 3.64 0.47
N SER A 40 -4.98 2.33 0.32
CA SER A 40 -5.61 1.50 1.36
C SER A 40 -4.64 1.28 2.56
N ILE A 41 -3.31 1.31 2.29
CA ILE A 41 -2.27 1.15 3.34
C ILE A 41 -1.58 2.51 3.66
N MET A 42 -2.22 3.63 3.21
CA MET A 42 -1.72 5.00 3.48
C MET A 42 -2.10 5.42 4.93
N GLU A 43 -1.31 6.34 5.55
CA GLU A 43 -1.55 6.78 6.94
C GLU A 43 -2.91 7.48 7.04
N TPO A 44 -3.72 7.15 8.06
CA TPO A 44 -5.12 7.58 8.17
CB TPO A 44 -5.90 6.81 9.29
CG2 TPO A 44 -5.91 5.29 9.02
OG1 TPO A 44 -5.32 7.06 10.61
P TPO A 44 -6.18 7.68 11.80
O1P TPO A 44 -7.64 7.63 11.59
O2P TPO A 44 -5.76 7.21 13.13
O3P TPO A 44 -5.84 9.23 11.79
C TPO A 44 -5.34 9.12 8.30
O TPO A 44 -6.45 9.54 7.97
H TPO A 44 -3.35 6.57 8.77
HA TPO A 44 -5.59 7.29 7.23
HB TPO A 44 -6.93 7.15 9.27
HG21 TPO A 44 -4.90 4.91 9.01
HG22 TPO A 44 -6.40 5.08 8.08
HG23 TPO A 44 -6.47 4.79 9.82
N PRO A 45 -4.39 9.99 8.79
CA PRO A 45 -4.51 11.45 8.58
C PRO A 45 -4.73 11.81 7.08
N VAL A 46 -3.86 11.25 6.22
CA VAL A 46 -3.91 11.45 4.77
C VAL A 46 -5.13 10.73 4.19
N LEU A 47 -5.21 9.39 4.46
CA LEU A 47 -6.24 8.47 3.90
C LEU A 47 -7.67 9.04 4.13
N LYS A 48 -7.95 9.46 5.37
CA LYS A 48 -9.26 10.00 5.79
C LYS A 48 -9.57 11.33 5.08
N LYS A 49 -8.58 12.24 5.00
CA LYS A 49 -8.71 13.50 4.23
C LYS A 49 -9.09 13.20 2.77
N GLU A 50 -8.27 12.36 2.13
CA GLU A 50 -8.43 11.96 0.72
C GLU A 50 -9.73 11.17 0.49
N LEU A 51 -10.24 10.53 1.56
CA LEU A 51 -11.45 9.69 1.49
C LEU A 51 -12.69 10.56 1.20
N ASP A 52 -12.95 11.54 2.09
CA ASP A 52 -14.12 12.43 1.96
C ASP A 52 -13.88 13.51 0.89
N ARG A 53 -12.60 13.83 0.62
CA ARG A 53 -12.20 14.83 -0.40
C ARG A 53 -12.40 14.26 -1.83
N PHE A 54 -12.22 12.93 -1.98
CA PHE A 54 -12.50 12.19 -3.23
C PHE A 54 -14.02 11.89 -3.34
N GLY A 55 -14.78 12.26 -2.28
CA GLY A 55 -16.25 12.18 -2.25
C GLY A 55 -16.76 10.77 -2.04
N VAL A 56 -15.99 9.96 -1.32
CA VAL A 56 -16.33 8.54 -1.06
C VAL A 56 -17.16 8.42 0.22
N ARG A 57 -18.25 7.67 0.12
CA ARG A 57 -19.22 7.44 1.21
C ARG A 57 -18.77 6.25 2.09
N PRO A 58 -18.88 6.34 3.45
CA PRO A 58 -18.50 5.24 4.38
C PRO A 58 -19.39 3.98 4.23
N LEU A 59 -19.01 3.14 3.26
CA LEU A 59 -19.62 1.82 3.01
C LEU A 59 -19.08 0.80 4.07
N PRO A 60 -19.59 -0.48 4.13
CA PRO A 60 -18.96 -1.57 4.93
C PRO A 60 -17.42 -1.63 4.75
N LYS A 61 -16.67 -1.90 5.86
CA LYS A 61 -15.18 -1.82 5.89
C LYS A 61 -14.53 -2.64 4.75
N ARG A 62 -15.01 -3.86 4.52
CA ARG A 62 -14.49 -4.76 3.47
C ARG A 62 -14.72 -4.17 2.06
N GLN A 63 -15.87 -3.49 1.89
CA GLN A 63 -16.20 -2.78 0.63
C GLN A 63 -15.30 -1.54 0.46
N MET A 64 -14.98 -0.87 1.57
CA MET A 64 -14.13 0.34 1.57
C MET A 64 -12.71 0.00 1.12
N VAL A 65 -12.06 -0.92 1.84
CA VAL A 65 -10.66 -1.29 1.59
C VAL A 65 -10.48 -1.89 0.16
N LEU A 66 -11.49 -2.68 -0.29
CA LEU A 66 -11.45 -3.36 -1.60
C LEU A 66 -11.61 -2.34 -2.74
N LYS A 67 -12.73 -1.59 -2.71
CA LYS A 67 -13.11 -0.65 -3.79
C LYS A 67 -12.15 0.55 -3.86
N LEU A 68 -11.91 1.19 -2.71
CA LEU A 68 -11.02 2.39 -2.63
C LEU A 68 -9.62 2.06 -3.17
N LYS A 69 -9.10 0.86 -2.78
CA LYS A 69 -7.83 0.35 -3.31
C LYS A 69 -7.88 0.25 -4.82
N GLU A 70 -8.87 -0.51 -5.35
CA GLU A 70 -9.00 -0.83 -6.79
C GLU A 70 -9.03 0.44 -7.66
N ILE A 71 -9.85 1.42 -7.23
CA ILE A 71 -10.03 2.72 -7.92
C ILE A 71 -8.67 3.42 -8.09
N PHE A 72 -7.92 3.51 -6.98
CA PHE A 72 -6.58 4.12 -6.97
C PHE A 72 -5.51 3.18 -7.58
N GLN A 73 -5.77 1.87 -7.62
CA GLN A 73 -4.76 0.84 -7.99
C GLN A 73 -4.50 0.83 -9.50
N TYR A 74 -5.57 0.72 -10.31
CA TYR A 74 -5.43 0.59 -11.79
C TYR A 74 -4.88 1.89 -12.42
N THR A 75 -5.04 3.03 -11.71
CA THR A 75 -4.57 4.35 -12.17
C THR A 75 -3.19 4.71 -11.54
N HIS A 76 -2.91 4.22 -10.31
CA HIS A 76 -1.73 4.65 -9.54
C HIS A 76 -1.51 3.70 -8.32
N GLN A 77 -1.11 2.45 -8.60
CA GLN A 77 -0.73 1.47 -7.54
C GLN A 77 0.67 1.78 -6.98
N THR A 78 1.42 2.56 -7.77
CA THR A 78 2.78 2.99 -7.47
C THR A 78 2.99 4.42 -7.99
N LEU A 79 3.93 5.14 -7.36
CA LEU A 79 4.33 6.49 -7.80
C LEU A 79 5.40 6.40 -8.91
N ASP A 80 6.16 5.30 -8.88
CA ASP A 80 7.22 5.03 -9.87
C ASP A 80 6.59 4.54 -11.19
N SER A 81 7.32 4.73 -12.31
CA SER A 81 6.84 4.36 -13.65
C SER A 81 7.20 2.89 -13.99
N ASP A 82 6.80 1.95 -13.09
CA ASP A 82 7.03 0.49 -13.28
C ASP A 82 6.36 0.03 -14.59
N SER A 83 5.02 0.18 -14.64
CA SER A 83 4.20 -0.01 -15.86
C SER A 83 4.35 -1.42 -16.51
N GLU A 84 4.78 -2.40 -15.69
CA GLU A 84 5.06 -3.77 -16.16
C GLU A 84 3.76 -4.49 -16.54
N ASP A 85 3.51 -4.60 -17.84
CA ASP A 85 2.27 -5.16 -18.40
C ASP A 85 2.42 -6.67 -18.65
N GLU A 86 1.28 -7.38 -18.56
CA GLU A 86 1.20 -8.84 -18.71
C GLU A 86 1.71 -9.31 -20.11
N ALA A 1 19.17 9.22 -0.39
CA ALA A 1 18.52 9.74 0.84
C ALA A 1 18.04 8.57 1.72
N GLN A 2 18.09 8.77 3.05
CA GLN A 2 17.65 7.78 4.05
C GLN A 2 16.90 8.50 5.19
N MET A 3 15.86 7.84 5.74
CA MET A 3 15.17 8.32 6.95
C MET A 3 15.83 7.78 8.25
N PRO A 4 15.99 6.43 8.42
CA PRO A 4 16.55 5.83 9.66
C PRO A 4 18.09 5.86 9.70
N SER A 5 18.65 5.82 10.92
CA SER A 5 20.10 5.75 11.16
C SER A 5 20.57 4.27 11.21
N ALA A 6 19.62 3.33 11.09
CA ALA A 6 19.87 1.88 11.11
C ALA A 6 18.98 1.18 10.08
N GLY A 7 19.46 0.04 9.56
CA GLY A 7 18.71 -0.72 8.54
C GLY A 7 17.90 -1.84 9.17
N GLY A 8 16.76 -1.46 9.79
CA GLY A 8 15.89 -2.41 10.48
C GLY A 8 15.24 -3.43 9.54
N ALA A 9 15.82 -4.64 9.51
CA ALA A 9 15.30 -5.77 8.71
C ALA A 9 13.98 -6.32 9.31
N GLN A 10 13.84 -6.19 10.63
CA GLN A 10 12.62 -6.53 11.36
C GLN A 10 12.36 -5.46 12.44
N LYS A 11 11.13 -4.93 12.43
CA LYS A 11 10.66 -3.85 13.34
C LYS A 11 11.59 -2.61 13.24
N PRO A 12 11.45 -1.76 12.17
CA PRO A 12 12.13 -0.46 12.10
C PRO A 12 11.34 0.63 12.86
N GLU A 13 11.78 0.97 14.09
CA GLU A 13 11.11 1.97 14.94
C GLU A 13 11.68 3.37 14.64
N GLY A 14 10.78 4.31 14.35
CA GLY A 14 11.15 5.70 14.05
C GLY A 14 9.95 6.42 13.45
N LEU A 15 8.79 6.26 14.11
CA LEU A 15 7.50 6.77 13.63
C LEU A 15 7.46 8.31 13.66
N GLU A 16 7.59 8.88 12.46
CA GLU A 16 7.65 10.33 12.23
C GLU A 16 6.75 10.70 11.05
N TPO A 17 6.29 11.96 11.01
CA TPO A 17 5.50 12.49 9.89
CB TPO A 17 4.76 13.81 10.29
CG2 TPO A 17 3.53 13.49 11.18
OG1 TPO A 17 5.65 14.72 11.00
P TPO A 17 5.30 16.29 11.17
O1P TPO A 17 4.36 16.36 12.47
O2P TPO A 17 6.46 17.14 11.54
O3P TPO A 17 4.47 16.86 10.09
C TPO A 17 6.41 12.68 8.63
O TPO A 17 7.58 13.01 8.78
H TPO A 17 6.51 12.56 11.75
HA TPO A 17 4.75 11.74 9.65
HB TPO A 17 4.41 14.30 9.40
HG21 TPO A 17 2.84 12.84 10.63
HG22 TPO A 17 3.02 14.41 11.44
HG23 TPO A 17 3.85 12.99 12.09
N PRO A 18 5.85 12.45 7.38
CA PRO A 18 6.61 12.37 6.10
C PRO A 18 7.72 13.44 5.91
N LYS A 19 7.35 14.72 6.09
CA LYS A 19 8.25 15.91 5.98
C LYS A 19 8.90 16.02 4.58
N GLY A 20 10.00 15.25 4.37
CA GLY A 20 10.79 15.26 3.14
C GLY A 20 10.14 14.47 2.00
N ALA A 21 8.91 13.96 2.23
CA ALA A 21 8.09 13.29 1.21
C ALA A 21 7.36 14.31 0.32
N ASN A 22 7.81 15.59 0.34
CA ASN A 22 7.37 16.65 -0.59
C ASN A 22 7.60 16.17 -2.05
N ARG A 23 6.47 15.83 -2.73
CA ARG A 23 6.42 15.32 -4.12
C ARG A 23 6.78 13.81 -4.21
N LYS A 24 7.38 13.26 -3.13
CA LYS A 24 7.84 11.85 -3.10
C LYS A 24 6.90 10.99 -2.23
N LYS A 25 5.88 10.41 -2.87
CA LYS A 25 5.10 9.29 -2.30
C LYS A 25 5.17 8.08 -3.25
N ASN A 26 5.92 8.25 -4.36
CA ASN A 26 6.04 7.25 -5.42
C ASN A 26 7.03 6.15 -4.98
N LEU A 27 6.50 5.15 -4.24
CA LEU A 27 7.23 3.99 -3.71
C LEU A 27 8.34 4.45 -2.72
N PRO A 28 8.03 4.61 -1.39
CA PRO A 28 9.02 5.07 -0.38
C PRO A 28 10.15 4.02 -0.16
N PRO A 29 11.43 4.47 0.13
CA PRO A 29 12.57 3.56 0.42
C PRO A 29 12.39 2.78 1.76
N LYS A 30 13.47 2.15 2.24
CA LYS A 30 13.49 1.48 3.56
C LYS A 30 13.45 2.54 4.68
N VAL A 31 12.23 2.98 4.99
CA VAL A 31 11.94 3.94 6.07
C VAL A 31 11.29 3.17 7.25
N PRO A 32 11.29 3.74 8.50
CA PRO A 32 10.62 3.09 9.68
C PRO A 32 9.10 2.86 9.52
N ILE A 33 8.52 3.44 8.47
CA ILE A 33 7.12 3.24 8.09
C ILE A 33 7.06 2.13 7.03
N TPO A 34 6.12 1.17 7.20
CA TPO A 34 5.84 0.14 6.17
CB TPO A 34 4.80 -0.91 6.70
CG2 TPO A 34 4.43 -1.96 5.63
OG1 TPO A 34 5.36 -1.60 7.85
P TPO A 34 4.44 -2.35 8.95
O1P TPO A 34 4.52 -1.41 10.25
O2P TPO A 34 3.01 -2.38 8.61
O3P TPO A 34 4.97 -3.65 9.40
C TPO A 34 5.34 0.81 4.87
O TPO A 34 4.42 1.64 4.91
H TPO A 34 5.60 1.16 8.02
HA TPO A 34 6.78 -0.37 5.99
HB TPO A 34 3.91 -0.38 7.01
HG21 TPO A 34 3.72 -2.66 6.03
HG22 TPO A 34 5.32 -2.49 5.30
HG23 TPO A 34 3.98 -1.46 4.77
N PRO A 35 5.99 0.52 3.68
CA PRO A 35 5.54 1.03 2.35
C PRO A 35 4.14 0.50 1.92
N MET A 36 3.98 0.10 0.62
CA MET A 36 2.67 -0.22 -0.01
C MET A 36 1.79 1.06 -0.04
N PRO A 37 2.05 2.00 -1.03
CA PRO A 37 1.48 3.36 -1.03
C PRO A 37 -0.01 3.36 -1.45
N GLN A 38 -0.89 3.05 -0.49
CA GLN A 38 -2.34 2.98 -0.68
C GLN A 38 -3.04 3.85 0.38
N TYR A 39 -3.98 4.71 -0.06
CA TYR A 39 -4.77 5.57 0.84
C TYR A 39 -5.74 4.75 1.70
N SER A 40 -6.03 3.53 1.24
CA SER A 40 -6.87 2.56 1.94
C SER A 40 -6.26 2.10 3.28
N ILE A 41 -4.92 2.16 3.38
CA ILE A 41 -4.15 1.79 4.61
C ILE A 41 -3.30 2.98 5.10
N MET A 42 -3.65 4.20 4.65
CA MET A 42 -2.90 5.44 4.97
C MET A 42 -3.03 5.78 6.49
N GLU A 43 -2.13 6.64 7.01
CA GLU A 43 -2.19 7.11 8.42
C GLU A 43 -3.58 7.71 8.70
N TPO A 44 -4.21 7.30 9.82
CA TPO A 44 -5.64 7.58 10.14
CB TPO A 44 -5.98 7.10 11.61
CG2 TPO A 44 -6.33 5.60 11.65
OG1 TPO A 44 -4.83 7.34 12.46
P TPO A 44 -4.96 7.94 13.95
O1P TPO A 44 -3.75 8.64 14.43
O2P TPO A 44 -6.21 8.68 14.21
O3P TPO A 44 -5.06 6.66 14.89
C TPO A 44 -6.13 9.07 9.91
O TPO A 44 -7.25 9.24 9.38
H TPO A 44 -3.70 6.79 10.46
HA TPO A 44 -6.22 6.97 9.47
HB TPO A 44 -6.82 7.67 11.99
HG21 TPO A 44 -6.55 5.30 12.66
HG22 TPO A 44 -5.50 5.01 11.28
HG23 TPO A 44 -7.20 5.41 11.04
N PRO A 45 -5.37 10.17 10.30
CA PRO A 45 -5.79 11.57 9.97
C PRO A 45 -5.82 11.84 8.45
N VAL A 46 -4.79 11.31 7.75
CA VAL A 46 -4.60 11.50 6.31
C VAL A 46 -5.61 10.63 5.53
N LEU A 47 -5.90 9.43 6.07
CA LEU A 47 -6.83 8.45 5.48
C LEU A 47 -8.23 9.05 5.43
N LYS A 48 -8.63 9.69 6.54
CA LYS A 48 -9.92 10.40 6.67
C LYS A 48 -10.01 11.54 5.63
N LYS A 49 -8.92 12.34 5.56
CA LYS A 49 -8.84 13.54 4.70
C LYS A 49 -9.00 13.15 3.22
N GLU A 50 -8.19 12.17 2.77
CA GLU A 50 -8.17 11.70 1.37
C GLU A 50 -9.49 11.04 0.97
N LEU A 51 -10.07 10.25 1.89
CA LEU A 51 -11.34 9.52 1.66
C LEU A 51 -12.51 10.51 1.43
N ASP A 52 -12.55 11.53 2.31
CA ASP A 52 -13.58 12.58 2.29
C ASP A 52 -13.43 13.49 1.04
N ARG A 53 -12.18 13.88 0.75
CA ARG A 53 -11.85 14.83 -0.33
C ARG A 53 -12.00 14.18 -1.72
N PHE A 54 -11.85 12.83 -1.78
CA PHE A 54 -11.98 12.06 -3.04
C PHE A 54 -13.48 11.92 -3.42
N GLY A 55 -14.36 12.21 -2.44
CA GLY A 55 -15.81 12.18 -2.65
C GLY A 55 -16.39 10.79 -2.53
N VAL A 56 -15.79 9.96 -1.66
CA VAL A 56 -16.22 8.57 -1.46
C VAL A 56 -17.44 8.55 -0.53
N ARG A 57 -18.49 7.81 -0.95
CA ARG A 57 -19.72 7.61 -0.18
C ARG A 57 -19.47 6.68 1.05
N PRO A 58 -20.35 6.68 2.12
CA PRO A 58 -20.18 5.79 3.30
C PRO A 58 -20.29 4.29 2.94
N LEU A 59 -19.28 3.51 3.38
CA LEU A 59 -19.20 2.05 3.16
C LEU A 59 -18.30 1.41 4.25
N PRO A 60 -18.51 0.09 4.62
CA PRO A 60 -17.64 -0.62 5.62
C PRO A 60 -16.15 -0.60 5.21
N LYS A 61 -15.23 -0.65 6.21
CA LYS A 61 -13.77 -0.49 5.97
C LYS A 61 -13.19 -1.63 5.11
N ARG A 62 -13.80 -2.83 5.20
CA ARG A 62 -13.43 -3.98 4.35
C ARG A 62 -13.73 -3.66 2.87
N GLN A 63 -14.88 -3.02 2.63
CA GLN A 63 -15.29 -2.58 1.29
C GLN A 63 -14.42 -1.40 0.85
N MET A 64 -14.11 -0.50 1.80
CA MET A 64 -13.34 0.73 1.54
C MET A 64 -11.92 0.41 1.05
N VAL A 65 -11.26 -0.55 1.73
CA VAL A 65 -9.89 -0.98 1.39
C VAL A 65 -9.89 -1.71 0.02
N LEU A 66 -10.96 -2.48 -0.25
CA LEU A 66 -11.15 -3.18 -1.54
C LEU A 66 -11.35 -2.18 -2.69
N LYS A 67 -12.28 -1.22 -2.50
CA LYS A 67 -12.73 -0.30 -3.56
C LYS A 67 -11.62 0.66 -3.95
N LEU A 68 -10.91 1.23 -2.94
CA LEU A 68 -9.76 2.13 -3.18
C LEU A 68 -8.55 1.37 -3.77
N LYS A 69 -8.49 0.04 -3.54
CA LYS A 69 -7.49 -0.84 -4.22
C LYS A 69 -7.86 -1.04 -5.70
N GLU A 70 -9.17 -1.21 -5.97
CA GLU A 70 -9.68 -1.40 -7.34
C GLU A 70 -9.60 -0.10 -8.15
N ILE A 71 -9.78 1.05 -7.45
CA ILE A 71 -9.62 2.40 -8.03
C ILE A 71 -8.16 2.61 -8.40
N PHE A 72 -7.27 2.34 -7.42
CA PHE A 72 -5.79 2.34 -7.56
C PHE A 72 -5.36 1.54 -8.81
N GLN A 73 -6.09 0.46 -9.08
CA GLN A 73 -5.81 -0.47 -10.17
C GLN A 73 -6.29 0.08 -11.54
N TYR A 74 -7.59 0.44 -11.68
CA TYR A 74 -8.17 0.82 -12.99
C TYR A 74 -7.73 2.23 -13.44
N THR A 75 -7.28 3.05 -12.49
CA THR A 75 -6.68 4.37 -12.78
C THR A 75 -5.21 4.19 -13.21
N HIS A 76 -4.63 3.03 -12.85
CA HIS A 76 -3.23 2.67 -13.13
C HIS A 76 -2.27 3.66 -12.45
N GLN A 77 -2.13 3.51 -11.13
CA GLN A 77 -1.15 4.29 -10.35
C GLN A 77 0.25 3.71 -10.61
N THR A 78 1.19 4.56 -11.10
CA THR A 78 2.55 4.15 -11.47
C THR A 78 3.39 3.76 -10.21
N LEU A 79 3.08 2.59 -9.67
CA LEU A 79 3.61 2.06 -8.41
C LEU A 79 3.80 0.54 -8.53
N ASP A 80 3.98 -0.14 -7.38
CA ASP A 80 4.10 -1.60 -7.31
C ASP A 80 2.73 -2.27 -7.57
N SER A 81 2.75 -3.59 -7.83
CA SER A 81 1.54 -4.42 -7.96
C SER A 81 0.89 -4.70 -6.59
N ASP A 82 0.40 -3.61 -5.93
CA ASP A 82 -0.28 -3.68 -4.63
C ASP A 82 -1.77 -4.07 -4.76
N SER A 83 -2.24 -4.32 -6.00
CA SER A 83 -3.62 -4.78 -6.27
C SER A 83 -3.64 -6.31 -6.45
N GLU A 84 -4.56 -6.98 -5.75
CA GLU A 84 -4.61 -8.46 -5.66
C GLU A 84 -5.64 -9.06 -6.64
N ASP A 85 -5.16 -9.61 -7.76
CA ASP A 85 -5.98 -10.40 -8.69
C ASP A 85 -5.83 -11.88 -8.34
N GLU A 86 -6.49 -12.28 -7.25
CA GLU A 86 -6.47 -13.66 -6.76
C GLU A 86 -7.54 -14.48 -7.53
N ALA A 1 13.98 -5.94 -10.39
CA ALA A 1 13.91 -6.68 -9.10
C ALA A 1 15.15 -6.35 -8.26
N GLN A 2 14.95 -5.55 -7.20
CA GLN A 2 16.02 -5.09 -6.29
C GLN A 2 15.54 -5.26 -4.83
N MET A 3 14.68 -6.27 -4.61
CA MET A 3 14.03 -6.57 -3.32
C MET A 3 15.10 -6.81 -2.21
N PRO A 4 15.23 -5.88 -1.20
CA PRO A 4 16.28 -5.99 -0.15
C PRO A 4 16.13 -7.26 0.71
N SER A 5 16.94 -8.28 0.35
CA SER A 5 17.00 -9.56 1.06
C SER A 5 17.83 -9.41 2.36
N ALA A 6 18.74 -8.41 2.38
CA ALA A 6 19.58 -8.08 3.54
C ALA A 6 19.92 -6.58 3.53
N GLY A 7 19.67 -5.90 4.67
CA GLY A 7 19.95 -4.46 4.83
C GLY A 7 18.91 -3.77 5.68
N GLY A 8 18.64 -4.35 6.87
CA GLY A 8 17.61 -3.83 7.78
C GLY A 8 18.04 -2.57 8.53
N ALA A 9 19.36 -2.50 8.86
CA ALA A 9 19.97 -1.40 9.64
C ALA A 9 19.38 -1.29 11.07
N GLN A 10 18.88 -2.43 11.58
CA GLN A 10 18.25 -2.53 12.91
C GLN A 10 19.25 -3.15 13.90
N LYS A 11 19.64 -2.36 14.92
CA LYS A 11 20.54 -2.82 16.00
C LYS A 11 19.92 -2.45 17.37
N PRO A 12 19.16 -3.39 18.00
CA PRO A 12 18.68 -3.24 19.38
C PRO A 12 19.67 -3.84 20.39
N GLU A 13 19.29 -3.78 21.68
CA GLU A 13 20.04 -4.41 22.77
C GLU A 13 19.81 -5.93 22.77
N GLY A 14 18.62 -6.35 22.30
CA GLY A 14 18.25 -7.76 22.18
C GLY A 14 16.74 -7.94 22.09
N LEU A 15 16.12 -7.17 21.19
CA LEU A 15 14.64 -7.05 21.09
C LEU A 15 14.18 -7.25 19.63
N GLU A 16 13.06 -7.96 19.44
CA GLU A 16 12.51 -8.28 18.11
C GLU A 16 11.35 -7.34 17.76
N TPO A 17 11.59 -6.36 16.88
CA TPO A 17 10.54 -5.53 16.27
CB TPO A 17 11.05 -4.08 15.95
CG2 TPO A 17 9.95 -3.21 15.33
OG1 TPO A 17 11.51 -3.46 17.17
P TPO A 17 12.68 -2.35 17.16
O1P TPO A 17 14.03 -3.16 17.50
O2P TPO A 17 12.94 -1.75 15.84
O3P TPO A 17 12.57 -1.36 18.25
C TPO A 17 10.05 -6.21 14.98
O TPO A 17 10.88 -6.60 14.14
H TPO A 17 12.53 -6.19 16.62
HA TPO A 17 9.72 -5.46 16.98
HB TPO A 17 11.88 -4.16 15.25
HG21 TPO A 17 9.09 -3.15 16.00
HG22 TPO A 17 9.62 -3.62 14.38
HG23 TPO A 17 10.33 -2.20 15.15
N PRO A 18 8.70 -6.41 14.80
CA PRO A 18 8.10 -6.90 13.52
C PRO A 18 8.32 -5.90 12.36
N LYS A 19 7.68 -6.19 11.21
CA LYS A 19 7.78 -5.35 10.01
C LYS A 19 6.90 -4.08 10.18
N GLY A 20 7.43 -3.12 10.96
CA GLY A 20 6.74 -1.86 11.24
C GLY A 20 7.02 -0.81 10.19
N ALA A 21 6.51 -1.06 8.97
CA ALA A 21 6.67 -0.14 7.83
C ALA A 21 5.87 1.16 8.06
N ASN A 22 6.51 2.30 7.79
CA ASN A 22 5.94 3.65 8.01
C ASN A 22 4.67 3.85 7.13
N ARG A 23 3.50 3.86 7.79
CA ARG A 23 2.16 3.97 7.14
C ARG A 23 1.87 5.39 6.61
N LYS A 24 2.84 6.30 6.81
CA LYS A 24 2.81 7.68 6.27
C LYS A 24 2.73 7.65 4.74
N LYS A 25 3.61 6.82 4.16
CA LYS A 25 3.82 6.74 2.72
C LYS A 25 2.94 5.64 2.09
N ASN A 26 2.74 5.77 0.79
CA ASN A 26 2.11 4.74 -0.05
C ASN A 26 3.18 3.70 -0.47
N LEU A 27 2.94 2.98 -1.58
CA LEU A 27 3.87 1.96 -2.10
C LEU A 27 5.13 2.65 -2.70
N PRO A 28 6.35 2.42 -2.11
CA PRO A 28 7.62 2.90 -2.69
C PRO A 28 8.25 1.81 -3.62
N PRO A 29 9.22 2.16 -4.54
CA PRO A 29 9.96 1.17 -5.35
C PRO A 29 10.89 0.31 -4.44
N LYS A 30 10.28 -0.67 -3.76
CA LYS A 30 10.95 -1.47 -2.73
C LYS A 30 10.16 -2.76 -2.49
N VAL A 31 10.87 -3.87 -2.15
CA VAL A 31 10.31 -5.21 -1.74
C VAL A 31 9.26 -5.80 -2.76
N PRO A 32 8.78 -7.10 -2.59
CA PRO A 32 7.60 -7.60 -3.36
C PRO A 32 6.31 -6.81 -3.02
N ILE A 33 5.54 -6.46 -4.05
CA ILE A 33 4.35 -5.57 -3.92
C ILE A 33 3.06 -6.42 -3.91
N TPO A 34 2.31 -6.36 -2.80
CA TPO A 34 0.97 -6.96 -2.66
CB TPO A 34 0.81 -7.63 -1.25
CG2 TPO A 34 -0.55 -8.35 -1.08
OG1 TPO A 34 1.87 -8.62 -1.07
P TPO A 34 2.28 -9.23 0.37
O1P TPO A 34 3.64 -8.49 0.76
O2P TPO A 34 1.37 -8.88 1.48
O3P TPO A 34 2.64 -10.66 0.34
C TPO A 34 -0.12 -5.88 -2.87
O TPO A 34 0.06 -4.75 -2.38
H TPO A 34 2.68 -5.87 -2.03
HA TPO A 34 0.86 -7.73 -3.44
HB TPO A 34 0.91 -6.87 -0.49
HG21 TPO A 34 -0.61 -8.82 -0.11
HG22 TPO A 34 -0.67 -9.12 -1.84
HG23 TPO A 34 -1.36 -7.63 -1.18
N PRO A 35 -1.23 -6.16 -3.65
CA PRO A 35 -2.38 -5.21 -3.84
C PRO A 35 -2.91 -4.63 -2.51
N MET A 36 -3.36 -3.36 -2.56
CA MET A 36 -3.61 -2.51 -1.36
C MET A 36 -2.31 -2.39 -0.53
N PRO A 37 -1.45 -1.36 -0.82
CA PRO A 37 -0.19 -1.16 -0.09
C PRO A 37 -0.43 -0.72 1.39
N GLN A 38 -0.69 0.58 1.62
CA GLN A 38 -0.88 1.16 2.97
C GLN A 38 -1.87 2.33 2.94
N TYR A 39 -2.62 2.52 1.83
CA TYR A 39 -3.53 3.68 1.68
C TYR A 39 -4.68 3.62 2.72
N SER A 40 -5.27 2.42 2.87
CA SER A 40 -6.38 2.18 3.80
C SER A 40 -5.90 2.14 5.28
N ILE A 41 -4.56 2.03 5.50
CA ILE A 41 -3.97 2.04 6.86
C ILE A 41 -3.08 3.29 7.06
N MET A 42 -3.20 4.27 6.13
CA MET A 42 -2.41 5.53 6.16
C MET A 42 -2.74 6.35 7.42
N GLU A 43 -1.81 7.25 7.83
CA GLU A 43 -2.00 8.08 9.03
C GLU A 43 -3.32 8.86 8.93
N TPO A 44 -4.20 8.63 9.93
CA TPO A 44 -5.62 9.02 9.93
CB TPO A 44 -6.34 8.47 11.22
CG2 TPO A 44 -6.64 6.96 11.10
OG1 TPO A 44 -5.48 8.68 12.37
P TPO A 44 -5.86 9.66 13.60
O1P TPO A 44 -4.69 10.07 14.40
O2P TPO A 44 -6.75 10.77 13.22
O3P TPO A 44 -6.72 8.75 14.58
C TPO A 44 -5.91 10.54 9.71
O TPO A 44 -6.98 10.83 9.15
H TPO A 44 -3.87 8.15 10.72
HA TPO A 44 -6.06 8.50 9.09
HB TPO A 44 -7.27 9.00 11.37
HG21 TPO A 44 -5.71 6.41 10.96
HG22 TPO A 44 -7.29 6.78 10.25
HG23 TPO A 44 -7.13 6.61 12.00
N PRO A 45 -5.05 11.54 10.12
CA PRO A 45 -5.21 12.95 9.67
C PRO A 45 -5.19 13.07 8.12
N VAL A 46 -4.13 12.49 7.52
CA VAL A 46 -3.90 12.52 6.06
C VAL A 46 -4.98 11.69 5.33
N LEU A 47 -5.30 10.51 5.92
CA LEU A 47 -6.27 9.56 5.37
C LEU A 47 -7.66 10.21 5.30
N LYS A 48 -8.07 10.89 6.39
CA LYS A 48 -9.39 11.53 6.51
C LYS A 48 -9.59 12.61 5.42
N LYS A 49 -8.54 13.45 5.26
CA LYS A 49 -8.54 14.52 4.24
C LYS A 49 -8.71 13.91 2.84
N GLU A 50 -7.86 12.93 2.52
CA GLU A 50 -7.79 12.30 1.20
C GLU A 50 -9.01 11.40 0.89
N LEU A 51 -9.68 10.90 1.94
CA LEU A 51 -10.85 10.00 1.81
C LEU A 51 -12.07 10.85 1.41
N ASP A 52 -12.25 11.95 2.14
CA ASP A 52 -13.35 12.91 1.95
C ASP A 52 -13.17 13.67 0.61
N ARG A 53 -11.92 14.02 0.32
CA ARG A 53 -11.51 14.73 -0.91
C ARG A 53 -11.76 13.87 -2.15
N PHE A 54 -11.42 12.56 -2.03
CA PHE A 54 -11.54 11.60 -3.14
C PHE A 54 -13.00 11.20 -3.39
N GLY A 55 -13.89 11.58 -2.44
CA GLY A 55 -15.33 11.41 -2.59
C GLY A 55 -15.80 9.99 -2.34
N VAL A 56 -15.24 9.36 -1.28
CA VAL A 56 -15.58 7.99 -0.89
C VAL A 56 -16.57 8.01 0.28
N ARG A 57 -17.67 7.24 0.14
CA ARG A 57 -18.62 6.98 1.24
C ARG A 57 -18.06 5.87 2.15
N PRO A 58 -18.30 5.94 3.50
CA PRO A 58 -17.97 4.82 4.42
C PRO A 58 -18.95 3.63 4.24
N LEU A 59 -18.63 2.77 3.26
CA LEU A 59 -19.29 1.44 3.11
C LEU A 59 -18.72 0.47 4.18
N PRO A 60 -19.37 -0.73 4.42
CA PRO A 60 -18.75 -1.84 5.18
C PRO A 60 -17.28 -2.07 4.75
N LYS A 61 -16.37 -2.23 5.74
CA LYS A 61 -14.90 -2.25 5.52
C LYS A 61 -14.46 -3.18 4.37
N ARG A 62 -15.17 -4.33 4.24
CA ARG A 62 -14.93 -5.28 3.14
C ARG A 62 -15.15 -4.61 1.75
N GLN A 63 -16.34 -4.01 1.57
CA GLN A 63 -16.70 -3.27 0.34
C GLN A 63 -15.75 -2.09 0.12
N MET A 64 -15.39 -1.42 1.21
CA MET A 64 -14.61 -0.16 1.19
C MET A 64 -13.15 -0.39 0.79
N VAL A 65 -12.52 -1.46 1.33
CA VAL A 65 -11.10 -1.77 1.08
C VAL A 65 -10.89 -2.31 -0.35
N LEU A 66 -11.90 -3.08 -0.84
CA LEU A 66 -11.90 -3.61 -2.22
C LEU A 66 -12.17 -2.50 -3.23
N LYS A 67 -13.02 -1.53 -2.83
CA LYS A 67 -13.38 -0.38 -3.68
C LYS A 67 -12.18 0.56 -3.85
N LEU A 68 -11.54 0.91 -2.71
CA LEU A 68 -10.32 1.74 -2.70
C LEU A 68 -9.23 1.10 -3.56
N LYS A 69 -8.98 -0.21 -3.33
CA LYS A 69 -7.98 -1.00 -4.09
C LYS A 69 -8.29 -0.92 -5.59
N GLU A 70 -9.56 -1.19 -5.95
CA GLU A 70 -10.04 -1.22 -7.35
C GLU A 70 -9.75 0.12 -8.06
N ILE A 71 -10.17 1.23 -7.43
CA ILE A 71 -10.02 2.57 -8.01
C ILE A 71 -8.53 2.90 -8.17
N PHE A 72 -7.78 2.81 -7.06
CA PHE A 72 -6.33 3.13 -6.99
C PHE A 72 -5.49 2.20 -7.89
N GLN A 73 -6.04 1.04 -8.29
CA GLN A 73 -5.42 0.18 -9.31
C GLN A 73 -5.47 0.86 -10.70
N TYR A 74 -6.70 1.20 -11.18
CA TYR A 74 -6.88 1.78 -12.54
C TYR A 74 -6.63 3.31 -12.58
N THR A 75 -6.50 3.95 -11.40
CA THR A 75 -6.28 5.40 -11.28
C THR A 75 -4.81 5.71 -10.94
N HIS A 76 -4.17 4.78 -10.22
CA HIS A 76 -2.76 4.90 -9.79
C HIS A 76 -2.05 3.56 -10.05
N GLN A 77 -1.78 3.27 -11.34
CA GLN A 77 -1.18 1.99 -11.79
C GLN A 77 0.24 1.78 -11.22
N THR A 78 0.98 2.90 -11.04
CA THR A 78 2.34 2.88 -10.48
C THR A 78 2.34 2.63 -8.95
N LEU A 79 1.19 2.92 -8.30
CA LEU A 79 1.04 2.86 -6.83
C LEU A 79 0.66 1.42 -6.43
N ASP A 80 -0.59 1.03 -6.70
CA ASP A 80 -1.13 -0.29 -6.31
C ASP A 80 -0.58 -1.38 -7.26
N SER A 81 -0.66 -2.67 -6.87
CA SER A 81 -0.21 -3.79 -7.69
C SER A 81 -1.32 -4.19 -8.70
N ASP A 82 -1.62 -3.25 -9.60
CA ASP A 82 -2.58 -3.44 -10.70
C ASP A 82 -1.93 -4.30 -11.80
N SER A 83 -0.74 -3.87 -12.20
CA SER A 83 0.08 -4.61 -13.15
C SER A 83 0.89 -5.67 -12.37
N GLU A 84 0.51 -6.95 -12.52
CA GLU A 84 1.23 -8.07 -11.89
C GLU A 84 2.57 -8.32 -12.62
N ASP A 85 3.58 -8.74 -11.86
CA ASP A 85 4.93 -9.02 -12.39
C ASP A 85 5.07 -10.54 -12.68
N GLU A 86 4.00 -11.09 -13.30
CA GLU A 86 3.87 -12.51 -13.68
C GLU A 86 3.92 -13.44 -12.43
#